data_5X3Y
#
_entry.id   5X3Y
#
_entity_poly.entity_id   1
_entity_poly.type   'polypeptide(L)'
_entity_poly.pdbx_seq_one_letter_code
;GSHMKKIFVGGLSVNTTVEDVKHYFEQFGKVDDAMLMFDKTTNRHRGFGFVTFESEDIVEKVCEIHFHEINNKMVECKKA
QPKEVMSPTGSARGRS
;
_entity_poly.pdbx_strand_id   A
#
# COMPACT_ATOMS: atom_id res chain seq x y z
N GLY A 1 4.93 -15.11 2.09
CA GLY A 1 5.94 -15.87 2.83
C GLY A 1 7.28 -15.15 2.83
N SER A 2 7.60 -14.48 3.94
CA SER A 2 8.82 -13.68 4.16
C SER A 2 9.02 -12.46 3.24
N HIS A 3 7.94 -11.94 2.64
CA HIS A 3 7.92 -10.65 1.93
C HIS A 3 7.77 -9.48 2.94
N MET A 4 7.78 -8.24 2.44
CA MET A 4 7.62 -7.02 3.24
C MET A 4 6.13 -6.63 3.44
N LYS A 5 5.84 -5.74 4.40
CA LYS A 5 4.47 -5.37 4.81
C LYS A 5 3.93 -4.09 4.19
N LYS A 6 4.70 -3.44 3.30
CA LYS A 6 4.39 -2.15 2.70
C LYS A 6 4.75 -2.10 1.21
N ILE A 7 4.17 -1.14 0.49
CA ILE A 7 4.43 -0.89 -0.94
C ILE A 7 4.48 0.60 -1.27
N PHE A 8 5.24 0.94 -2.32
CA PHE A 8 5.25 2.24 -3.00
C PHE A 8 4.17 2.34 -4.09
N VAL A 9 3.62 3.53 -4.36
CA VAL A 9 2.59 3.78 -5.39
C VAL A 9 2.93 5.04 -6.18
N GLY A 10 2.75 5.03 -7.52
CA GLY A 10 3.08 6.17 -8.38
C GLY A 10 2.26 6.25 -9.68
N GLY A 11 1.98 7.47 -10.13
CA GLY A 11 1.12 7.80 -11.26
C GLY A 11 -0.27 8.34 -10.88
N LEU A 12 -0.47 8.72 -9.61
CA LEU A 12 -1.74 9.20 -9.06
C LEU A 12 -2.17 10.56 -9.67
N SER A 13 -3.46 10.71 -9.95
CA SER A 13 -4.06 12.00 -10.31
C SER A 13 -4.01 12.98 -9.14
N VAL A 14 -3.96 14.28 -9.43
CA VAL A 14 -4.08 15.34 -8.41
C VAL A 14 -5.50 15.40 -7.83
N ASN A 15 -6.47 14.83 -8.55
CA ASN A 15 -7.84 14.64 -8.11
C ASN A 15 -7.98 13.59 -6.98
N THR A 16 -7.08 12.61 -6.94
CA THR A 16 -7.08 11.49 -5.99
C THR A 16 -6.55 11.86 -4.61
N THR A 17 -7.28 11.46 -3.56
CA THR A 17 -6.90 11.61 -2.14
C THR A 17 -6.15 10.43 -1.52
N VAL A 18 -5.54 10.65 -0.35
CA VAL A 18 -4.99 9.55 0.46
C VAL A 18 -6.04 8.53 0.91
N GLU A 19 -7.27 8.96 1.13
CA GLU A 19 -8.39 8.08 1.48
C GLU A 19 -8.89 7.26 0.28
N ASP A 20 -8.83 7.82 -0.94
CA ASP A 20 -9.07 7.08 -2.18
C ASP A 20 -8.07 5.94 -2.38
N VAL A 21 -6.77 6.21 -2.22
CA VAL A 21 -5.72 5.18 -2.31
C VAL A 21 -5.92 4.11 -1.23
N LYS A 22 -6.21 4.50 0.01
CA LYS A 22 -6.48 3.56 1.12
C LYS A 22 -7.68 2.65 0.80
N HIS A 23 -8.76 3.22 0.24
CA HIS A 23 -9.97 2.49 -0.16
C HIS A 23 -9.73 1.52 -1.31
N TYR A 24 -9.17 1.97 -2.44
CA TYR A 24 -8.91 1.15 -3.62
C TYR A 24 -8.00 -0.08 -3.44
N PHE A 25 -6.98 0.01 -2.58
CA PHE A 25 -6.13 -1.13 -2.21
C PHE A 25 -6.73 -2.24 -1.33
N GLU A 26 -7.87 -2.01 -0.68
CA GLU A 26 -8.53 -2.99 0.20
C GLU A 26 -9.13 -4.22 -0.53
N GLN A 27 -9.21 -4.21 -1.86
CA GLN A 27 -9.75 -5.33 -2.64
C GLN A 27 -8.94 -6.63 -2.50
N PHE A 28 -7.64 -6.53 -2.18
CA PHE A 28 -6.73 -7.69 -2.01
C PHE A 28 -6.72 -8.24 -0.58
N GLY A 29 -6.95 -7.38 0.42
CA GLY A 29 -6.86 -7.65 1.85
C GLY A 29 -6.79 -6.34 2.64
N LYS A 30 -6.75 -6.41 3.98
CA LYS A 30 -6.77 -5.21 4.85
C LYS A 30 -5.56 -4.30 4.61
N VAL A 31 -5.85 -3.04 4.33
CA VAL A 31 -4.89 -1.92 4.30
C VAL A 31 -4.97 -1.23 5.65
N ASP A 32 -3.84 -1.08 6.35
CA ASP A 32 -3.81 -0.49 7.68
C ASP A 32 -3.79 1.05 7.56
N ASP A 33 -3.02 1.59 6.62
CA ASP A 33 -2.86 3.03 6.31
C ASP A 33 -2.26 3.33 4.93
N ALA A 34 -2.36 4.59 4.49
CA ALA A 34 -1.73 5.11 3.28
C ALA A 34 -1.22 6.55 3.51
N MET A 35 -0.21 6.97 2.75
CA MET A 35 0.41 8.31 2.80
C MET A 35 0.94 8.74 1.43
N LEU A 36 1.01 10.05 1.19
CA LEU A 36 1.42 10.67 -0.09
C LEU A 36 2.57 11.67 0.10
N MET A 37 3.41 11.84 -0.92
CA MET A 37 4.54 12.77 -0.89
C MET A 37 4.11 14.19 -1.30
N PHE A 38 3.92 15.07 -0.32
CA PHE A 38 3.53 16.47 -0.49
C PHE A 38 4.62 17.46 -0.91
N ASP A 39 4.31 18.37 -1.84
CA ASP A 39 5.19 19.46 -2.27
C ASP A 39 4.85 20.71 -1.44
N LYS A 40 5.79 21.19 -0.61
CA LYS A 40 5.57 22.37 0.26
C LYS A 40 5.48 23.72 -0.47
N THR A 41 5.80 23.77 -1.77
CA THR A 41 5.56 24.93 -2.64
C THR A 41 4.13 25.06 -3.18
N THR A 42 3.33 23.99 -3.11
CA THR A 42 1.93 23.93 -3.60
C THR A 42 0.90 23.38 -2.60
N ASN A 43 1.34 22.63 -1.59
CA ASN A 43 0.53 21.84 -0.66
C ASN A 43 -0.34 20.76 -1.34
N ARG A 44 0.06 20.30 -2.53
CA ARG A 44 -0.50 19.15 -3.26
C ARG A 44 0.52 17.99 -3.27
N HIS A 45 0.05 16.75 -3.47
CA HIS A 45 0.95 15.60 -3.62
C HIS A 45 1.57 15.54 -5.03
N ARG A 46 2.77 14.95 -5.14
CA ARG A 46 3.57 14.85 -6.37
C ARG A 46 3.15 13.74 -7.35
N GLY A 47 2.02 13.07 -7.10
CA GLY A 47 1.54 11.91 -7.88
C GLY A 47 2.08 10.56 -7.39
N PHE A 48 2.71 10.52 -6.21
CA PHE A 48 3.29 9.32 -5.59
C PHE A 48 3.19 9.21 -4.05
N GLY A 49 3.29 8.00 -3.51
CA GLY A 49 3.15 7.72 -2.08
C GLY A 49 3.43 6.27 -1.68
N PHE A 50 2.87 5.87 -0.53
CA PHE A 50 3.06 4.58 0.13
C PHE A 50 1.78 4.00 0.76
N VAL A 51 1.69 2.66 0.85
CA VAL A 51 0.56 1.93 1.44
C VAL A 51 1.03 0.81 2.37
N THR A 52 0.48 0.78 3.59
CA THR A 52 0.72 -0.23 4.63
C THR A 52 -0.31 -1.35 4.63
N PHE A 53 0.16 -2.59 4.61
CA PHE A 53 -0.66 -3.80 4.64
C PHE A 53 -0.73 -4.60 5.95
N GLU A 54 -1.84 -5.28 6.20
CA GLU A 54 -2.04 -6.14 7.38
C GLU A 54 -1.10 -7.36 7.41
N SER A 55 -0.81 -7.93 6.24
CA SER A 55 0.06 -9.11 6.08
C SER A 55 0.85 -9.09 4.76
N GLU A 56 2.10 -9.53 4.84
CA GLU A 56 3.00 -9.71 3.70
C GLU A 56 2.50 -10.76 2.68
N ASP A 57 1.69 -11.72 3.12
CA ASP A 57 0.97 -12.66 2.24
C ASP A 57 -0.01 -12.01 1.25
N ILE A 58 -0.57 -10.83 1.60
CA ILE A 58 -1.36 -10.00 0.67
C ILE A 58 -0.44 -9.25 -0.29
N VAL A 59 0.59 -8.58 0.26
CA VAL A 59 1.51 -7.69 -0.48
C VAL A 59 2.16 -8.42 -1.66
N GLU A 60 2.46 -9.71 -1.54
CA GLU A 60 3.00 -10.53 -2.64
C GLU A 60 2.20 -10.39 -3.95
N LYS A 61 0.87 -10.54 -3.91
CA LYS A 61 0.02 -10.36 -5.09
C LYS A 61 -0.07 -8.90 -5.51
N VAL A 62 -0.25 -7.97 -4.56
CA VAL A 62 -0.32 -6.53 -4.88
C VAL A 62 0.90 -6.02 -5.65
N CYS A 63 2.10 -6.38 -5.19
CA CYS A 63 3.37 -6.01 -5.82
C CYS A 63 3.65 -6.81 -7.11
N GLU A 64 3.16 -8.05 -7.23
CA GLU A 64 3.24 -8.84 -8.47
C GLU A 64 2.42 -8.22 -9.62
N ILE A 65 1.21 -7.72 -9.32
CA ILE A 65 0.39 -6.96 -10.27
C ILE A 65 1.03 -5.58 -10.50
N HIS A 66 1.42 -5.25 -11.74
CA HIS A 66 2.07 -3.95 -12.03
C HIS A 66 1.08 -2.79 -11.86
N PHE A 67 -0.03 -2.79 -12.60
CA PHE A 67 -1.04 -1.73 -12.63
C PHE A 67 -2.34 -1.95 -11.84
N HIS A 68 -2.82 -0.90 -11.17
CA HIS A 68 -3.97 -0.90 -10.26
C HIS A 68 -4.86 0.32 -10.52
N GLU A 69 -6.18 0.14 -10.57
CA GLU A 69 -7.14 1.23 -10.75
C GLU A 69 -7.42 1.98 -9.44
N ILE A 70 -7.44 3.32 -9.52
CA ILE A 70 -7.83 4.26 -8.43
C ILE A 70 -8.54 5.46 -9.07
N ASN A 71 -9.78 5.74 -8.68
CA ASN A 71 -10.65 6.74 -9.33
C ASN A 71 -10.74 6.54 -10.86
N ASN A 72 -10.79 5.28 -11.31
CA ASN A 72 -10.70 4.80 -12.70
C ASN A 72 -9.36 5.09 -13.44
N LYS A 73 -8.46 5.96 -12.92
CA LYS A 73 -7.08 6.15 -13.41
C LYS A 73 -6.23 4.94 -12.98
N MET A 74 -5.31 4.46 -13.82
CA MET A 74 -4.38 3.41 -13.41
C MET A 74 -3.06 3.97 -12.89
N VAL A 75 -2.51 3.31 -11.87
CA VAL A 75 -1.22 3.60 -11.22
C VAL A 75 -0.38 2.34 -11.05
N GLU A 76 0.93 2.47 -11.00
CA GLU A 76 1.83 1.36 -10.69
C GLU A 76 2.21 1.32 -9.21
N CYS A 77 2.60 0.14 -8.72
CA CYS A 77 3.13 -0.05 -7.37
C CYS A 77 4.41 -0.91 -7.35
N LYS A 78 5.21 -0.75 -6.29
CA LYS A 78 6.56 -1.33 -6.13
C LYS A 78 6.85 -1.70 -4.67
N LYS A 79 7.96 -2.38 -4.41
CA LYS A 79 8.41 -2.76 -3.06
C LYS A 79 8.67 -1.55 -2.15
N ALA A 80 8.46 -1.72 -0.85
CA ALA A 80 8.80 -0.75 0.20
C ALA A 80 9.12 -1.47 1.53
N GLN A 81 10.00 -0.88 2.35
CA GLN A 81 10.50 -1.47 3.60
C GLN A 81 9.41 -1.58 4.69
N PRO A 82 9.41 -2.63 5.53
CA PRO A 82 8.49 -2.76 6.67
C PRO A 82 8.85 -1.82 7.83
N LYS A 83 7.94 -1.71 8.82
CA LYS A 83 8.14 -0.99 10.09
C LYS A 83 7.51 -1.75 11.26
N GLU A 84 8.26 -1.94 12.33
CA GLU A 84 7.82 -2.69 13.53
C GLU A 84 6.86 -1.86 14.38
N VAL A 85 5.66 -2.39 14.65
CA VAL A 85 4.63 -1.76 15.52
C VAL A 85 3.67 -2.73 16.23
N MET A 86 3.42 -3.87 15.60
CA MET A 86 2.61 -4.97 16.14
C MET A 86 3.35 -5.78 17.24
N SER A 87 2.61 -6.65 17.94
CA SER A 87 3.15 -7.64 18.89
C SER A 87 2.31 -8.93 18.86
N PRO A 88 2.90 -10.10 18.57
CA PRO A 88 2.17 -11.39 18.52
C PRO A 88 1.97 -12.04 19.90
N THR A 89 2.62 -11.52 20.95
CA THR A 89 2.74 -12.11 22.30
C THR A 89 1.49 -12.14 23.23
N GLY A 90 0.31 -12.35 22.64
CA GLY A 90 -0.94 -12.60 23.38
C GLY A 90 -1.02 -14.01 23.99
N SER A 91 -2.08 -14.29 24.75
CA SER A 91 -2.33 -15.60 25.39
C SER A 91 -3.83 -15.86 25.59
N ALA A 92 -4.26 -17.11 25.39
CA ALA A 92 -5.64 -17.58 25.52
C ALA A 92 -6.05 -17.81 27.00
N ARG A 93 -5.90 -16.79 27.85
CA ARG A 93 -6.20 -16.82 29.29
C ARG A 93 -7.69 -17.08 29.58
N GLY A 94 -7.98 -17.75 30.70
CA GLY A 94 -9.33 -18.12 31.15
C GLY A 94 -9.34 -19.00 32.41
N ARG A 95 -10.52 -19.48 32.79
CA ARG A 95 -10.76 -20.36 33.96
C ARG A 95 -11.99 -21.28 33.76
N SER A 96 -12.14 -22.25 34.66
CA SER A 96 -13.34 -23.08 34.82
C SER A 96 -14.54 -22.30 35.42
N GLY A 1 15.41 -12.22 -1.34
CA GLY A 1 15.08 -10.80 -1.08
C GLY A 1 14.43 -10.63 0.29
N SER A 2 14.64 -9.47 0.92
CA SER A 2 14.06 -9.14 2.24
C SER A 2 12.53 -8.90 2.16
N HIS A 3 11.80 -9.33 3.20
CA HIS A 3 10.33 -9.20 3.30
C HIS A 3 9.88 -7.80 3.75
N MET A 4 8.63 -7.44 3.45
CA MET A 4 8.01 -6.16 3.83
C MET A 4 6.49 -6.25 3.98
N LYS A 5 5.92 -5.44 4.90
CA LYS A 5 4.48 -5.21 5.06
C LYS A 5 3.96 -3.96 4.32
N LYS A 6 4.78 -3.33 3.48
CA LYS A 6 4.47 -2.03 2.83
C LYS A 6 4.80 -2.03 1.34
N ILE A 7 4.17 -1.11 0.62
CA ILE A 7 4.40 -0.86 -0.82
C ILE A 7 4.41 0.63 -1.17
N PHE A 8 5.14 0.96 -2.23
CA PHE A 8 5.12 2.23 -2.95
C PHE A 8 4.03 2.27 -4.03
N VAL A 9 3.45 3.43 -4.33
CA VAL A 9 2.43 3.64 -5.37
C VAL A 9 2.76 4.89 -6.19
N GLY A 10 2.67 4.84 -7.52
CA GLY A 10 3.03 5.98 -8.40
C GLY A 10 2.28 6.05 -9.72
N GLY A 11 2.04 7.28 -10.18
CA GLY A 11 1.21 7.62 -11.34
C GLY A 11 -0.18 8.20 -10.99
N LEU A 12 -0.41 8.54 -9.72
CA LEU A 12 -1.69 9.06 -9.19
C LEU A 12 -2.03 10.45 -9.76
N SER A 13 -3.31 10.67 -10.06
CA SER A 13 -3.85 12.00 -10.39
C SER A 13 -3.85 12.95 -9.19
N VAL A 14 -3.86 14.27 -9.43
CA VAL A 14 -3.92 15.30 -8.38
C VAL A 14 -5.33 15.34 -7.76
N ASN A 15 -6.35 14.96 -8.55
CA ASN A 15 -7.71 14.79 -8.09
C ASN A 15 -7.86 13.65 -7.05
N THR A 16 -7.04 12.60 -7.17
CA THR A 16 -6.98 11.47 -6.22
C THR A 16 -6.40 11.84 -4.86
N THR A 17 -7.06 11.36 -3.79
CA THR A 17 -6.63 11.54 -2.39
C THR A 17 -6.36 10.24 -1.64
N VAL A 18 -5.71 10.33 -0.47
CA VAL A 18 -5.28 9.17 0.32
C VAL A 18 -6.41 8.21 0.71
N GLU A 19 -7.62 8.74 0.94
CA GLU A 19 -8.82 7.95 1.23
C GLU A 19 -9.27 7.10 0.02
N ASP A 20 -9.11 7.59 -1.21
CA ASP A 20 -9.42 6.85 -2.44
C ASP A 20 -8.45 5.66 -2.60
N VAL A 21 -7.15 5.92 -2.38
CA VAL A 21 -6.07 4.92 -2.45
C VAL A 21 -6.27 3.84 -1.39
N LYS A 22 -6.52 4.23 -0.13
CA LYS A 22 -6.76 3.29 0.97
C LYS A 22 -8.02 2.44 0.74
N HIS A 23 -9.13 3.06 0.36
CA HIS A 23 -10.38 2.37 0.01
C HIS A 23 -10.20 1.37 -1.14
N TYR A 24 -9.44 1.72 -2.17
CA TYR A 24 -9.13 0.82 -3.27
C TYR A 24 -8.27 -0.40 -2.89
N PHE A 25 -7.14 -0.15 -2.21
CA PHE A 25 -6.23 -1.22 -1.78
C PHE A 25 -6.76 -2.22 -0.75
N GLU A 26 -7.74 -1.81 0.07
CA GLU A 26 -8.45 -2.67 1.02
C GLU A 26 -9.21 -3.86 0.38
N GLN A 27 -9.47 -3.83 -0.93
CA GLN A 27 -10.12 -4.94 -1.65
C GLN A 27 -9.25 -6.21 -1.68
N PHE A 28 -7.92 -6.06 -1.66
CA PHE A 28 -6.97 -7.17 -1.64
C PHE A 28 -6.78 -7.81 -0.25
N GLY A 29 -6.82 -6.98 0.79
CA GLY A 29 -6.65 -7.32 2.20
C GLY A 29 -6.48 -6.05 3.05
N LYS A 30 -6.51 -6.16 4.38
CA LYS A 30 -6.57 -5.00 5.28
C LYS A 30 -5.36 -4.07 5.14
N VAL A 31 -5.63 -2.79 4.87
CA VAL A 31 -4.65 -1.70 4.85
C VAL A 31 -4.67 -1.02 6.21
N ASP A 32 -3.54 -1.05 6.91
CA ASP A 32 -3.36 -0.44 8.24
C ASP A 32 -3.14 1.09 8.24
N ASP A 33 -2.50 1.62 7.18
CA ASP A 33 -2.22 3.05 7.02
C ASP A 33 -1.89 3.34 5.53
N ALA A 34 -2.00 4.60 5.11
CA ALA A 34 -1.62 5.08 3.77
C ALA A 34 -1.23 6.57 3.82
N MET A 35 -0.36 7.01 2.89
CA MET A 35 0.11 8.38 2.79
C MET A 35 0.62 8.72 1.38
N LEU A 36 0.61 10.01 1.04
CA LEU A 36 1.03 10.55 -0.26
C LEU A 36 2.13 11.60 -0.06
N MET A 37 3.03 11.74 -1.02
CA MET A 37 4.19 12.66 -0.95
C MET A 37 3.79 14.11 -1.25
N PHE A 38 3.08 14.72 -0.30
CA PHE A 38 2.79 16.16 -0.26
C PHE A 38 3.98 17.11 -0.22
N ASP A 39 3.90 18.25 -0.91
CA ASP A 39 5.00 19.20 -1.08
C ASP A 39 4.58 20.65 -0.81
N LYS A 40 5.17 21.29 0.21
CA LYS A 40 4.82 22.66 0.66
C LYS A 40 5.10 23.76 -0.37
N THR A 41 5.95 23.48 -1.36
CA THR A 41 6.21 24.35 -2.52
C THR A 41 5.16 24.28 -3.64
N THR A 42 4.29 23.27 -3.60
CA THR A 42 3.22 23.00 -4.60
C THR A 42 1.80 22.88 -4.05
N ASN A 43 1.64 22.70 -2.74
CA ASN A 43 0.37 22.50 -2.01
C ASN A 43 -0.46 21.28 -2.48
N ARG A 44 0.22 20.27 -3.05
CA ARG A 44 -0.35 18.99 -3.52
C ARG A 44 0.67 17.86 -3.39
N HIS A 45 0.24 16.61 -3.63
CA HIS A 45 1.16 15.47 -3.74
C HIS A 45 1.80 15.38 -5.13
N ARG A 46 2.99 14.78 -5.20
CA ARG A 46 3.81 14.65 -6.42
C ARG A 46 3.34 13.57 -7.43
N GLY A 47 2.17 12.97 -7.21
CA GLY A 47 1.65 11.84 -8.00
C GLY A 47 2.10 10.47 -7.50
N PHE A 48 2.66 10.40 -6.28
CA PHE A 48 3.15 9.18 -5.64
C PHE A 48 3.02 9.10 -4.11
N GLY A 49 3.06 7.89 -3.55
CA GLY A 49 2.89 7.66 -2.12
C GLY A 49 3.22 6.22 -1.66
N PHE A 50 2.73 5.87 -0.48
CA PHE A 50 2.95 4.62 0.23
C PHE A 50 1.70 4.02 0.90
N VAL A 51 1.62 2.68 0.97
CA VAL A 51 0.50 1.94 1.57
C VAL A 51 1.02 0.82 2.48
N THR A 52 0.55 0.82 3.73
CA THR A 52 0.88 -0.19 4.76
C THR A 52 -0.18 -1.28 4.85
N PHE A 53 0.23 -2.52 4.66
CA PHE A 53 -0.59 -3.72 4.79
C PHE A 53 -0.53 -4.46 6.13
N GLU A 54 -1.60 -5.18 6.49
CA GLU A 54 -1.61 -6.04 7.68
C GLU A 54 -0.68 -7.26 7.54
N SER A 55 -0.54 -7.81 6.32
CA SER A 55 0.30 -8.97 6.03
C SER A 55 1.01 -8.89 4.68
N GLU A 56 2.29 -9.28 4.70
CA GLU A 56 3.15 -9.52 3.54
C GLU A 56 2.57 -10.55 2.56
N ASP A 57 1.74 -11.48 3.03
CA ASP A 57 1.00 -12.43 2.16
C ASP A 57 0.00 -11.78 1.20
N ILE A 58 -0.55 -10.62 1.58
CA ILE A 58 -1.38 -9.78 0.69
C ILE A 58 -0.47 -9.02 -0.28
N VAL A 59 0.59 -8.38 0.24
CA VAL A 59 1.52 -7.52 -0.52
C VAL A 59 2.11 -8.26 -1.72
N GLU A 60 2.44 -9.55 -1.57
CA GLU A 60 2.99 -10.38 -2.66
C GLU A 60 2.11 -10.43 -3.92
N LYS A 61 0.77 -10.41 -3.78
CA LYS A 61 -0.15 -10.26 -4.93
C LYS A 61 -0.25 -8.81 -5.38
N VAL A 62 -0.45 -7.86 -4.45
CA VAL A 62 -0.62 -6.43 -4.81
C VAL A 62 0.55 -5.88 -5.64
N CYS A 63 1.78 -6.19 -5.23
CA CYS A 63 3.02 -5.78 -5.90
C CYS A 63 3.29 -6.58 -7.19
N GLU A 64 2.73 -7.77 -7.36
CA GLU A 64 2.80 -8.57 -8.60
C GLU A 64 1.83 -8.05 -9.69
N ILE A 65 0.65 -7.55 -9.29
CA ILE A 65 -0.28 -6.84 -10.17
C ILE A 65 0.31 -5.46 -10.54
N HIS A 66 0.15 -5.04 -11.79
CA HIS A 66 0.50 -3.68 -12.27
C HIS A 66 -0.66 -2.98 -13.00
N PHE A 67 -0.59 -1.65 -13.01
CA PHE A 67 -1.65 -0.77 -13.54
C PHE A 67 -3.04 -0.86 -12.87
N HIS A 68 -3.01 -0.79 -11.54
CA HIS A 68 -4.17 -0.69 -10.64
C HIS A 68 -5.01 0.55 -10.95
N GLU A 69 -6.35 0.43 -11.05
CA GLU A 69 -7.21 1.54 -11.48
C GLU A 69 -7.87 2.29 -10.32
N ILE A 70 -7.69 3.61 -10.29
CA ILE A 70 -8.16 4.53 -9.24
C ILE A 70 -8.64 5.85 -9.87
N ASN A 71 -9.88 6.26 -9.63
CA ASN A 71 -10.49 7.48 -10.22
C ASN A 71 -10.33 7.56 -11.76
N ASN A 72 -10.52 6.43 -12.45
CA ASN A 72 -10.27 6.19 -13.89
C ASN A 72 -8.78 6.30 -14.35
N LYS A 73 -7.86 6.84 -13.53
CA LYS A 73 -6.39 6.80 -13.74
C LYS A 73 -5.87 5.39 -13.43
N MET A 74 -4.73 5.00 -14.01
CA MET A 74 -4.05 3.73 -13.73
C MET A 74 -2.64 3.95 -13.19
N VAL A 75 -2.27 3.19 -12.15
CA VAL A 75 -1.06 3.39 -11.33
C VAL A 75 -0.25 2.11 -11.13
N GLU A 76 1.07 2.24 -11.12
CA GLU A 76 1.97 1.15 -10.72
C GLU A 76 2.20 1.14 -9.20
N CYS A 77 2.62 -0.01 -8.68
CA CYS A 77 3.11 -0.16 -7.31
C CYS A 77 4.36 -1.04 -7.24
N LYS A 78 5.17 -0.87 -6.18
CA LYS A 78 6.48 -1.50 -5.99
C LYS A 78 6.74 -1.79 -4.51
N LYS A 79 7.78 -2.58 -4.19
CA LYS A 79 8.20 -2.83 -2.80
C LYS A 79 8.58 -1.55 -2.06
N ALA A 80 8.40 -1.55 -0.74
CA ALA A 80 8.81 -0.48 0.18
C ALA A 80 9.57 -1.07 1.38
N GLN A 81 10.59 -0.36 1.88
CA GLN A 81 11.54 -0.91 2.88
C GLN A 81 10.89 -1.22 4.25
N PRO A 82 11.30 -2.31 4.93
CA PRO A 82 10.82 -2.66 6.28
C PRO A 82 11.32 -1.67 7.36
N LYS A 83 10.67 -1.72 8.54
CA LYS A 83 10.94 -0.87 9.72
C LYS A 83 10.79 -1.67 11.01
N GLU A 84 11.45 -1.23 12.08
CA GLU A 84 11.45 -1.87 13.42
C GLU A 84 10.13 -1.66 14.20
N VAL A 85 9.02 -2.16 13.64
CA VAL A 85 7.69 -2.16 14.28
C VAL A 85 7.65 -3.09 15.51
N MET A 86 6.93 -2.68 16.56
CA MET A 86 6.75 -3.46 17.80
C MET A 86 5.95 -4.77 17.58
N SER A 87 5.97 -5.65 18.58
CA SER A 87 5.16 -6.89 18.64
C SER A 87 4.55 -7.03 20.05
N PRO A 88 3.21 -7.02 20.19
CA PRO A 88 2.55 -6.95 21.49
C PRO A 88 2.58 -8.28 22.26
N THR A 89 2.70 -8.17 23.59
CA THR A 89 2.67 -9.30 24.54
C THR A 89 2.21 -8.94 25.96
N GLY A 90 1.75 -9.92 26.74
CA GLY A 90 1.32 -9.74 28.12
C GLY A 90 0.70 -11.00 28.75
N SER A 91 0.75 -11.08 30.08
CA SER A 91 0.15 -12.17 30.89
C SER A 91 -0.06 -11.70 32.35
N ALA A 92 -1.04 -12.29 33.04
CA ALA A 92 -1.36 -12.01 34.44
C ALA A 92 -1.97 -13.24 35.15
N ARG A 93 -1.65 -13.42 36.44
CA ARG A 93 -2.21 -14.45 37.32
C ARG A 93 -3.63 -14.07 37.81
N GLY A 94 -4.53 -15.04 37.89
CA GLY A 94 -5.90 -14.84 38.37
C GLY A 94 -6.79 -16.10 38.28
N ARG A 95 -8.02 -15.99 38.76
CA ARG A 95 -9.06 -17.05 38.71
C ARG A 95 -9.53 -17.30 37.27
N SER A 96 -9.87 -18.56 36.96
CA SER A 96 -10.58 -18.96 35.72
C SER A 96 -11.95 -18.28 35.58
N GLY A 1 16.66 -11.02 6.74
CA GLY A 1 15.28 -11.32 6.31
C GLY A 1 14.76 -10.30 5.30
N SER A 2 13.53 -10.53 4.80
CA SER A 2 12.87 -9.70 3.77
C SER A 2 11.34 -9.61 3.94
N HIS A 3 10.84 -9.89 5.16
CA HIS A 3 9.43 -10.08 5.52
C HIS A 3 8.65 -8.76 5.66
N MET A 4 8.77 -7.88 4.65
CA MET A 4 8.20 -6.54 4.62
C MET A 4 6.66 -6.53 4.52
N LYS A 5 6.02 -5.47 5.05
CA LYS A 5 4.56 -5.29 5.10
C LYS A 5 4.12 -3.91 4.57
N LYS A 6 4.83 -3.42 3.56
CA LYS A 6 4.70 -2.04 3.04
C LYS A 6 5.01 -1.99 1.54
N ILE A 7 4.43 -1.02 0.84
CA ILE A 7 4.67 -0.78 -0.58
C ILE A 7 4.75 0.72 -0.93
N PHE A 8 5.51 1.02 -1.97
CA PHE A 8 5.53 2.30 -2.68
C PHE A 8 4.52 2.35 -3.83
N VAL A 9 3.91 3.50 -4.11
CA VAL A 9 2.88 3.69 -5.16
C VAL A 9 3.20 4.94 -5.98
N GLY A 10 3.05 4.88 -7.32
CA GLY A 10 3.33 6.01 -8.21
C GLY A 10 2.48 6.03 -9.48
N GLY A 11 2.19 7.26 -9.95
CA GLY A 11 1.31 7.54 -11.10
C GLY A 11 -0.11 8.03 -10.72
N LEU A 12 -0.33 8.40 -9.47
CA LEU A 12 -1.64 8.84 -8.95
C LEU A 12 -2.12 10.15 -9.61
N SER A 13 -3.41 10.23 -9.95
CA SER A 13 -4.07 11.44 -10.44
C SER A 13 -4.12 12.55 -9.39
N VAL A 14 -4.25 13.80 -9.83
CA VAL A 14 -4.55 14.94 -8.96
C VAL A 14 -6.01 14.91 -8.47
N ASN A 15 -6.86 14.11 -9.12
CA ASN A 15 -8.21 13.81 -8.64
C ASN A 15 -8.17 12.97 -7.33
N THR A 16 -7.23 12.03 -7.23
CA THR A 16 -7.01 11.15 -6.08
C THR A 16 -6.58 11.83 -4.77
N THR A 17 -7.01 11.27 -3.64
CA THR A 17 -6.56 11.60 -2.28
C THR A 17 -6.25 10.35 -1.44
N VAL A 18 -5.58 10.51 -0.29
CA VAL A 18 -5.11 9.37 0.53
C VAL A 18 -6.19 8.40 1.00
N GLU A 19 -7.40 8.90 1.26
CA GLU A 19 -8.57 8.07 1.58
C GLU A 19 -9.03 7.21 0.39
N ASP A 20 -9.00 7.76 -0.84
CA ASP A 20 -9.24 7.00 -2.06
C ASP A 20 -8.19 5.92 -2.32
N VAL A 21 -6.90 6.24 -2.14
CA VAL A 21 -5.80 5.27 -2.24
C VAL A 21 -6.01 4.11 -1.27
N LYS A 22 -6.34 4.39 0.00
CA LYS A 22 -6.64 3.34 0.99
C LYS A 22 -7.84 2.47 0.55
N HIS A 23 -8.94 3.07 0.13
CA HIS A 23 -10.13 2.34 -0.35
C HIS A 23 -9.88 1.47 -1.58
N TYR A 24 -9.06 1.91 -2.53
CA TYR A 24 -8.59 1.10 -3.66
C TYR A 24 -7.62 -0.05 -3.34
N PHE A 25 -6.66 0.17 -2.44
CA PHE A 25 -5.78 -0.90 -1.95
C PHE A 25 -6.41 -1.95 -1.02
N GLU A 26 -7.43 -1.56 -0.24
CA GLU A 26 -8.22 -2.47 0.62
C GLU A 26 -8.96 -3.59 -0.14
N GLN A 27 -9.15 -3.45 -1.46
CA GLN A 27 -9.81 -4.46 -2.30
C GLN A 27 -9.01 -5.78 -2.38
N PHE A 28 -7.68 -5.73 -2.19
CA PHE A 28 -6.81 -6.90 -2.17
C PHE A 28 -6.70 -7.66 -0.83
N GLY A 29 -6.88 -6.94 0.26
CA GLY A 29 -6.71 -7.39 1.65
C GLY A 29 -6.56 -6.21 2.60
N LYS A 30 -6.42 -6.46 3.90
CA LYS A 30 -6.40 -5.41 4.93
C LYS A 30 -5.18 -4.48 4.80
N VAL A 31 -5.46 -3.21 4.52
CA VAL A 31 -4.51 -2.09 4.56
C VAL A 31 -4.56 -1.51 5.98
N ASP A 32 -3.40 -1.31 6.59
CA ASP A 32 -3.28 -0.65 7.89
C ASP A 32 -3.43 0.88 7.79
N ASP A 33 -2.64 1.51 6.93
CA ASP A 33 -2.60 2.97 6.74
C ASP A 33 -1.97 3.32 5.37
N ALA A 34 -2.11 4.57 4.94
CA ALA A 34 -1.56 5.10 3.69
C ALA A 34 -1.12 6.57 3.85
N MET A 35 -0.09 6.99 3.10
CA MET A 35 0.48 8.34 3.10
C MET A 35 1.03 8.73 1.73
N LEU A 36 1.04 10.04 1.41
CA LEU A 36 1.46 10.59 0.12
C LEU A 36 2.55 11.66 0.27
N MET A 37 3.37 11.85 -0.77
CA MET A 37 4.44 12.85 -0.79
C MET A 37 3.90 14.23 -1.19
N PHE A 38 3.73 15.14 -0.22
CA PHE A 38 3.17 16.49 -0.44
C PHE A 38 4.07 17.56 -1.07
N ASP A 39 3.48 18.44 -1.88
CA ASP A 39 4.14 19.51 -2.64
C ASP A 39 3.77 20.89 -2.09
N LYS A 40 4.75 21.62 -1.52
CA LYS A 40 4.58 22.98 -0.97
C LYS A 40 4.10 24.01 -2.00
N THR A 41 4.33 23.76 -3.29
CA THR A 41 3.87 24.59 -4.42
C THR A 41 2.36 24.60 -4.66
N THR A 42 1.66 23.54 -4.24
CA THR A 42 0.24 23.28 -4.55
C THR A 42 -0.64 22.79 -3.38
N ASN A 43 -0.03 22.33 -2.29
CA ASN A 43 -0.65 21.62 -1.17
C ASN A 43 -1.34 20.30 -1.55
N ARG A 44 -1.05 19.76 -2.75
CA ARG A 44 -1.44 18.42 -3.22
C ARG A 44 -0.25 17.45 -3.12
N HIS A 45 -0.48 16.17 -3.39
CA HIS A 45 0.59 15.17 -3.53
C HIS A 45 1.30 15.25 -4.90
N ARG A 46 2.53 14.72 -4.96
CA ARG A 46 3.40 14.67 -6.15
C ARG A 46 3.01 13.63 -7.21
N GLY A 47 1.92 12.87 -6.99
CA GLY A 47 1.54 11.70 -7.80
C GLY A 47 2.13 10.37 -7.26
N PHE A 48 2.74 10.39 -6.08
CA PHE A 48 3.33 9.21 -5.42
C PHE A 48 3.23 9.15 -3.88
N GLY A 49 3.37 7.96 -3.30
CA GLY A 49 3.25 7.71 -1.86
C GLY A 49 3.56 6.28 -1.43
N PHE A 50 3.06 5.91 -0.25
CA PHE A 50 3.25 4.62 0.41
C PHE A 50 1.97 4.04 1.03
N VAL A 51 1.85 2.70 1.07
CA VAL A 51 0.72 1.97 1.68
C VAL A 51 1.21 0.82 2.56
N THR A 52 0.67 0.73 3.77
CA THR A 52 0.97 -0.30 4.80
C THR A 52 -0.03 -1.44 4.84
N PHE A 53 0.45 -2.67 5.02
CA PHE A 53 -0.35 -3.89 4.96
C PHE A 53 -0.39 -4.79 6.22
N GLU A 54 -1.47 -5.57 6.36
CA GLU A 54 -1.60 -6.56 7.46
C GLU A 54 -0.66 -7.77 7.31
N SER A 55 -0.36 -8.19 6.07
CA SER A 55 0.45 -9.37 5.75
C SER A 55 1.23 -9.25 4.45
N GLU A 56 2.42 -9.86 4.43
CA GLU A 56 3.27 -9.99 3.23
C GLU A 56 2.58 -10.77 2.10
N ASP A 57 1.67 -11.69 2.42
CA ASP A 57 0.91 -12.45 1.43
C ASP A 57 0.01 -11.61 0.51
N ILE A 58 -0.51 -10.48 1.03
CA ILE A 58 -1.25 -9.50 0.24
C ILE A 58 -0.29 -8.63 -0.58
N VAL A 59 0.80 -8.16 0.04
CA VAL A 59 1.82 -7.29 -0.57
C VAL A 59 2.42 -7.96 -1.82
N GLU A 60 2.69 -9.27 -1.77
CA GLU A 60 3.25 -10.02 -2.90
C GLU A 60 2.36 -9.94 -4.17
N LYS A 61 1.05 -10.21 -4.05
CA LYS A 61 0.12 -10.10 -5.19
C LYS A 61 -0.05 -8.65 -5.64
N VAL A 62 -0.21 -7.70 -4.72
CA VAL A 62 -0.37 -6.28 -5.05
C VAL A 62 0.85 -5.79 -5.85
N CYS A 63 2.08 -6.14 -5.42
CA CYS A 63 3.33 -5.80 -6.11
C CYS A 63 3.48 -6.53 -7.46
N GLU A 64 3.02 -7.78 -7.57
CA GLU A 64 3.07 -8.57 -8.81
C GLU A 64 2.16 -8.01 -9.91
N ILE A 65 0.95 -7.55 -9.55
CA ILE A 65 0.00 -6.91 -10.48
C ILE A 65 0.55 -5.55 -10.95
N HIS A 66 0.47 -5.29 -12.26
CA HIS A 66 0.87 -4.02 -12.89
C HIS A 66 -0.34 -3.26 -13.45
N PHE A 67 -0.27 -1.92 -13.46
CA PHE A 67 -1.36 -1.03 -13.86
C PHE A 67 -2.71 -1.15 -13.12
N HIS A 68 -2.66 -0.99 -11.79
CA HIS A 68 -3.83 -0.92 -10.90
C HIS A 68 -4.70 0.30 -11.21
N GLU A 69 -6.01 0.13 -11.39
CA GLU A 69 -6.93 1.27 -11.60
C GLU A 69 -7.31 1.96 -10.27
N ILE A 70 -7.26 3.29 -10.24
CA ILE A 70 -7.62 4.17 -9.12
C ILE A 70 -8.21 5.48 -9.70
N ASN A 71 -9.43 5.86 -9.29
CA ASN A 71 -10.09 7.10 -9.73
C ASN A 71 -10.11 7.28 -11.27
N ASN A 72 -10.40 6.19 -12.00
CA ASN A 72 -10.33 6.02 -13.46
C ASN A 72 -8.90 6.13 -14.11
N LYS A 73 -7.88 6.64 -13.39
CA LYS A 73 -6.44 6.61 -13.74
C LYS A 73 -5.87 5.21 -13.46
N MET A 74 -4.64 4.93 -13.90
CA MET A 74 -3.89 3.72 -13.51
C MET A 74 -2.48 4.03 -12.97
N VAL A 75 -2.04 3.21 -12.02
CA VAL A 75 -0.83 3.35 -11.20
C VAL A 75 -0.02 2.05 -11.13
N GLU A 76 1.24 2.14 -10.71
CA GLU A 76 2.07 0.96 -10.38
C GLU A 76 2.71 1.07 -9.00
N CYS A 77 3.09 -0.07 -8.43
CA CYS A 77 3.59 -0.18 -7.07
C CYS A 77 4.72 -1.22 -6.90
N LYS A 78 5.52 -1.06 -5.84
CA LYS A 78 6.73 -1.85 -5.53
C LYS A 78 6.86 -2.11 -4.04
N LYS A 79 7.62 -3.12 -3.62
CA LYS A 79 7.92 -3.39 -2.20
C LYS A 79 8.62 -2.20 -1.51
N ALA A 80 8.31 -1.98 -0.24
CA ALA A 80 8.88 -0.93 0.61
C ALA A 80 9.20 -1.46 2.02
N GLN A 81 10.24 -0.92 2.66
CA GLN A 81 10.62 -1.33 4.03
C GLN A 81 9.60 -0.83 5.08
N PRO A 82 9.23 -1.65 6.08
CA PRO A 82 8.33 -1.24 7.16
C PRO A 82 8.95 -0.16 8.06
N LYS A 83 8.09 0.73 8.60
CA LYS A 83 8.41 1.78 9.57
C LYS A 83 7.63 1.64 10.88
N GLU A 84 7.02 0.47 11.07
CA GLU A 84 6.07 0.09 12.13
C GLU A 84 6.07 -1.44 12.32
N VAL A 85 5.55 -1.93 13.45
CA VAL A 85 5.47 -3.37 13.77
C VAL A 85 4.26 -3.73 14.66
N MET A 86 3.68 -4.91 14.43
CA MET A 86 2.60 -5.48 15.25
C MET A 86 3.10 -5.95 16.63
N SER A 87 2.17 -6.17 17.57
CA SER A 87 2.43 -6.78 18.88
C SER A 87 1.72 -8.15 18.97
N PRO A 88 2.45 -9.27 18.82
CA PRO A 88 1.85 -10.61 18.80
C PRO A 88 1.57 -11.19 20.21
N THR A 89 2.10 -10.56 21.26
CA THR A 89 1.98 -11.02 22.67
C THR A 89 0.59 -10.83 23.32
N GLY A 90 0.33 -11.57 24.41
CA GLY A 90 -0.93 -11.53 25.15
C GLY A 90 -2.09 -12.26 24.45
N SER A 91 -3.33 -11.96 24.87
CA SER A 91 -4.57 -12.56 24.35
C SER A 91 -5.78 -11.64 24.57
N ALA A 92 -6.77 -11.72 23.68
CA ALA A 92 -8.06 -11.03 23.78
C ALA A 92 -9.05 -11.69 24.79
N ARG A 93 -8.68 -12.81 25.41
CA ARG A 93 -9.51 -13.58 26.37
C ARG A 93 -9.90 -12.76 27.61
N GLY A 94 -11.00 -13.17 28.25
CA GLY A 94 -11.55 -12.54 29.47
C GLY A 94 -12.73 -13.31 30.08
N ARG A 95 -13.42 -12.66 31.04
CA ARG A 95 -14.51 -13.19 31.88
C ARG A 95 -14.09 -14.31 32.85
N SER A 96 -14.73 -14.36 34.03
CA SER A 96 -14.48 -15.32 35.12
C SER A 96 -14.73 -16.78 34.72
N GLY A 1 15.46 -2.76 8.85
CA GLY A 1 14.44 -1.69 8.74
C GLY A 1 13.07 -2.16 9.21
N SER A 2 12.31 -1.28 9.85
CA SER A 2 10.99 -1.60 10.44
C SER A 2 9.84 -1.76 9.42
N HIS A 3 10.03 -1.29 8.18
CA HIS A 3 9.04 -1.37 7.08
C HIS A 3 8.94 -2.79 6.49
N MET A 4 8.44 -3.74 7.28
CA MET A 4 8.42 -5.19 6.95
C MET A 4 7.25 -5.63 6.05
N LYS A 5 6.24 -4.77 5.81
CA LYS A 5 4.97 -5.12 5.15
C LYS A 5 4.34 -3.91 4.45
N LYS A 6 5.12 -3.29 3.57
CA LYS A 6 4.85 -1.98 2.95
C LYS A 6 5.14 -1.96 1.43
N ILE A 7 4.50 -1.04 0.71
CA ILE A 7 4.69 -0.81 -0.73
C ILE A 7 4.78 0.68 -1.10
N PHE A 8 5.40 0.97 -2.24
CA PHE A 8 5.40 2.24 -2.95
C PHE A 8 4.31 2.33 -4.05
N VAL A 9 3.75 3.51 -4.30
CA VAL A 9 2.70 3.77 -5.30
C VAL A 9 3.00 5.06 -6.07
N GLY A 10 2.78 5.07 -7.40
CA GLY A 10 2.98 6.25 -8.25
C GLY A 10 2.11 6.29 -9.50
N GLY A 11 1.85 7.51 -10.00
CA GLY A 11 0.95 7.79 -11.13
C GLY A 11 -0.45 8.28 -10.74
N LEU A 12 -0.64 8.71 -9.48
CA LEU A 12 -1.93 9.15 -8.93
C LEU A 12 -2.46 10.42 -9.61
N SER A 13 -3.78 10.52 -9.81
CA SER A 13 -4.43 11.70 -10.38
C SER A 13 -4.55 12.86 -9.38
N VAL A 14 -5.05 14.01 -9.83
CA VAL A 14 -5.30 15.20 -9.00
C VAL A 14 -6.61 15.12 -8.23
N ASN A 15 -7.57 14.33 -8.73
CA ASN A 15 -8.83 14.04 -8.06
C ASN A 15 -8.66 13.00 -6.93
N THR A 16 -7.73 12.06 -7.12
CA THR A 16 -7.32 11.06 -6.13
C THR A 16 -6.63 11.67 -4.90
N THR A 17 -6.87 11.09 -3.73
CA THR A 17 -6.28 11.45 -2.44
C THR A 17 -5.99 10.23 -1.56
N VAL A 18 -5.33 10.40 -0.42
CA VAL A 18 -4.89 9.31 0.47
C VAL A 18 -6.01 8.37 0.95
N GLU A 19 -7.21 8.91 1.18
CA GLU A 19 -8.41 8.13 1.52
C GLU A 19 -8.88 7.23 0.37
N ASP A 20 -8.81 7.73 -0.88
CA ASP A 20 -9.06 6.92 -2.08
C ASP A 20 -8.02 5.83 -2.31
N VAL A 21 -6.73 6.16 -2.13
CA VAL A 21 -5.62 5.18 -2.23
C VAL A 21 -5.83 4.06 -1.22
N LYS A 22 -6.16 4.37 0.04
CA LYS A 22 -6.47 3.37 1.07
C LYS A 22 -7.68 2.51 0.68
N HIS A 23 -8.78 3.12 0.22
CA HIS A 23 -9.99 2.42 -0.22
C HIS A 23 -9.76 1.47 -1.41
N TYR A 24 -9.03 1.91 -2.44
CA TYR A 24 -8.64 1.09 -3.58
C TYR A 24 -7.64 -0.04 -3.31
N PHE A 25 -6.65 0.17 -2.43
CA PHE A 25 -5.77 -0.90 -1.95
C PHE A 25 -6.37 -1.93 -0.98
N GLU A 26 -7.36 -1.52 -0.18
CA GLU A 26 -8.14 -2.41 0.70
C GLU A 26 -8.91 -3.52 -0.04
N GLN A 27 -9.13 -3.38 -1.34
CA GLN A 27 -9.82 -4.40 -2.15
C GLN A 27 -9.01 -5.70 -2.28
N PHE A 28 -7.68 -5.65 -2.13
CA PHE A 28 -6.80 -6.83 -2.07
C PHE A 28 -6.71 -7.50 -0.69
N GLY A 29 -6.79 -6.70 0.37
CA GLY A 29 -6.68 -7.07 1.77
C GLY A 29 -6.42 -5.84 2.64
N LYS A 30 -6.51 -5.98 3.96
CA LYS A 30 -6.50 -4.85 4.92
C LYS A 30 -5.23 -3.98 4.79
N VAL A 31 -5.45 -2.68 4.71
CA VAL A 31 -4.40 -1.64 4.72
C VAL A 31 -4.32 -1.06 6.14
N ASP A 32 -3.14 -1.14 6.75
CA ASP A 32 -2.86 -0.55 8.07
C ASP A 32 -2.70 0.98 8.06
N ASP A 33 -2.04 1.52 7.03
CA ASP A 33 -1.75 2.95 6.81
C ASP A 33 -1.51 3.33 5.34
N ALA A 34 -1.75 4.59 4.98
CA ALA A 34 -1.38 5.16 3.68
C ALA A 34 -0.95 6.63 3.83
N MET A 35 0.06 7.06 3.06
CA MET A 35 0.59 8.43 3.04
C MET A 35 1.17 8.79 1.66
N LEU A 36 1.14 10.08 1.32
CA LEU A 36 1.58 10.62 0.04
C LEU A 36 2.71 11.65 0.20
N MET A 37 3.50 11.85 -0.85
CA MET A 37 4.49 12.92 -0.93
C MET A 37 3.80 14.26 -1.27
N PHE A 38 4.04 15.30 -0.48
CA PHE A 38 3.41 16.63 -0.58
C PHE A 38 4.28 17.80 -1.02
N ASP A 39 3.66 18.85 -1.59
CA ASP A 39 4.30 20.15 -1.85
C ASP A 39 3.70 21.27 -0.98
N LYS A 40 4.45 21.74 0.03
CA LYS A 40 4.00 22.75 1.00
C LYS A 40 3.65 24.12 0.38
N THR A 41 4.09 24.37 -0.85
CA THR A 41 3.70 25.55 -1.66
C THR A 41 2.23 25.60 -2.10
N THR A 42 1.56 24.44 -2.14
CA THR A 42 0.19 24.24 -2.66
C THR A 42 -0.71 23.30 -1.85
N ASN A 43 -0.13 22.49 -0.96
CA ASN A 43 -0.76 21.38 -0.23
C ASN A 43 -1.33 20.25 -1.13
N ARG A 44 -0.94 20.20 -2.42
CA ARG A 44 -1.21 19.08 -3.34
C ARG A 44 -0.16 17.97 -3.16
N HIS A 45 -0.54 16.72 -3.42
CA HIS A 45 0.43 15.61 -3.50
C HIS A 45 1.14 15.61 -4.87
N ARG A 46 2.33 15.00 -4.93
CA ARG A 46 3.22 14.99 -6.12
C ARG A 46 2.92 13.85 -7.11
N GLY A 47 1.83 13.11 -6.92
CA GLY A 47 1.44 11.94 -7.74
C GLY A 47 1.97 10.60 -7.25
N PHE A 48 2.62 10.54 -6.08
CA PHE A 48 3.21 9.33 -5.50
C PHE A 48 3.18 9.24 -3.96
N GLY A 49 3.38 8.04 -3.41
CA GLY A 49 3.37 7.79 -1.96
C GLY A 49 3.66 6.33 -1.57
N PHE A 50 3.24 5.96 -0.35
CA PHE A 50 3.44 4.65 0.27
C PHE A 50 2.20 4.09 0.98
N VAL A 51 2.08 2.76 1.05
CA VAL A 51 0.96 2.04 1.69
C VAL A 51 1.47 0.87 2.55
N THR A 52 1.11 0.87 3.83
CA THR A 52 1.31 -0.26 4.76
C THR A 52 0.16 -1.26 4.74
N PHE A 53 0.48 -2.54 4.58
CA PHE A 53 -0.46 -3.66 4.63
C PHE A 53 -0.54 -4.45 5.93
N GLU A 54 -1.62 -5.19 6.16
CA GLU A 54 -1.73 -6.11 7.32
C GLU A 54 -0.67 -7.22 7.26
N SER A 55 -0.39 -7.77 6.07
CA SER A 55 0.56 -8.87 5.87
C SER A 55 1.25 -8.83 4.48
N GLU A 56 2.50 -9.31 4.43
CA GLU A 56 3.26 -9.56 3.20
C GLU A 56 2.54 -10.55 2.26
N ASP A 57 1.71 -11.46 2.80
CA ASP A 57 0.89 -12.39 2.02
C ASP A 57 -0.17 -11.73 1.11
N ILE A 58 -0.55 -10.48 1.42
CA ILE A 58 -1.38 -9.63 0.53
C ILE A 58 -0.47 -8.87 -0.42
N VAL A 59 0.57 -8.20 0.11
CA VAL A 59 1.49 -7.32 -0.63
C VAL A 59 2.09 -8.04 -1.85
N GLU A 60 2.42 -9.32 -1.73
CA GLU A 60 3.07 -10.06 -2.81
C GLU A 60 2.25 -10.11 -4.10
N LYS A 61 0.93 -10.36 -4.01
CA LYS A 61 0.04 -10.26 -5.18
C LYS A 61 -0.11 -8.81 -5.65
N VAL A 62 -0.17 -7.84 -4.73
CA VAL A 62 -0.27 -6.41 -5.10
C VAL A 62 0.93 -5.96 -5.94
N CYS A 63 2.13 -6.46 -5.62
CA CYS A 63 3.37 -6.20 -6.35
C CYS A 63 3.53 -7.02 -7.65
N GLU A 64 2.94 -8.22 -7.75
CA GLU A 64 2.88 -8.99 -9.00
C GLU A 64 1.95 -8.35 -10.05
N ILE A 65 0.83 -7.78 -9.61
CA ILE A 65 -0.09 -7.02 -10.49
C ILE A 65 0.52 -5.65 -10.81
N HIS A 66 0.36 -5.18 -12.05
CA HIS A 66 0.70 -3.81 -12.48
C HIS A 66 -0.43 -3.13 -13.25
N PHE A 67 -0.34 -1.80 -13.38
CA PHE A 67 -1.36 -0.94 -13.99
C PHE A 67 -2.74 -0.94 -13.29
N HIS A 68 -2.71 -0.94 -11.96
CA HIS A 68 -3.87 -0.91 -11.06
C HIS A 68 -4.76 0.31 -11.32
N GLU A 69 -6.08 0.14 -11.45
CA GLU A 69 -7.01 1.26 -11.63
C GLU A 69 -7.41 1.91 -10.29
N ILE A 70 -7.29 3.24 -10.21
CA ILE A 70 -7.76 4.09 -9.10
C ILE A 70 -8.45 5.33 -9.68
N ASN A 71 -9.74 5.55 -9.36
CA ASN A 71 -10.55 6.64 -9.94
C ASN A 71 -10.49 6.68 -11.49
N ASN A 72 -10.52 5.51 -12.13
CA ASN A 72 -10.31 5.23 -13.55
C ASN A 72 -8.89 5.56 -14.13
N LYS A 73 -8.04 6.31 -13.41
CA LYS A 73 -6.60 6.52 -13.72
C LYS A 73 -5.82 5.25 -13.38
N MET A 74 -4.81 4.89 -14.18
CA MET A 74 -3.90 3.78 -13.84
C MET A 74 -2.69 4.26 -13.00
N VAL A 75 -2.31 3.43 -12.02
CA VAL A 75 -1.13 3.57 -11.17
C VAL A 75 -0.26 2.32 -11.20
N GLU A 76 1.01 2.47 -10.82
CA GLU A 76 1.97 1.37 -10.70
C GLU A 76 2.61 1.38 -9.30
N CYS A 77 3.06 0.22 -8.85
CA CYS A 77 3.55 0.01 -7.48
C CYS A 77 4.80 -0.89 -7.41
N LYS A 78 5.53 -0.79 -6.30
CA LYS A 78 6.77 -1.52 -6.02
C LYS A 78 6.83 -1.94 -4.55
N LYS A 79 7.64 -2.96 -4.22
CA LYS A 79 7.94 -3.30 -2.83
C LYS A 79 8.65 -2.17 -2.08
N ALA A 80 8.27 -1.98 -0.83
CA ALA A 80 8.93 -1.12 0.14
C ALA A 80 9.35 -1.91 1.41
N GLN A 81 9.53 -3.23 1.23
CA GLN A 81 9.87 -4.24 2.24
C GLN A 81 10.71 -5.38 1.64
N PRO A 82 11.49 -6.15 2.43
CA PRO A 82 12.23 -7.33 1.97
C PRO A 82 11.35 -8.59 1.90
N LYS A 83 11.42 -9.35 0.79
CA LYS A 83 10.56 -10.54 0.57
C LYS A 83 10.70 -11.58 1.69
N GLU A 84 9.58 -12.11 2.16
CA GLU A 84 9.49 -13.26 3.06
C GLU A 84 8.62 -14.37 2.44
N VAL A 85 8.91 -15.63 2.80
CA VAL A 85 8.18 -16.83 2.35
C VAL A 85 8.07 -17.84 3.49
N MET A 86 6.85 -18.31 3.79
CA MET A 86 6.54 -19.25 4.87
C MET A 86 5.40 -20.21 4.48
N SER A 87 5.37 -21.40 5.06
CA SER A 87 4.39 -22.47 4.78
C SER A 87 3.83 -23.12 6.08
N PRO A 88 3.16 -22.35 6.96
CA PRO A 88 2.55 -22.88 8.18
C PRO A 88 1.39 -23.85 7.86
N THR A 89 1.19 -24.86 8.71
CA THR A 89 0.15 -25.89 8.56
C THR A 89 -0.32 -26.54 9.87
N GLY A 90 -1.52 -27.13 9.85
CA GLY A 90 -2.13 -27.86 10.98
C GLY A 90 -3.54 -28.35 10.66
N SER A 91 -3.95 -29.48 11.23
CA SER A 91 -5.26 -30.12 11.00
C SER A 91 -5.66 -31.08 12.13
N ALA A 92 -6.95 -31.44 12.18
CA ALA A 92 -7.54 -32.42 13.09
C ALA A 92 -8.75 -33.13 12.44
N ARG A 93 -9.07 -34.35 12.91
CA ARG A 93 -10.21 -35.14 12.41
C ARG A 93 -11.58 -34.53 12.73
N GLY A 94 -12.58 -34.84 11.90
CA GLY A 94 -14.00 -34.53 12.15
C GLY A 94 -14.66 -35.46 13.17
N ARG A 95 -15.88 -35.11 13.61
CA ARG A 95 -16.70 -35.92 14.54
C ARG A 95 -17.15 -37.26 13.92
N SER A 96 -17.29 -38.29 14.78
CA SER A 96 -17.69 -39.66 14.39
C SER A 96 -19.11 -39.74 13.83
N GLY A 1 6.29 -11.36 13.58
CA GLY A 1 7.43 -11.26 12.62
C GLY A 1 7.97 -9.85 12.55
N SER A 2 9.29 -9.69 12.63
CA SER A 2 9.99 -8.39 12.66
C SER A 2 10.14 -7.71 11.28
N HIS A 3 9.80 -8.40 10.19
CA HIS A 3 9.88 -7.89 8.81
C HIS A 3 8.87 -6.77 8.52
N MET A 4 9.21 -5.89 7.58
CA MET A 4 8.31 -4.87 7.03
C MET A 4 7.37 -5.48 5.98
N LYS A 5 6.21 -4.85 5.76
CA LYS A 5 5.09 -5.33 4.92
C LYS A 5 4.37 -4.14 4.30
N LYS A 6 5.13 -3.40 3.48
CA LYS A 6 4.81 -2.08 2.96
C LYS A 6 5.16 -1.96 1.47
N ILE A 7 4.45 -1.12 0.73
CA ILE A 7 4.63 -0.91 -0.72
C ILE A 7 4.67 0.57 -1.12
N PHE A 8 5.34 0.84 -2.23
CA PHE A 8 5.33 2.09 -2.99
C PHE A 8 4.22 2.13 -4.04
N VAL A 9 3.63 3.30 -4.31
CA VAL A 9 2.58 3.53 -5.30
C VAL A 9 2.91 4.78 -6.12
N GLY A 10 2.82 4.73 -7.45
CA GLY A 10 3.16 5.85 -8.33
C GLY A 10 2.37 5.90 -9.64
N GLY A 11 2.10 7.13 -10.11
CA GLY A 11 1.25 7.44 -11.27
C GLY A 11 -0.14 7.98 -10.90
N LEU A 12 -0.38 8.34 -9.64
CA LEU A 12 -1.67 8.84 -9.12
C LEU A 12 -2.08 10.17 -9.79
N SER A 13 -3.36 10.31 -10.14
CA SER A 13 -3.95 11.56 -10.64
C SER A 13 -4.02 12.65 -9.58
N VAL A 14 -4.08 13.91 -9.99
CA VAL A 14 -4.41 15.05 -9.10
C VAL A 14 -5.85 14.97 -8.60
N ASN A 15 -6.68 14.16 -9.27
CA ASN A 15 -8.02 13.76 -8.85
C ASN A 15 -8.05 12.76 -7.67
N THR A 16 -6.89 12.22 -7.25
CA THR A 16 -6.75 11.22 -6.17
C THR A 16 -6.50 11.77 -4.77
N THR A 17 -6.93 11.05 -3.73
CA THR A 17 -6.60 11.33 -2.32
C THR A 17 -6.31 10.08 -1.49
N VAL A 18 -5.65 10.23 -0.34
CA VAL A 18 -5.16 9.11 0.49
C VAL A 18 -6.26 8.16 0.99
N GLU A 19 -7.47 8.68 1.25
CA GLU A 19 -8.64 7.88 1.61
C GLU A 19 -9.14 7.01 0.44
N ASP A 20 -9.12 7.54 -0.79
CA ASP A 20 -9.43 6.79 -2.01
C ASP A 20 -8.40 5.70 -2.34
N VAL A 21 -7.11 6.01 -2.13
CA VAL A 21 -6.00 5.06 -2.27
C VAL A 21 -6.18 3.91 -1.27
N LYS A 22 -6.39 4.20 0.02
CA LYS A 22 -6.62 3.17 1.04
C LYS A 22 -7.88 2.35 0.77
N HIS A 23 -8.99 2.98 0.39
CA HIS A 23 -10.24 2.29 0.02
C HIS A 23 -10.05 1.33 -1.17
N TYR A 24 -9.26 1.72 -2.18
CA TYR A 24 -8.89 0.82 -3.27
C TYR A 24 -7.99 -0.36 -2.87
N PHE A 25 -6.92 -0.08 -2.11
CA PHE A 25 -6.02 -1.13 -1.62
C PHE A 25 -6.61 -2.16 -0.64
N GLU A 26 -7.61 -1.72 0.14
CA GLU A 26 -8.46 -2.57 1.00
C GLU A 26 -9.22 -3.68 0.25
N GLN A 27 -9.44 -3.54 -1.07
CA GLN A 27 -10.11 -4.57 -1.88
C GLN A 27 -9.25 -5.82 -2.08
N PHE A 28 -7.92 -5.71 -2.00
CA PHE A 28 -6.99 -6.85 -2.01
C PHE A 28 -6.85 -7.59 -0.67
N GLY A 29 -6.87 -6.82 0.42
CA GLY A 29 -6.72 -7.27 1.81
C GLY A 29 -6.51 -6.07 2.75
N LYS A 30 -6.51 -6.32 4.07
CA LYS A 30 -6.51 -5.24 5.07
C LYS A 30 -5.28 -4.34 4.96
N VAL A 31 -5.51 -3.02 4.95
CA VAL A 31 -4.50 -1.96 4.95
C VAL A 31 -4.34 -1.43 6.38
N ASP A 32 -3.11 -1.31 6.85
CA ASP A 32 -2.78 -0.69 8.13
C ASP A 32 -2.79 0.85 8.07
N ASP A 33 -2.03 1.42 7.13
CA ASP A 33 -1.80 2.86 7.00
C ASP A 33 -1.48 3.21 5.53
N ALA A 34 -1.70 4.47 5.14
CA ALA A 34 -1.40 5.01 3.80
C ALA A 34 -1.04 6.50 3.88
N MET A 35 -0.06 6.93 3.09
CA MET A 35 0.43 8.31 2.99
C MET A 35 0.96 8.65 1.59
N LEU A 36 0.90 9.93 1.23
CA LEU A 36 1.33 10.46 -0.07
C LEU A 36 2.40 11.54 0.12
N MET A 37 3.27 11.74 -0.88
CA MET A 37 4.29 12.80 -0.85
C MET A 37 3.69 14.12 -1.36
N PHE A 38 3.62 15.15 -0.51
CA PHE A 38 2.97 16.44 -0.79
C PHE A 38 3.81 17.56 -1.40
N ASP A 39 3.19 18.42 -2.22
CA ASP A 39 3.76 19.68 -2.72
C ASP A 39 3.19 20.88 -1.95
N LYS A 40 4.03 21.57 -1.18
CA LYS A 40 3.63 22.62 -0.22
C LYS A 40 2.90 23.80 -0.86
N THR A 41 3.24 24.16 -2.11
CA THR A 41 2.61 25.28 -2.85
C THR A 41 1.19 25.05 -3.35
N THR A 42 0.77 23.79 -3.47
CA THR A 42 -0.55 23.36 -3.98
C THR A 42 -1.42 22.57 -3.00
N ASN A 43 -0.82 21.99 -1.95
CA ASN A 43 -1.44 21.03 -1.02
C ASN A 43 -2.01 19.78 -1.73
N ARG A 44 -1.46 19.42 -2.90
CA ARG A 44 -1.70 18.16 -3.62
C ARG A 44 -0.49 17.24 -3.53
N HIS A 45 -0.69 15.94 -3.73
CA HIS A 45 0.40 14.98 -3.81
C HIS A 45 1.16 15.08 -5.15
N ARG A 46 2.40 14.58 -5.18
CA ARG A 46 3.33 14.62 -6.32
C ARG A 46 3.06 13.55 -7.41
N GLY A 47 1.98 12.78 -7.27
CA GLY A 47 1.67 11.61 -8.09
C GLY A 47 2.15 10.27 -7.49
N PHE A 48 2.67 10.28 -6.25
CA PHE A 48 3.24 9.11 -5.58
C PHE A 48 3.11 9.04 -4.05
N GLY A 49 3.18 7.83 -3.48
CA GLY A 49 3.07 7.58 -2.05
C GLY A 49 3.41 6.15 -1.62
N PHE A 50 2.98 5.78 -0.41
CA PHE A 50 3.24 4.50 0.25
C PHE A 50 2.03 3.93 0.99
N VAL A 51 1.91 2.59 1.06
CA VAL A 51 0.82 1.87 1.74
C VAL A 51 1.35 0.69 2.56
N THR A 52 1.02 0.66 3.85
CA THR A 52 1.31 -0.44 4.78
C THR A 52 0.20 -1.48 4.85
N PHE A 53 0.56 -2.76 4.83
CA PHE A 53 -0.37 -3.90 4.84
C PHE A 53 -0.44 -4.75 6.11
N GLU A 54 -1.56 -5.45 6.32
CA GLU A 54 -1.73 -6.39 7.44
C GLU A 54 -0.87 -7.67 7.29
N SER A 55 -0.57 -8.09 6.05
CA SER A 55 0.22 -9.29 5.76
C SER A 55 1.00 -9.18 4.44
N GLU A 56 2.23 -9.72 4.45
CA GLU A 56 3.09 -9.85 3.26
C GLU A 56 2.45 -10.71 2.15
N ASP A 57 1.56 -11.64 2.50
CA ASP A 57 0.80 -12.44 1.52
C ASP A 57 -0.12 -11.63 0.60
N ILE A 58 -0.61 -10.48 1.09
CA ILE A 58 -1.36 -9.51 0.27
C ILE A 58 -0.38 -8.68 -0.58
N VAL A 59 0.70 -8.18 0.04
CA VAL A 59 1.71 -7.30 -0.58
C VAL A 59 2.29 -7.96 -1.84
N GLU A 60 2.59 -9.26 -1.80
CA GLU A 60 3.15 -9.99 -2.94
C GLU A 60 2.27 -9.90 -4.20
N LYS A 61 0.95 -10.09 -4.07
CA LYS A 61 0.01 -9.92 -5.19
C LYS A 61 -0.14 -8.46 -5.62
N VAL A 62 -0.31 -7.53 -4.68
CA VAL A 62 -0.47 -6.10 -5.01
C VAL A 62 0.76 -5.54 -5.74
N CYS A 63 1.97 -5.98 -5.36
CA CYS A 63 3.23 -5.65 -6.03
C CYS A 63 3.39 -6.36 -7.40
N GLU A 64 2.90 -7.59 -7.54
CA GLU A 64 2.91 -8.34 -8.82
C GLU A 64 1.96 -7.74 -9.87
N ILE A 65 0.79 -7.26 -9.45
CA ILE A 65 -0.17 -6.55 -10.31
C ILE A 65 0.38 -5.16 -10.70
N HIS A 66 0.18 -4.77 -11.96
CA HIS A 66 0.42 -3.42 -12.48
C HIS A 66 -0.78 -2.89 -13.27
N PHE A 67 -0.86 -1.57 -13.47
CA PHE A 67 -2.04 -0.90 -14.02
C PHE A 67 -3.31 -0.95 -13.13
N HIS A 68 -3.10 -0.68 -11.84
CA HIS A 68 -4.11 -0.59 -10.78
C HIS A 68 -5.03 0.61 -10.98
N GLU A 69 -6.34 0.42 -11.09
CA GLU A 69 -7.28 1.51 -11.42
C GLU A 69 -7.77 2.30 -10.18
N ILE A 70 -7.52 3.61 -10.14
CA ILE A 70 -7.87 4.52 -9.03
C ILE A 70 -8.31 5.88 -9.60
N ASN A 71 -9.52 6.34 -9.23
CA ASN A 71 -10.09 7.64 -9.64
C ASN A 71 -9.97 7.90 -11.17
N ASN A 72 -10.40 6.91 -11.96
CA ASN A 72 -10.33 6.80 -13.43
C ASN A 72 -8.90 6.73 -14.06
N LYS A 73 -7.82 7.01 -13.30
CA LYS A 73 -6.40 6.86 -13.69
C LYS A 73 -5.92 5.42 -13.40
N MET A 74 -4.77 5.03 -13.94
CA MET A 74 -4.09 3.78 -13.57
C MET A 74 -2.66 4.01 -13.06
N VAL A 75 -2.25 3.21 -12.08
CA VAL A 75 -1.01 3.33 -11.30
C VAL A 75 -0.18 2.04 -11.25
N GLU A 76 1.09 2.16 -10.86
CA GLU A 76 2.01 1.05 -10.64
C GLU A 76 2.44 0.94 -9.16
N CYS A 77 2.70 -0.28 -8.70
CA CYS A 77 3.16 -0.58 -7.34
C CYS A 77 4.53 -1.29 -7.31
N LYS A 78 5.28 -1.11 -6.23
CA LYS A 78 6.59 -1.76 -5.97
C LYS A 78 6.74 -2.11 -4.48
N LYS A 79 7.62 -3.06 -4.15
CA LYS A 79 7.96 -3.37 -2.75
C LYS A 79 8.68 -2.19 -2.08
N ALA A 80 8.32 -1.94 -0.82
CA ALA A 80 8.93 -0.95 0.07
C ALA A 80 9.39 -1.60 1.39
N GLN A 81 9.80 -2.87 1.28
CA GLN A 81 10.17 -3.79 2.37
C GLN A 81 11.20 -4.82 1.87
N PRO A 82 11.96 -5.51 2.76
CA PRO A 82 13.11 -6.35 2.38
C PRO A 82 12.81 -7.52 1.44
N LYS A 83 13.86 -8.07 0.81
CA LYS A 83 13.84 -9.33 0.05
C LYS A 83 13.91 -10.54 1.00
N GLU A 84 12.96 -10.61 1.94
CA GLU A 84 12.91 -11.60 3.02
C GLU A 84 12.63 -13.03 2.49
N VAL A 85 13.38 -13.99 3.00
CA VAL A 85 13.27 -15.43 2.64
C VAL A 85 12.00 -16.09 3.19
N MET A 86 11.32 -16.89 2.38
CA MET A 86 10.14 -17.68 2.80
C MET A 86 10.48 -18.77 3.84
N SER A 87 9.49 -19.16 4.63
CA SER A 87 9.61 -20.21 5.66
C SER A 87 8.30 -21.02 5.77
N PRO A 88 8.07 -21.99 4.87
CA PRO A 88 6.86 -22.82 4.87
C PRO A 88 6.80 -23.79 6.06
N THR A 89 5.59 -24.16 6.49
CA THR A 89 5.33 -25.10 7.59
C THR A 89 4.02 -25.90 7.45
N GLY A 90 3.91 -27.03 8.15
CA GLY A 90 2.73 -27.92 8.13
C GLY A 90 2.95 -29.23 8.88
N SER A 91 1.91 -30.08 8.89
CA SER A 91 1.90 -31.42 9.50
C SER A 91 0.85 -32.32 8.82
N ALA A 92 0.97 -33.65 9.00
CA ALA A 92 0.07 -34.63 8.39
C ALA A 92 -1.39 -34.48 8.91
N ARG A 93 -2.37 -34.54 7.99
CA ARG A 93 -3.81 -34.35 8.28
C ARG A 93 -4.54 -35.55 8.90
N GLY A 94 -3.87 -36.71 9.03
CA GLY A 94 -4.44 -37.93 9.61
C GLY A 94 -5.61 -38.50 8.79
N ARG A 95 -6.59 -39.10 9.48
CA ARG A 95 -7.83 -39.66 8.91
C ARG A 95 -9.07 -39.26 9.72
N SER A 96 -10.24 -39.23 9.07
CA SER A 96 -11.56 -38.93 9.66
C SER A 96 -12.04 -39.98 10.66
N GLY A 1 4.58 -12.41 8.77
CA GLY A 1 5.44 -11.21 8.86
C GLY A 1 6.84 -11.50 8.34
N SER A 2 7.09 -11.25 7.05
CA SER A 2 8.42 -11.35 6.42
C SER A 2 9.23 -10.06 6.59
N HIS A 3 10.33 -9.91 5.83
CA HIS A 3 11.16 -8.69 5.76
C HIS A 3 10.44 -7.45 5.18
N MET A 4 9.23 -7.61 4.64
CA MET A 4 8.42 -6.51 4.08
C MET A 4 6.92 -6.65 4.39
N LYS A 5 6.22 -5.52 4.58
CA LYS A 5 4.76 -5.43 4.72
C LYS A 5 4.27 -4.06 4.23
N LYS A 6 4.96 -3.50 3.24
CA LYS A 6 4.83 -2.10 2.80
C LYS A 6 5.23 -1.96 1.32
N ILE A 7 4.56 -1.05 0.61
CA ILE A 7 4.78 -0.79 -0.82
C ILE A 7 4.78 0.71 -1.18
N PHE A 8 5.54 1.04 -2.22
CA PHE A 8 5.53 2.30 -2.94
C PHE A 8 4.41 2.33 -4.00
N VAL A 9 3.83 3.50 -4.29
CA VAL A 9 2.78 3.69 -5.31
C VAL A 9 3.09 4.95 -6.13
N GLY A 10 2.94 4.89 -7.46
CA GLY A 10 3.26 6.01 -8.35
C GLY A 10 2.43 6.06 -9.63
N GLY A 11 2.17 7.28 -10.11
CA GLY A 11 1.29 7.60 -11.25
C GLY A 11 -0.12 8.06 -10.86
N LEU A 12 -0.36 8.40 -9.58
CA LEU A 12 -1.67 8.82 -9.06
C LEU A 12 -2.16 10.14 -9.67
N SER A 13 -3.46 10.22 -9.96
CA SER A 13 -4.14 11.46 -10.33
C SER A 13 -4.16 12.49 -9.19
N VAL A 14 -4.31 13.77 -9.53
CA VAL A 14 -4.59 14.86 -8.56
C VAL A 14 -6.02 14.70 -8.01
N ASN A 15 -6.90 14.06 -8.77
CA ASN A 15 -8.27 13.73 -8.33
C ASN A 15 -8.29 12.71 -7.17
N THR A 16 -7.31 11.80 -7.13
CA THR A 16 -7.13 10.78 -6.09
C THR A 16 -6.57 11.30 -4.77
N THR A 17 -7.29 11.01 -3.68
CA THR A 17 -6.88 11.28 -2.30
C THR A 17 -6.15 10.13 -1.59
N VAL A 18 -5.54 10.40 -0.43
CA VAL A 18 -5.01 9.35 0.45
C VAL A 18 -6.09 8.39 0.97
N GLU A 19 -7.33 8.87 1.13
CA GLU A 19 -8.47 8.03 1.50
C GLU A 19 -8.94 7.17 0.32
N ASP A 20 -8.92 7.70 -0.91
CA ASP A 20 -9.14 6.90 -2.13
C ASP A 20 -8.12 5.77 -2.32
N VAL A 21 -6.83 6.07 -2.11
CA VAL A 21 -5.72 5.10 -2.17
C VAL A 21 -5.95 4.02 -1.11
N LYS A 22 -6.21 4.39 0.15
CA LYS A 22 -6.42 3.42 1.24
C LYS A 22 -7.64 2.54 0.99
N HIS A 23 -8.77 3.13 0.58
CA HIS A 23 -10.00 2.41 0.23
C HIS A 23 -9.81 1.45 -0.94
N TYR A 24 -9.10 1.86 -2.00
CA TYR A 24 -8.77 1.00 -3.13
C TYR A 24 -7.88 -0.20 -2.79
N PHE A 25 -6.78 0.04 -2.06
CA PHE A 25 -5.89 -1.02 -1.59
C PHE A 25 -6.47 -2.02 -0.58
N GLU A 26 -7.41 -1.56 0.25
CA GLU A 26 -8.20 -2.41 1.16
C GLU A 26 -9.06 -3.48 0.48
N GLN A 27 -9.36 -3.34 -0.82
CA GLN A 27 -10.13 -4.35 -1.58
C GLN A 27 -9.33 -5.65 -1.78
N PHE A 28 -7.99 -5.60 -1.75
CA PHE A 28 -7.12 -6.78 -1.79
C PHE A 28 -6.97 -7.46 -0.42
N GLY A 29 -6.89 -6.65 0.63
CA GLY A 29 -6.72 -7.05 2.04
C GLY A 29 -6.34 -5.84 2.90
N LYS A 30 -6.33 -6.00 4.23
CA LYS A 30 -6.21 -4.87 5.17
C LYS A 30 -4.93 -4.03 5.04
N VAL A 31 -5.16 -2.72 5.10
CA VAL A 31 -4.14 -1.65 5.02
C VAL A 31 -4.01 -0.98 6.39
N ASP A 32 -2.81 -1.03 6.97
CA ASP A 32 -2.47 -0.38 8.23
C ASP A 32 -2.39 1.16 8.15
N ASP A 33 -1.78 1.67 7.08
CA ASP A 33 -1.52 3.09 6.81
C ASP A 33 -1.34 3.44 5.32
N ALA A 34 -1.60 4.69 4.95
CA ALA A 34 -1.29 5.25 3.62
C ALA A 34 -0.90 6.74 3.73
N MET A 35 0.07 7.18 2.94
CA MET A 35 0.55 8.57 2.88
C MET A 35 1.11 8.92 1.50
N LEU A 36 0.93 10.18 1.07
CA LEU A 36 1.30 10.69 -0.25
C LEU A 36 2.22 11.91 -0.15
N MET A 37 3.01 12.17 -1.20
CA MET A 37 4.00 13.25 -1.23
C MET A 37 3.38 14.63 -1.49
N PHE A 38 2.62 15.14 -0.53
CA PHE A 38 2.04 16.49 -0.49
C PHE A 38 3.02 17.68 -0.53
N ASP A 39 2.61 18.79 -1.14
CA ASP A 39 3.32 20.08 -1.11
C ASP A 39 2.43 21.21 -0.55
N LYS A 40 2.90 21.88 0.52
CA LYS A 40 2.15 22.93 1.24
C LYS A 40 1.77 24.14 0.37
N THR A 41 2.57 24.49 -0.63
CA THR A 41 2.27 25.59 -1.56
C THR A 41 1.21 25.30 -2.64
N THR A 42 0.98 24.01 -2.93
CA THR A 42 0.03 23.51 -3.93
C THR A 42 -1.23 22.84 -3.39
N ASN A 43 -1.20 22.40 -2.11
CA ASN A 43 -2.26 21.65 -1.43
C ASN A 43 -2.65 20.32 -2.10
N ARG A 44 -1.72 19.72 -2.87
CA ARG A 44 -1.86 18.42 -3.55
C ARG A 44 -0.55 17.63 -3.52
N HIS A 45 -0.62 16.34 -3.82
CA HIS A 45 0.56 15.46 -3.90
C HIS A 45 1.18 15.42 -5.30
N ARG A 46 2.45 14.97 -5.36
CA ARG A 46 3.29 14.89 -6.57
C ARG A 46 2.94 13.73 -7.53
N GLY A 47 1.89 12.95 -7.24
CA GLY A 47 1.49 11.74 -7.99
C GLY A 47 2.07 10.43 -7.46
N PHE A 48 2.68 10.44 -6.26
CA PHE A 48 3.30 9.27 -5.63
C PHE A 48 3.25 9.21 -4.09
N GLY A 49 3.41 8.02 -3.51
CA GLY A 49 3.43 7.80 -2.07
C GLY A 49 3.69 6.37 -1.62
N PHE A 50 3.24 6.04 -0.42
CA PHE A 50 3.44 4.76 0.28
C PHE A 50 2.19 4.18 0.94
N VAL A 51 2.09 2.84 0.98
CA VAL A 51 0.98 2.08 1.59
C VAL A 51 1.50 0.90 2.41
N THR A 52 1.09 0.81 3.67
CA THR A 52 1.42 -0.29 4.61
C THR A 52 0.30 -1.32 4.73
N PHE A 53 0.65 -2.59 4.59
CA PHE A 53 -0.24 -3.74 4.69
C PHE A 53 -0.19 -4.55 5.98
N GLU A 54 -1.28 -5.21 6.37
CA GLU A 54 -1.30 -6.08 7.56
C GLU A 54 -0.41 -7.33 7.41
N SER A 55 -0.31 -7.89 6.19
CA SER A 55 0.47 -9.11 5.88
C SER A 55 1.07 -9.11 4.48
N GLU A 56 2.27 -9.68 4.33
CA GLU A 56 2.92 -9.92 3.04
C GLU A 56 2.09 -10.82 2.11
N ASP A 57 1.23 -11.69 2.67
CA ASP A 57 0.30 -12.52 1.89
C ASP A 57 -0.69 -11.73 1.01
N ILE A 58 -1.03 -10.50 1.41
CA ILE A 58 -1.78 -9.55 0.59
C ILE A 58 -0.84 -8.89 -0.44
N VAL A 59 0.29 -8.36 0.04
CA VAL A 59 1.25 -7.58 -0.78
C VAL A 59 1.76 -8.36 -1.99
N GLU A 60 1.97 -9.68 -1.87
CA GLU A 60 2.40 -10.56 -2.96
C GLU A 60 1.47 -10.49 -4.20
N LYS A 61 0.15 -10.39 -4.00
CA LYS A 61 -0.80 -10.14 -5.11
C LYS A 61 -0.75 -8.69 -5.59
N VAL A 62 -0.79 -7.71 -4.68
CA VAL A 62 -0.78 -6.28 -5.05
C VAL A 62 0.44 -5.89 -5.91
N CYS A 63 1.63 -6.37 -5.53
CA CYS A 63 2.89 -6.11 -6.24
C CYS A 63 2.98 -6.91 -7.56
N GLU A 64 2.36 -8.09 -7.65
CA GLU A 64 2.27 -8.88 -8.90
C GLU A 64 1.33 -8.23 -9.95
N ILE A 65 0.22 -7.63 -9.51
CA ILE A 65 -0.67 -6.85 -10.37
C ILE A 65 0.04 -5.58 -10.88
N HIS A 66 -0.18 -5.24 -12.15
CA HIS A 66 0.34 -4.03 -12.81
C HIS A 66 -0.79 -3.22 -13.45
N PHE A 67 -0.64 -1.89 -13.52
CA PHE A 67 -1.67 -0.95 -13.96
C PHE A 67 -3.00 -0.94 -13.19
N HIS A 68 -2.88 -0.78 -11.87
CA HIS A 68 -3.98 -0.64 -10.89
C HIS A 68 -4.86 0.57 -11.22
N GLU A 69 -6.18 0.39 -11.38
CA GLU A 69 -7.10 1.47 -11.81
C GLU A 69 -7.76 2.21 -10.63
N ILE A 70 -7.59 3.54 -10.58
CA ILE A 70 -8.12 4.43 -9.52
C ILE A 70 -8.57 5.76 -10.14
N ASN A 71 -9.82 6.17 -9.91
CA ASN A 71 -10.42 7.39 -10.49
C ASN A 71 -10.23 7.49 -12.03
N ASN A 72 -10.43 6.36 -12.73
CA ASN A 72 -10.19 6.12 -14.16
C ASN A 72 -8.71 6.24 -14.64
N LYS A 73 -7.77 6.77 -13.82
CA LYS A 73 -6.30 6.75 -14.03
C LYS A 73 -5.75 5.36 -13.69
N MET A 74 -4.56 5.03 -14.17
CA MET A 74 -3.82 3.81 -13.78
C MET A 74 -2.44 4.08 -13.18
N VAL A 75 -2.07 3.27 -12.20
CA VAL A 75 -0.87 3.38 -11.34
C VAL A 75 -0.10 2.06 -11.22
N GLU A 76 1.14 2.12 -10.76
CA GLU A 76 1.96 0.93 -10.46
C GLU A 76 2.66 1.03 -9.10
N CYS A 77 3.08 -0.12 -8.57
CA CYS A 77 3.61 -0.27 -7.21
C CYS A 77 4.83 -1.21 -7.13
N LYS A 78 5.62 -1.03 -6.07
CA LYS A 78 6.89 -1.75 -5.78
C LYS A 78 7.05 -1.99 -4.28
N LYS A 79 7.91 -2.91 -3.84
CA LYS A 79 8.22 -3.09 -2.41
C LYS A 79 8.88 -1.83 -1.81
N ALA A 80 8.69 -1.61 -0.50
CA ALA A 80 9.15 -0.41 0.21
C ALA A 80 10.13 -0.66 1.37
N GLN A 81 10.71 -1.87 1.43
CA GLN A 81 11.62 -2.33 2.49
C GLN A 81 12.78 -3.18 1.92
N PRO A 82 13.96 -3.23 2.60
CA PRO A 82 15.09 -4.05 2.18
C PRO A 82 14.79 -5.55 2.35
N LYS A 83 15.21 -6.36 1.38
CA LYS A 83 15.05 -7.83 1.38
C LYS A 83 16.05 -8.53 2.33
N GLU A 84 15.74 -9.77 2.69
CA GLU A 84 16.57 -10.66 3.49
C GLU A 84 16.47 -12.12 2.99
N VAL A 85 17.53 -12.90 3.16
CA VAL A 85 17.67 -14.31 2.73
C VAL A 85 16.87 -15.32 3.58
N MET A 86 15.62 -14.96 3.92
CA MET A 86 14.67 -15.79 4.67
C MET A 86 14.33 -17.12 3.96
N SER A 87 13.98 -18.14 4.75
CA SER A 87 13.64 -19.50 4.29
C SER A 87 12.38 -20.05 5.00
N PRO A 88 11.19 -19.48 4.72
CA PRO A 88 9.94 -19.83 5.42
C PRO A 88 9.36 -21.21 5.01
N THR A 89 9.84 -21.80 3.92
CA THR A 89 9.40 -23.12 3.42
C THR A 89 9.71 -24.33 4.34
N GLY A 90 8.89 -25.38 4.25
CA GLY A 90 9.01 -26.59 5.07
C GLY A 90 7.84 -27.57 4.87
N SER A 91 7.73 -28.55 5.77
CA SER A 91 6.67 -29.57 5.80
C SER A 91 6.40 -30.08 7.23
N ALA A 92 5.22 -30.64 7.45
CA ALA A 92 4.76 -31.18 8.74
C ALA A 92 3.81 -32.38 8.55
N ARG A 93 3.66 -33.21 9.59
CA ARG A 93 2.78 -34.40 9.64
C ARG A 93 1.73 -34.29 10.76
N GLY A 94 0.65 -35.05 10.65
CA GLY A 94 -0.45 -35.10 11.64
C GLY A 94 -1.53 -36.13 11.30
N ARG A 95 -2.44 -36.39 12.25
CA ARG A 95 -3.57 -37.33 12.10
C ARG A 95 -4.64 -36.81 11.11
N SER A 96 -5.41 -37.74 10.54
CA SER A 96 -6.58 -37.48 9.67
C SER A 96 -7.79 -36.87 10.38
N GLY A 1 13.99 -15.27 1.14
CA GLY A 1 13.92 -13.80 1.32
C GLY A 1 13.01 -13.41 2.47
N SER A 2 13.33 -12.32 3.16
CA SER A 2 12.56 -11.80 4.32
C SER A 2 11.16 -11.30 3.94
N HIS A 3 10.22 -11.38 4.90
CA HIS A 3 8.85 -10.88 4.78
C HIS A 3 8.82 -9.34 4.60
N MET A 4 7.80 -8.83 3.90
CA MET A 4 7.60 -7.39 3.66
C MET A 4 6.15 -6.97 3.87
N LYS A 5 5.93 -5.86 4.58
CA LYS A 5 4.60 -5.37 5.01
C LYS A 5 4.17 -4.02 4.41
N LYS A 6 4.92 -3.47 3.45
CA LYS A 6 4.69 -2.13 2.88
C LYS A 6 4.95 -2.08 1.37
N ILE A 7 4.30 -1.14 0.68
CA ILE A 7 4.50 -0.87 -0.75
C ILE A 7 4.53 0.64 -1.08
N PHE A 8 5.20 0.95 -2.18
CA PHE A 8 5.20 2.23 -2.88
C PHE A 8 4.14 2.31 -3.99
N VAL A 9 3.55 3.47 -4.25
CA VAL A 9 2.53 3.69 -5.29
C VAL A 9 2.87 4.96 -6.07
N GLY A 10 2.75 4.92 -7.40
CA GLY A 10 3.08 6.06 -8.27
C GLY A 10 2.26 6.11 -9.57
N GLY A 11 2.12 7.33 -10.11
CA GLY A 11 1.22 7.63 -11.23
C GLY A 11 -0.14 8.19 -10.79
N LEU A 12 -0.28 8.65 -9.54
CA LEU A 12 -1.46 9.34 -9.03
C LEU A 12 -1.65 10.71 -9.70
N SER A 13 -2.86 11.26 -9.65
CA SER A 13 -3.20 12.60 -10.19
C SER A 13 -3.94 13.46 -9.17
N VAL A 14 -4.49 14.60 -9.61
CA VAL A 14 -5.31 15.50 -8.77
C VAL A 14 -6.72 14.96 -8.54
N ASN A 15 -7.15 13.96 -9.32
CA ASN A 15 -8.41 13.26 -9.08
C ASN A 15 -8.32 12.27 -7.90
N THR A 16 -7.15 11.67 -7.69
CA THR A 16 -6.87 10.75 -6.58
C THR A 16 -6.63 11.39 -5.20
N THR A 17 -7.07 10.73 -4.12
CA THR A 17 -6.82 11.13 -2.72
C THR A 17 -6.54 9.95 -1.80
N VAL A 18 -5.88 10.19 -0.67
CA VAL A 18 -5.38 9.16 0.25
C VAL A 18 -6.46 8.20 0.79
N GLU A 19 -7.67 8.71 1.02
CA GLU A 19 -8.82 7.89 1.46
C GLU A 19 -9.27 6.91 0.37
N ASP A 20 -9.27 7.35 -0.90
CA ASP A 20 -9.56 6.50 -2.06
C ASP A 20 -8.46 5.50 -2.43
N VAL A 21 -7.19 5.89 -2.23
CA VAL A 21 -6.04 4.96 -2.33
C VAL A 21 -6.18 3.86 -1.28
N LYS A 22 -6.44 4.21 -0.01
CA LYS A 22 -6.64 3.24 1.07
C LYS A 22 -7.83 2.31 0.78
N HIS A 23 -8.99 2.88 0.41
CA HIS A 23 -10.20 2.12 0.06
C HIS A 23 -9.98 1.14 -1.11
N TYR A 24 -9.25 1.56 -2.15
CA TYR A 24 -8.88 0.68 -3.25
C TYR A 24 -7.94 -0.47 -2.87
N PHE A 25 -6.85 -0.16 -2.16
CA PHE A 25 -5.91 -1.18 -1.69
C PHE A 25 -6.44 -2.20 -0.67
N GLU A 26 -7.43 -1.79 0.15
CA GLU A 26 -8.18 -2.68 1.06
C GLU A 26 -8.94 -3.82 0.35
N GLN A 27 -9.25 -3.69 -0.94
CA GLN A 27 -10.00 -4.72 -1.69
C GLN A 27 -9.18 -6.01 -1.91
N PHE A 28 -7.85 -5.92 -1.95
CA PHE A 28 -6.94 -7.07 -2.01
C PHE A 28 -6.77 -7.83 -0.68
N GLY A 29 -6.78 -7.09 0.43
CA GLY A 29 -6.55 -7.53 1.80
C GLY A 29 -6.35 -6.32 2.71
N LYS A 30 -6.38 -6.51 4.05
CA LYS A 30 -6.44 -5.39 4.99
C LYS A 30 -5.18 -4.50 4.96
N VAL A 31 -5.40 -3.20 4.73
CA VAL A 31 -4.42 -2.13 4.80
C VAL A 31 -4.48 -1.51 6.19
N ASP A 32 -3.33 -1.29 6.82
CA ASP A 32 -3.22 -0.50 8.06
C ASP A 32 -3.46 1.00 7.85
N ASP A 33 -2.75 1.58 6.89
CA ASP A 33 -2.79 3.00 6.49
C ASP A 33 -2.15 3.28 5.12
N ALA A 34 -2.49 4.42 4.53
CA ALA A 34 -1.88 4.94 3.31
C ALA A 34 -1.51 6.42 3.50
N MET A 35 -0.47 6.88 2.80
CA MET A 35 0.06 8.25 2.88
C MET A 35 0.65 8.72 1.54
N LEU A 36 0.64 10.04 1.33
CA LEU A 36 1.13 10.71 0.12
C LEU A 36 2.20 11.73 0.53
N MET A 37 3.34 11.74 -0.18
CA MET A 37 4.46 12.62 0.17
C MET A 37 4.27 14.04 -0.39
N PHE A 38 3.49 14.84 0.35
CA PHE A 38 3.34 16.29 0.14
C PHE A 38 4.64 17.10 0.25
N ASP A 39 4.93 17.97 -0.72
CA ASP A 39 6.15 18.77 -0.77
C ASP A 39 5.93 20.24 -0.35
N LYS A 40 6.70 20.74 0.63
CA LYS A 40 6.60 22.11 1.16
C LYS A 40 6.80 23.22 0.12
N THR A 41 7.51 22.95 -0.99
CA THR A 41 7.64 23.88 -2.13
C THR A 41 6.45 23.96 -3.09
N THR A 42 5.52 22.99 -2.99
CA THR A 42 4.35 22.82 -3.87
C THR A 42 2.97 22.81 -3.18
N ASN A 43 2.93 22.47 -1.89
CA ASN A 43 1.73 22.23 -1.10
C ASN A 43 0.82 21.10 -1.63
N ARG A 44 1.39 20.15 -2.41
CA ARG A 44 0.70 18.95 -2.94
C ARG A 44 1.65 17.75 -3.03
N HIS A 45 1.10 16.56 -3.30
CA HIS A 45 1.90 15.39 -3.66
C HIS A 45 2.45 15.51 -5.10
N ARG A 46 3.51 14.74 -5.41
CA ARG A 46 4.17 14.70 -6.73
C ARG A 46 3.72 13.54 -7.64
N GLY A 47 2.53 13.00 -7.38
CA GLY A 47 1.97 11.83 -8.09
C GLY A 47 2.35 10.47 -7.49
N PHE A 48 2.88 10.45 -6.25
CA PHE A 48 3.34 9.24 -5.56
C PHE A 48 3.18 9.21 -4.02
N GLY A 49 3.17 8.00 -3.45
CA GLY A 49 3.00 7.75 -2.02
C GLY A 49 3.28 6.31 -1.60
N PHE A 50 2.76 5.92 -0.43
CA PHE A 50 3.00 4.65 0.26
C PHE A 50 1.77 4.01 0.91
N VAL A 51 1.75 2.67 1.03
CA VAL A 51 0.69 1.90 1.69
C VAL A 51 1.25 0.81 2.61
N THR A 52 0.83 0.79 3.87
CA THR A 52 1.16 -0.24 4.87
C THR A 52 0.10 -1.32 4.93
N PHE A 53 0.53 -2.58 4.83
CA PHE A 53 -0.29 -3.79 4.87
C PHE A 53 -0.22 -4.66 6.13
N GLU A 54 -1.30 -5.37 6.46
CA GLU A 54 -1.30 -6.33 7.60
C GLU A 54 -0.47 -7.60 7.32
N SER A 55 -0.48 -8.12 6.08
CA SER A 55 0.11 -9.41 5.72
C SER A 55 0.93 -9.37 4.42
N GLU A 56 2.09 -10.04 4.43
CA GLU A 56 3.01 -10.14 3.31
C GLU A 56 2.41 -10.91 2.12
N ASP A 57 1.51 -11.88 2.37
CA ASP A 57 0.80 -12.60 1.32
C ASP A 57 -0.07 -11.73 0.41
N ILE A 58 -0.61 -10.63 0.96
CA ILE A 58 -1.32 -9.59 0.20
C ILE A 58 -0.32 -8.72 -0.58
N VAL A 59 0.74 -8.25 0.09
CA VAL A 59 1.77 -7.36 -0.48
C VAL A 59 2.39 -8.00 -1.73
N GLU A 60 2.69 -9.30 -1.70
CA GLU A 60 3.24 -10.02 -2.85
C GLU A 60 2.34 -9.94 -4.09
N LYS A 61 1.03 -10.27 -3.97
CA LYS A 61 0.11 -10.17 -5.10
C LYS A 61 -0.11 -8.72 -5.56
N VAL A 62 -0.32 -7.78 -4.65
CA VAL A 62 -0.51 -6.36 -5.01
C VAL A 62 0.69 -5.84 -5.80
N CYS A 63 1.92 -6.21 -5.40
CA CYS A 63 3.15 -5.83 -6.11
C CYS A 63 3.37 -6.59 -7.43
N GLU A 64 2.91 -7.85 -7.55
CA GLU A 64 2.92 -8.60 -8.82
C GLU A 64 1.97 -8.01 -9.87
N ILE A 65 0.80 -7.51 -9.45
CA ILE A 65 -0.16 -6.83 -10.33
C ILE A 65 0.38 -5.44 -10.72
N HIS A 66 0.25 -5.07 -11.99
CA HIS A 66 0.58 -3.73 -12.50
C HIS A 66 -0.57 -3.10 -13.31
N PHE A 67 -0.55 -1.77 -13.44
CA PHE A 67 -1.65 -0.97 -13.95
C PHE A 67 -2.99 -1.04 -13.20
N HIS A 68 -2.89 -0.96 -11.87
CA HIS A 68 -4.01 -0.76 -10.94
C HIS A 68 -4.80 0.52 -11.28
N GLU A 69 -6.09 0.60 -10.94
CA GLU A 69 -6.92 1.77 -11.29
C GLU A 69 -7.74 2.32 -10.12
N ILE A 70 -7.73 3.64 -9.94
CA ILE A 70 -8.34 4.35 -8.80
C ILE A 70 -9.39 5.35 -9.32
N ASN A 71 -9.32 6.61 -8.91
CA ASN A 71 -10.21 7.70 -9.31
C ASN A 71 -10.03 8.10 -10.79
N ASN A 72 -10.53 7.25 -11.70
CA ASN A 72 -10.33 7.24 -13.16
C ASN A 72 -8.86 7.06 -13.63
N LYS A 73 -7.86 7.52 -12.87
CA LYS A 73 -6.42 7.42 -13.12
C LYS A 73 -5.90 6.00 -12.84
N MET A 74 -4.99 5.53 -13.69
CA MET A 74 -4.24 4.28 -13.50
C MET A 74 -2.84 4.53 -12.89
N VAL A 75 -2.34 3.57 -12.13
CA VAL A 75 -1.14 3.62 -11.27
C VAL A 75 -0.32 2.33 -11.30
N GLU A 76 0.94 2.41 -10.88
CA GLU A 76 1.82 1.26 -10.65
C GLU A 76 2.41 1.27 -9.22
N CYS A 77 2.94 0.14 -8.77
CA CYS A 77 3.44 -0.06 -7.41
C CYS A 77 4.69 -0.95 -7.33
N LYS A 78 5.40 -0.85 -6.20
CA LYS A 78 6.67 -1.57 -5.89
C LYS A 78 6.73 -1.93 -4.39
N LYS A 79 7.63 -2.83 -3.99
CA LYS A 79 7.93 -3.09 -2.57
C LYS A 79 8.49 -1.83 -1.88
N ALA A 80 8.24 -1.68 -0.58
CA ALA A 80 8.75 -0.57 0.24
C ALA A 80 9.46 -1.06 1.52
N GLN A 81 10.46 -0.30 1.95
CA GLN A 81 11.41 -0.69 2.97
C GLN A 81 10.82 -0.69 4.41
N PRO A 82 11.10 -1.71 5.24
CA PRO A 82 10.79 -1.67 6.66
C PRO A 82 11.76 -0.70 7.37
N LYS A 83 11.23 0.30 8.08
CA LYS A 83 11.96 1.40 8.74
C LYS A 83 11.39 1.76 10.13
N GLU A 84 10.53 0.90 10.67
CA GLU A 84 9.76 1.08 11.90
C GLU A 84 9.50 -0.27 12.60
N VAL A 85 9.18 -0.23 13.89
CA VAL A 85 8.82 -1.40 14.72
C VAL A 85 7.81 -1.05 15.81
N MET A 86 6.88 -1.97 16.10
CA MET A 86 5.79 -1.82 17.06
C MET A 86 5.49 -3.14 17.80
N SER A 87 4.97 -3.05 19.03
CA SER A 87 4.53 -4.18 19.85
C SER A 87 3.55 -3.69 20.93
N PRO A 88 2.36 -4.29 21.09
CA PRO A 88 1.34 -3.81 22.01
C PRO A 88 1.68 -4.11 23.49
N THR A 89 1.14 -3.29 24.40
CA THR A 89 1.33 -3.39 25.86
C THR A 89 0.04 -3.30 26.69
N GLY A 90 0.05 -3.88 27.89
CA GLY A 90 -1.14 -4.00 28.76
C GLY A 90 -2.19 -5.00 28.27
N SER A 91 -3.30 -5.12 29.01
CA SER A 91 -4.44 -5.98 28.70
C SER A 91 -5.71 -5.51 29.41
N ALA A 92 -6.89 -5.95 28.95
CA ALA A 92 -8.18 -5.65 29.57
C ALA A 92 -8.35 -6.29 30.96
N ARG A 93 -9.19 -5.68 31.80
CA ARG A 93 -9.49 -6.11 33.19
C ARG A 93 -10.98 -6.04 33.51
N GLY A 94 -11.44 -6.84 34.47
CA GLY A 94 -12.83 -6.89 34.95
C GLY A 94 -13.23 -5.77 35.93
N ARG A 95 -12.26 -4.97 36.41
CA ARG A 95 -12.48 -3.83 37.32
C ARG A 95 -13.23 -2.66 36.67
N SER A 96 -13.98 -1.91 37.49
CA SER A 96 -14.76 -0.71 37.09
C SER A 96 -13.89 0.43 36.55
N GLY A 1 8.15 -13.34 0.52
CA GLY A 1 9.10 -12.37 -0.05
C GLY A 1 10.24 -12.08 0.91
N SER A 2 10.14 -11.00 1.66
CA SER A 2 11.16 -10.45 2.57
C SER A 2 10.55 -9.93 3.89
N HIS A 3 9.38 -10.46 4.29
CA HIS A 3 8.54 -9.99 5.41
C HIS A 3 8.04 -8.53 5.23
N MET A 4 7.99 -8.03 4.00
CA MET A 4 7.53 -6.66 3.72
C MET A 4 6.01 -6.56 3.87
N LYS A 5 5.57 -5.47 4.51
CA LYS A 5 4.15 -5.22 4.88
C LYS A 5 3.81 -3.75 4.61
N LYS A 6 4.43 -3.24 3.53
CA LYS A 6 4.52 -1.84 3.12
C LYS A 6 4.87 -1.82 1.63
N ILE A 7 4.30 -0.89 0.87
CA ILE A 7 4.57 -0.71 -0.57
C ILE A 7 4.57 0.76 -0.99
N PHE A 8 5.29 1.06 -2.08
CA PHE A 8 5.22 2.32 -2.83
C PHE A 8 4.10 2.34 -3.88
N VAL A 9 3.50 3.49 -4.18
CA VAL A 9 2.47 3.68 -5.22
C VAL A 9 2.78 4.96 -6.02
N GLY A 10 2.63 4.92 -7.35
CA GLY A 10 2.93 6.06 -8.22
C GLY A 10 2.12 6.11 -9.53
N GLY A 11 1.86 7.33 -10.00
CA GLY A 11 0.97 7.63 -11.13
C GLY A 11 -0.41 8.16 -10.73
N LEU A 12 -0.60 8.52 -9.44
CA LEU A 12 -1.87 8.99 -8.88
C LEU A 12 -2.34 10.32 -9.50
N SER A 13 -3.63 10.40 -9.84
CA SER A 13 -4.28 11.64 -10.29
C SER A 13 -4.31 12.71 -9.20
N VAL A 14 -4.43 13.99 -9.59
CA VAL A 14 -4.72 15.11 -8.66
C VAL A 14 -6.16 15.06 -8.16
N ASN A 15 -7.02 14.28 -8.85
CA ASN A 15 -8.36 13.95 -8.37
C ASN A 15 -8.33 13.02 -7.15
N THR A 16 -7.33 12.13 -7.09
CA THR A 16 -7.07 11.20 -6.00
C THR A 16 -6.52 11.82 -4.71
N THR A 17 -6.93 11.27 -3.57
CA THR A 17 -6.43 11.59 -2.22
C THR A 17 -6.18 10.34 -1.38
N VAL A 18 -5.56 10.48 -0.20
CA VAL A 18 -5.14 9.36 0.65
C VAL A 18 -6.28 8.42 1.07
N GLU A 19 -7.49 8.95 1.25
CA GLU A 19 -8.70 8.19 1.53
C GLU A 19 -9.12 7.30 0.34
N ASP A 20 -9.00 7.81 -0.90
CA ASP A 20 -9.23 7.02 -2.12
C ASP A 20 -8.25 5.86 -2.30
N VAL A 21 -6.96 6.11 -2.01
CA VAL A 21 -5.90 5.10 -2.05
C VAL A 21 -6.18 3.99 -1.04
N LYS A 22 -6.46 4.33 0.23
CA LYS A 22 -6.78 3.34 1.27
C LYS A 22 -8.06 2.56 0.94
N HIS A 23 -9.12 3.24 0.48
CA HIS A 23 -10.37 2.61 0.04
C HIS A 23 -10.16 1.64 -1.13
N TYR A 24 -9.33 2.00 -2.11
CA TYR A 24 -8.99 1.12 -3.23
C TYR A 24 -8.20 -0.15 -2.85
N PHE A 25 -7.08 0.03 -2.15
CA PHE A 25 -6.20 -1.08 -1.76
C PHE A 25 -6.77 -2.13 -0.80
N GLU A 26 -7.83 -1.79 -0.06
CA GLU A 26 -8.56 -2.71 0.83
C GLU A 26 -9.28 -3.87 0.10
N GLN A 27 -9.41 -3.83 -1.23
CA GLN A 27 -10.02 -4.93 -2.00
C GLN A 27 -9.19 -6.24 -1.93
N PHE A 28 -7.86 -6.14 -1.76
CA PHE A 28 -6.94 -7.28 -1.74
C PHE A 28 -6.84 -7.91 -0.35
N GLY A 29 -6.96 -7.09 0.70
CA GLY A 29 -6.83 -7.44 2.11
C GLY A 29 -6.68 -6.18 2.97
N LYS A 30 -6.53 -6.34 4.29
CA LYS A 30 -6.52 -5.21 5.24
C LYS A 30 -5.32 -4.27 5.02
N VAL A 31 -5.64 -3.01 4.73
CA VAL A 31 -4.68 -1.89 4.69
C VAL A 31 -4.67 -1.23 6.07
N ASP A 32 -3.49 -1.18 6.69
CA ASP A 32 -3.29 -0.54 8.00
C ASP A 32 -3.26 0.99 7.98
N ASP A 33 -2.66 1.59 6.94
CA ASP A 33 -2.51 3.03 6.77
C ASP A 33 -2.11 3.34 5.30
N ALA A 34 -2.22 4.60 4.89
CA ALA A 34 -1.74 5.12 3.61
C ALA A 34 -1.22 6.57 3.74
N MET A 35 -0.35 7.00 2.83
CA MET A 35 0.29 8.33 2.83
C MET A 35 0.76 8.75 1.44
N LEU A 36 0.90 10.06 1.21
CA LEU A 36 1.32 10.68 -0.04
C LEU A 36 2.49 11.64 0.17
N MET A 37 3.33 11.84 -0.85
CA MET A 37 4.43 12.82 -0.83
C MET A 37 3.95 14.19 -1.36
N PHE A 38 4.35 15.28 -0.71
CA PHE A 38 3.84 16.64 -0.93
C PHE A 38 4.85 17.74 -1.34
N ASP A 39 4.37 18.82 -1.95
CA ASP A 39 5.11 20.07 -2.21
C ASP A 39 4.39 21.37 -1.82
N LYS A 40 5.12 22.31 -1.19
CA LYS A 40 4.59 23.61 -0.75
C LYS A 40 4.27 24.54 -1.93
N THR A 41 5.15 24.57 -2.93
CA THR A 41 5.01 25.39 -4.15
C THR A 41 3.88 24.96 -5.11
N THR A 42 3.61 23.65 -5.17
CA THR A 42 2.46 23.06 -5.89
C THR A 42 1.15 23.02 -5.10
N ASN A 43 1.25 23.07 -3.76
CA ASN A 43 0.17 22.94 -2.78
C ASN A 43 -0.64 21.63 -2.93
N ARG A 44 -0.02 20.55 -3.44
CA ARG A 44 -0.64 19.24 -3.69
C ARG A 44 0.38 18.10 -3.64
N HIS A 45 -0.10 16.86 -3.73
CA HIS A 45 0.76 15.67 -3.75
C HIS A 45 1.50 15.52 -5.10
N ARG A 46 2.62 14.79 -5.09
CA ARG A 46 3.54 14.57 -6.23
C ARG A 46 3.06 13.56 -7.28
N GLY A 47 1.89 12.95 -7.08
CA GLY A 47 1.42 11.79 -7.86
C GLY A 47 1.97 10.45 -7.35
N PHE A 48 2.61 10.43 -6.18
CA PHE A 48 3.15 9.24 -5.51
C PHE A 48 3.06 9.19 -3.98
N GLY A 49 3.10 7.99 -3.41
CA GLY A 49 2.94 7.74 -1.98
C GLY A 49 3.30 6.31 -1.54
N PHE A 50 2.83 5.93 -0.36
CA PHE A 50 3.04 4.62 0.27
C PHE A 50 1.79 4.04 0.95
N VAL A 51 1.69 2.72 1.05
CA VAL A 51 0.56 1.99 1.67
C VAL A 51 1.05 0.87 2.59
N THR A 52 0.54 0.82 3.82
CA THR A 52 0.79 -0.22 4.84
C THR A 52 -0.20 -1.37 4.81
N PHE A 53 0.28 -2.60 4.97
CA PHE A 53 -0.50 -3.83 4.94
C PHE A 53 -0.48 -4.72 6.20
N GLU A 54 -1.55 -5.48 6.44
CA GLU A 54 -1.63 -6.39 7.60
C GLU A 54 -0.69 -7.61 7.51
N SER A 55 -0.38 -8.09 6.29
CA SER A 55 0.52 -9.22 6.05
C SER A 55 1.15 -9.18 4.66
N GLU A 56 2.37 -9.71 4.52
CA GLU A 56 3.03 -9.94 3.23
C GLU A 56 2.21 -10.84 2.30
N ASP A 57 1.42 -11.77 2.86
CA ASP A 57 0.50 -12.63 2.09
C ASP A 57 -0.52 -11.88 1.23
N ILE A 58 -0.87 -10.66 1.61
CA ILE A 58 -1.66 -9.73 0.79
C ILE A 58 -0.75 -9.02 -0.23
N VAL A 59 0.35 -8.43 0.25
CA VAL A 59 1.28 -7.60 -0.54
C VAL A 59 1.81 -8.32 -1.77
N GLU A 60 2.06 -9.63 -1.69
CA GLU A 60 2.51 -10.46 -2.82
C GLU A 60 1.61 -10.33 -4.06
N LYS A 61 0.28 -10.42 -3.91
CA LYS A 61 -0.66 -10.21 -5.03
C LYS A 61 -0.66 -8.75 -5.48
N VAL A 62 -0.71 -7.79 -4.55
CA VAL A 62 -0.66 -6.36 -4.89
C VAL A 62 0.54 -5.99 -5.76
N CYS A 63 1.72 -6.54 -5.44
CA CYS A 63 2.97 -6.37 -6.20
C CYS A 63 3.00 -7.12 -7.55
N GLU A 64 2.42 -8.33 -7.62
CA GLU A 64 2.30 -9.10 -8.87
C GLU A 64 1.36 -8.42 -9.90
N ILE A 65 0.30 -7.75 -9.42
CA ILE A 65 -0.55 -6.88 -10.27
C ILE A 65 0.24 -5.60 -10.61
N HIS A 66 0.61 -5.39 -11.88
CA HIS A 66 1.35 -4.20 -12.30
C HIS A 66 0.47 -2.94 -12.26
N PHE A 67 -0.61 -2.92 -13.05
CA PHE A 67 -1.53 -1.79 -13.15
C PHE A 67 -2.79 -1.82 -12.25
N HIS A 68 -3.07 -0.71 -11.58
CA HIS A 68 -4.13 -0.54 -10.58
C HIS A 68 -5.02 0.67 -10.94
N GLU A 69 -6.33 0.47 -11.07
CA GLU A 69 -7.25 1.51 -11.60
C GLU A 69 -7.85 2.39 -10.48
N ILE A 70 -7.41 3.65 -10.38
CA ILE A 70 -7.83 4.61 -9.34
C ILE A 70 -8.31 5.92 -9.97
N ASN A 71 -9.56 6.33 -9.68
CA ASN A 71 -10.22 7.49 -10.31
C ASN A 71 -10.12 7.47 -11.85
N ASN A 72 -10.36 6.29 -12.44
CA ASN A 72 -10.21 5.93 -13.86
C ASN A 72 -8.76 5.98 -14.43
N LYS A 73 -7.76 6.53 -13.71
CA LYS A 73 -6.33 6.58 -14.09
C LYS A 73 -5.62 5.32 -13.61
N MET A 74 -4.68 4.79 -14.40
CA MET A 74 -3.84 3.67 -13.95
C MET A 74 -2.60 4.13 -13.16
N VAL A 75 -2.40 3.52 -12.00
CA VAL A 75 -1.20 3.60 -11.15
C VAL A 75 -0.42 2.28 -11.14
N GLU A 76 0.84 2.32 -10.72
CA GLU A 76 1.63 1.10 -10.44
C GLU A 76 2.25 1.18 -9.04
N CYS A 77 2.69 0.03 -8.53
CA CYS A 77 3.23 -0.12 -7.18
C CYS A 77 4.54 -0.93 -7.13
N LYS A 78 5.32 -0.73 -6.06
CA LYS A 78 6.68 -1.28 -5.87
C LYS A 78 6.93 -1.65 -4.41
N LYS A 79 7.98 -2.41 -4.14
CA LYS A 79 8.42 -2.76 -2.77
C LYS A 79 8.74 -1.53 -1.92
N ALA A 80 8.58 -1.69 -0.61
CA ALA A 80 9.02 -0.77 0.43
C ALA A 80 9.53 -1.57 1.65
N GLN A 81 10.41 -0.97 2.46
CA GLN A 81 11.15 -1.70 3.50
C GLN A 81 10.25 -2.25 4.63
N PRO A 82 10.57 -3.43 5.21
CA PRO A 82 9.72 -4.15 6.17
C PRO A 82 9.56 -3.45 7.53
N LYS A 83 8.60 -3.96 8.32
CA LYS A 83 8.32 -3.60 9.73
C LYS A 83 8.06 -4.85 10.57
N GLU A 84 8.13 -4.72 11.89
CA GLU A 84 7.86 -5.79 12.86
C GLU A 84 6.42 -6.31 12.81
N VAL A 85 6.24 -7.57 13.21
CA VAL A 85 4.94 -8.24 13.38
C VAL A 85 4.25 -7.93 14.72
N MET A 86 2.91 -7.99 14.74
CA MET A 86 2.07 -7.80 15.94
C MET A 86 0.74 -8.57 15.84
N SER A 87 0.07 -8.77 16.97
CA SER A 87 -1.26 -9.40 17.07
C SER A 87 -1.99 -8.95 18.34
N PRO A 88 -3.28 -8.52 18.26
CA PRO A 88 -4.06 -8.08 19.42
C PRO A 88 -4.72 -9.23 20.20
N THR A 89 -4.70 -10.47 19.66
CA THR A 89 -5.36 -11.64 20.27
C THR A 89 -4.74 -12.20 21.56
N GLY A 90 -5.52 -12.96 22.33
CA GLY A 90 -5.11 -13.58 23.60
C GLY A 90 -6.07 -14.67 24.07
N SER A 91 -5.72 -15.35 25.17
CA SER A 91 -6.51 -16.47 25.74
C SER A 91 -7.83 -16.03 26.36
N ALA A 92 -8.86 -16.87 26.20
CA ALA A 92 -10.21 -16.71 26.76
C ALA A 92 -10.93 -18.07 26.93
N ARG A 93 -11.96 -18.11 27.78
CA ARG A 93 -12.79 -19.30 28.04
C ARG A 93 -14.22 -18.94 28.46
N GLY A 94 -15.17 -19.86 28.21
CA GLY A 94 -16.54 -19.79 28.71
C GLY A 94 -16.72 -20.31 30.14
N ARG A 95 -17.92 -20.14 30.71
CA ARG A 95 -18.32 -20.71 32.01
C ARG A 95 -18.57 -22.22 31.96
N SER A 96 -18.70 -22.84 33.14
CA SER A 96 -19.19 -24.22 33.33
C SER A 96 -20.66 -24.39 32.95
N GLY A 1 8.17 -13.14 -4.13
CA GLY A 1 8.34 -11.77 -4.68
C GLY A 1 8.72 -10.77 -3.61
N SER A 2 7.78 -10.39 -2.74
CA SER A 2 8.01 -9.55 -1.56
C SER A 2 8.23 -10.35 -0.27
N HIS A 3 8.95 -9.75 0.68
CA HIS A 3 9.13 -10.19 2.07
C HIS A 3 8.81 -9.04 3.05
N MET A 4 7.98 -8.09 2.62
CA MET A 4 7.66 -6.84 3.31
C MET A 4 6.16 -6.51 3.22
N LYS A 5 5.57 -6.07 4.33
CA LYS A 5 4.13 -5.74 4.46
C LYS A 5 3.83 -4.27 4.13
N LYS A 6 4.58 -3.67 3.20
CA LYS A 6 4.52 -2.26 2.81
C LYS A 6 4.89 -2.09 1.33
N ILE A 7 4.31 -1.07 0.68
CA ILE A 7 4.52 -0.77 -0.75
C ILE A 7 4.60 0.72 -1.07
N PHE A 8 5.39 1.04 -2.10
CA PHE A 8 5.40 2.32 -2.80
C PHE A 8 4.36 2.35 -3.92
N VAL A 9 3.73 3.51 -4.17
CA VAL A 9 2.72 3.70 -5.21
C VAL A 9 3.03 4.96 -6.01
N GLY A 10 2.95 4.90 -7.34
CA GLY A 10 3.23 6.04 -8.23
C GLY A 10 2.42 6.07 -9.52
N GLY A 11 2.09 7.29 -9.98
CA GLY A 11 1.22 7.56 -11.15
C GLY A 11 -0.16 8.10 -10.78
N LEU A 12 -0.42 8.41 -9.51
CA LEU A 12 -1.71 8.90 -9.00
C LEU A 12 -2.14 10.23 -9.66
N SER A 13 -3.43 10.37 -9.98
CA SER A 13 -4.03 11.63 -10.43
C SER A 13 -3.96 12.73 -9.37
N VAL A 14 -3.99 14.00 -9.79
CA VAL A 14 -4.16 15.16 -8.90
C VAL A 14 -5.58 15.24 -8.32
N ASN A 15 -6.54 14.58 -8.98
CA ASN A 15 -7.91 14.43 -8.49
C ASN A 15 -8.03 13.47 -7.29
N THR A 16 -7.11 12.51 -7.17
CA THR A 16 -7.07 11.48 -6.12
C THR A 16 -6.63 12.01 -4.75
N THR A 17 -7.23 11.49 -3.68
CA THR A 17 -6.81 11.69 -2.29
C THR A 17 -6.52 10.39 -1.52
N VAL A 18 -5.83 10.48 -0.39
CA VAL A 18 -5.35 9.30 0.38
C VAL A 18 -6.45 8.34 0.83
N GLU A 19 -7.66 8.84 1.09
CA GLU A 19 -8.84 8.01 1.39
C GLU A 19 -9.28 7.14 0.20
N ASP A 20 -9.12 7.63 -1.03
CA ASP A 20 -9.38 6.86 -2.25
C ASP A 20 -8.31 5.76 -2.36
N VAL A 21 -7.04 6.11 -2.17
CA VAL A 21 -5.92 5.16 -2.27
C VAL A 21 -6.08 4.01 -1.27
N LYS A 22 -6.43 4.31 -0.02
CA LYS A 22 -6.75 3.28 0.99
C LYS A 22 -7.94 2.41 0.57
N HIS A 23 -9.04 3.00 0.09
CA HIS A 23 -10.22 2.27 -0.40
C HIS A 23 -9.90 1.34 -1.58
N TYR A 24 -9.10 1.79 -2.55
CA TYR A 24 -8.60 0.97 -3.65
C TYR A 24 -7.67 -0.18 -3.28
N PHE A 25 -6.77 0.02 -2.32
CA PHE A 25 -5.90 -1.04 -1.79
C PHE A 25 -6.54 -2.05 -0.81
N GLU A 26 -7.57 -1.62 -0.07
CA GLU A 26 -8.43 -2.46 0.77
C GLU A 26 -9.17 -3.59 0.01
N GLN A 27 -9.28 -3.48 -1.31
CA GLN A 27 -9.87 -4.53 -2.17
C GLN A 27 -9.01 -5.81 -2.20
N PHE A 28 -7.70 -5.71 -1.92
CA PHE A 28 -6.78 -6.86 -1.84
C PHE A 28 -6.67 -7.49 -0.45
N GLY A 29 -6.70 -6.65 0.60
CA GLY A 29 -6.61 -7.03 2.01
C GLY A 29 -6.43 -5.80 2.91
N LYS A 30 -6.41 -5.99 4.23
CA LYS A 30 -6.41 -4.89 5.21
C LYS A 30 -5.21 -3.94 5.06
N VAL A 31 -5.51 -2.65 4.96
CA VAL A 31 -4.55 -1.54 4.92
C VAL A 31 -4.48 -0.91 6.31
N ASP A 32 -3.32 -0.95 6.95
CA ASP A 32 -3.08 -0.32 8.25
C ASP A 32 -2.88 1.19 8.21
N ASP A 33 -2.19 1.67 7.18
CA ASP A 33 -1.86 3.08 6.90
C ASP A 33 -1.67 3.42 5.42
N ALA A 34 -1.92 4.67 5.04
CA ALA A 34 -1.67 5.20 3.68
C ALA A 34 -1.24 6.67 3.76
N MET A 35 -0.33 7.11 2.89
CA MET A 35 0.23 8.47 2.88
C MET A 35 0.81 8.85 1.52
N LEU A 36 0.73 10.14 1.18
CA LEU A 36 1.11 10.70 -0.13
C LEU A 36 2.08 11.88 0.02
N MET A 37 2.91 12.12 -1.01
CA MET A 37 3.92 13.18 -1.02
C MET A 37 3.33 14.56 -1.29
N PHE A 38 2.58 15.12 -0.31
CA PHE A 38 2.07 16.49 -0.31
C PHE A 38 3.11 17.62 -0.36
N ASP A 39 2.83 18.69 -1.11
CA ASP A 39 3.70 19.87 -1.26
C ASP A 39 2.99 21.18 -0.88
N LYS A 40 3.51 21.90 0.12
CA LYS A 40 2.90 23.11 0.69
C LYS A 40 2.81 24.30 -0.29
N THR A 41 3.64 24.34 -1.33
CA THR A 41 3.53 25.35 -2.42
C THR A 41 2.40 25.12 -3.42
N THR A 42 1.84 23.91 -3.44
CA THR A 42 0.77 23.47 -4.36
C THR A 42 -0.53 23.01 -3.70
N ASN A 43 -0.50 22.68 -2.41
CA ASN A 43 -1.60 22.13 -1.61
C ASN A 43 -2.17 20.80 -2.17
N ARG A 44 -1.34 20.03 -2.90
CA ARG A 44 -1.65 18.70 -3.44
C ARG A 44 -0.39 17.81 -3.43
N HIS A 45 -0.53 16.53 -3.76
CA HIS A 45 0.58 15.57 -3.79
C HIS A 45 1.26 15.44 -5.16
N ARG A 46 2.50 14.95 -5.16
CA ARG A 46 3.36 14.78 -6.35
C ARG A 46 2.94 13.65 -7.32
N GLY A 47 1.86 12.94 -7.04
CA GLY A 47 1.42 11.74 -7.79
C GLY A 47 2.02 10.42 -7.28
N PHE A 48 2.64 10.42 -6.10
CA PHE A 48 3.24 9.25 -5.45
C PHE A 48 3.14 9.19 -3.91
N GLY A 49 3.29 8.00 -3.33
CA GLY A 49 3.21 7.76 -1.89
C GLY A 49 3.51 6.33 -1.45
N PHE A 50 3.06 6.00 -0.23
CA PHE A 50 3.23 4.70 0.44
C PHE A 50 1.96 4.12 1.08
N VAL A 51 1.86 2.79 1.13
CA VAL A 51 0.75 2.03 1.75
C VAL A 51 1.25 0.88 2.61
N THR A 52 0.80 0.81 3.86
CA THR A 52 1.09 -0.26 4.83
C THR A 52 -0.02 -1.31 4.84
N PHE A 53 0.36 -2.57 4.68
CA PHE A 53 -0.50 -3.75 4.75
C PHE A 53 -0.51 -4.54 6.07
N GLU A 54 -1.56 -5.31 6.33
CA GLU A 54 -1.61 -6.28 7.43
C GLU A 54 -0.55 -7.39 7.30
N SER A 55 -0.28 -7.86 6.08
CA SER A 55 0.68 -8.95 5.81
C SER A 55 1.33 -8.86 4.43
N GLU A 56 2.60 -9.24 4.37
CA GLU A 56 3.37 -9.45 3.15
C GLU A 56 2.74 -10.49 2.21
N ASP A 57 1.97 -11.45 2.75
CA ASP A 57 1.18 -12.40 1.96
C ASP A 57 0.09 -11.78 1.06
N ILE A 58 -0.43 -10.61 1.44
CA ILE A 58 -1.30 -9.79 0.58
C ILE A 58 -0.45 -9.04 -0.44
N VAL A 59 0.60 -8.34 0.04
CA VAL A 59 1.48 -7.49 -0.79
C VAL A 59 2.09 -8.28 -1.96
N GLU A 60 2.36 -9.57 -1.79
CA GLU A 60 2.82 -10.46 -2.87
C GLU A 60 1.99 -10.36 -4.16
N LYS A 61 0.65 -10.31 -4.06
CA LYS A 61 -0.23 -10.08 -5.21
C LYS A 61 -0.24 -8.60 -5.64
N VAL A 62 -0.35 -7.67 -4.69
CA VAL A 62 -0.37 -6.22 -4.97
C VAL A 62 0.86 -5.71 -5.75
N CYS A 63 2.04 -6.25 -5.45
CA CYS A 63 3.30 -5.91 -6.13
C CYS A 63 3.50 -6.72 -7.44
N GLU A 64 2.87 -7.90 -7.58
CA GLU A 64 2.86 -8.67 -8.83
C GLU A 64 1.95 -8.02 -9.90
N ILE A 65 0.83 -7.43 -9.48
CA ILE A 65 -0.04 -6.62 -10.35
C ILE A 65 0.61 -5.27 -10.67
N HIS A 66 0.50 -4.81 -11.92
CA HIS A 66 0.86 -3.46 -12.37
C HIS A 66 -0.28 -2.78 -13.13
N PHE A 67 -0.28 -1.45 -13.15
CA PHE A 67 -1.37 -0.64 -13.66
C PHE A 67 -2.74 -0.78 -12.96
N HIS A 68 -2.69 -0.74 -11.61
CA HIS A 68 -3.87 -0.71 -10.72
C HIS A 68 -4.77 0.49 -11.04
N GLU A 69 -6.07 0.27 -11.20
CA GLU A 69 -7.03 1.35 -11.45
C GLU A 69 -7.37 2.12 -10.16
N ILE A 70 -7.18 3.44 -10.18
CA ILE A 70 -7.53 4.38 -9.10
C ILE A 70 -8.14 5.65 -9.72
N ASN A 71 -9.41 5.96 -9.42
CA ASN A 71 -10.16 7.09 -10.00
C ASN A 71 -10.07 7.13 -11.56
N ASN A 72 -10.23 5.96 -12.19
CA ASN A 72 -10.04 5.67 -13.62
C ASN A 72 -8.60 5.86 -14.18
N LYS A 73 -7.66 6.52 -13.47
CA LYS A 73 -6.21 6.57 -13.77
C LYS A 73 -5.56 5.22 -13.41
N MET A 74 -4.42 4.89 -14.01
CA MET A 74 -3.63 3.69 -13.67
C MET A 74 -2.32 4.02 -12.95
N VAL A 75 -1.96 3.20 -11.95
CA VAL A 75 -0.78 3.35 -11.08
C VAL A 75 0.06 2.08 -10.95
N GLU A 76 1.35 2.24 -10.72
CA GLU A 76 2.28 1.14 -10.42
C GLU A 76 2.53 0.98 -8.91
N CYS A 77 2.69 -0.28 -8.46
CA CYS A 77 3.14 -0.65 -7.11
C CYS A 77 4.58 -1.22 -7.13
N LYS A 78 5.37 -0.92 -6.09
CA LYS A 78 6.74 -1.43 -5.88
C LYS A 78 6.99 -1.75 -4.39
N LYS A 79 7.96 -2.61 -4.09
CA LYS A 79 8.30 -3.00 -2.70
C LYS A 79 8.90 -1.84 -1.90
N ALA A 80 8.38 -1.58 -0.71
CA ALA A 80 8.83 -0.47 0.16
C ALA A 80 10.05 -0.89 1.02
N GLN A 81 11.20 -1.02 0.35
CA GLN A 81 12.52 -1.33 0.92
C GLN A 81 12.55 -2.54 1.89
N PRO A 82 12.41 -3.79 1.39
CA PRO A 82 12.47 -5.01 2.20
C PRO A 82 13.81 -5.23 2.92
N LYS A 83 13.79 -6.09 3.94
CA LYS A 83 14.97 -6.58 4.69
C LYS A 83 14.94 -8.11 4.82
N GLU A 84 16.11 -8.73 4.90
CA GLU A 84 16.29 -10.20 4.92
C GLU A 84 16.00 -10.83 6.31
N VAL A 85 14.89 -10.45 6.94
CA VAL A 85 14.49 -10.90 8.28
C VAL A 85 14.12 -12.40 8.35
N MET A 86 14.51 -13.06 9.44
CA MET A 86 14.16 -14.45 9.74
C MET A 86 12.79 -14.57 10.43
N SER A 87 12.19 -15.77 10.39
CA SER A 87 10.95 -16.10 11.09
C SER A 87 10.97 -17.57 11.57
N PRO A 88 11.65 -17.87 12.69
CA PRO A 88 11.76 -19.23 13.24
C PRO A 88 10.49 -19.69 13.99
N THR A 89 9.57 -18.77 14.30
CA THR A 89 8.35 -19.00 15.10
C THR A 89 7.36 -20.06 14.58
N GLY A 90 6.78 -20.85 15.49
CA GLY A 90 5.80 -21.90 15.18
C GLY A 90 5.24 -22.59 16.44
N SER A 91 4.40 -23.61 16.23
CA SER A 91 3.77 -24.42 17.30
C SER A 91 3.48 -25.85 16.81
N ALA A 92 3.33 -26.79 17.75
CA ALA A 92 3.06 -28.20 17.47
C ALA A 92 1.69 -28.46 16.83
N ARG A 93 1.61 -29.49 15.96
CA ARG A 93 0.37 -29.95 15.32
C ARG A 93 -0.63 -30.54 16.32
N GLY A 94 -1.90 -30.15 16.23
CA GLY A 94 -3.00 -30.72 17.01
C GLY A 94 -3.38 -32.14 16.55
N ARG A 95 -3.66 -33.03 17.52
CA ARG A 95 -3.95 -34.47 17.30
C ARG A 95 -4.97 -34.99 18.34
N SER A 96 -5.93 -35.81 17.88
CA SER A 96 -7.09 -36.30 18.66
C SER A 96 -6.76 -37.48 19.60
N GLY A 1 6.51 -15.41 -4.26
CA GLY A 1 6.73 -15.21 -2.81
C GLY A 1 7.06 -13.77 -2.47
N SER A 2 6.74 -13.34 -1.25
CA SER A 2 7.09 -12.01 -0.69
C SER A 2 7.20 -12.06 0.84
N HIS A 3 8.02 -11.18 1.40
CA HIS A 3 8.35 -11.09 2.82
C HIS A 3 8.58 -9.64 3.27
N MET A 4 7.76 -8.73 2.72
CA MET A 4 7.68 -7.30 3.03
C MET A 4 6.20 -6.90 3.18
N LYS A 5 5.88 -6.04 4.17
CA LYS A 5 4.49 -5.68 4.54
C LYS A 5 4.08 -4.25 4.16
N LYS A 6 4.89 -3.56 3.35
CA LYS A 6 4.70 -2.17 2.92
C LYS A 6 5.08 -1.97 1.46
N ILE A 7 4.40 -1.05 0.77
CA ILE A 7 4.63 -0.73 -0.65
C ILE A 7 4.64 0.77 -0.97
N PHE A 8 5.37 1.10 -2.01
CA PHE A 8 5.38 2.40 -2.70
C PHE A 8 4.39 2.42 -3.88
N VAL A 9 3.80 3.58 -4.18
CA VAL A 9 2.80 3.75 -5.25
C VAL A 9 3.09 5.04 -6.02
N GLY A 10 3.04 5.01 -7.36
CA GLY A 10 3.24 6.18 -8.22
C GLY A 10 2.37 6.20 -9.48
N GLY A 11 2.13 7.40 -10.01
CA GLY A 11 1.25 7.67 -11.16
C GLY A 11 -0.12 8.24 -10.79
N LEU A 12 -0.34 8.64 -9.53
CA LEU A 12 -1.61 9.13 -9.01
C LEU A 12 -2.00 10.49 -9.61
N SER A 13 -3.29 10.66 -9.96
CA SER A 13 -3.89 11.93 -10.34
C SER A 13 -3.91 12.92 -9.18
N VAL A 14 -3.88 14.23 -9.46
CA VAL A 14 -4.11 15.28 -8.46
C VAL A 14 -5.58 15.33 -8.01
N ASN A 15 -6.47 14.68 -8.78
CA ASN A 15 -7.86 14.45 -8.42
C ASN A 15 -8.01 13.42 -7.29
N THR A 16 -7.08 12.46 -7.20
CA THR A 16 -7.04 11.38 -6.21
C THR A 16 -6.52 11.81 -4.84
N THR A 17 -7.16 11.30 -3.78
CA THR A 17 -6.76 11.50 -2.37
C THR A 17 -6.42 10.20 -1.63
N VAL A 18 -5.77 10.30 -0.47
CA VAL A 18 -5.25 9.17 0.30
C VAL A 18 -6.30 8.12 0.68
N GLU A 19 -7.54 8.56 0.95
CA GLU A 19 -8.65 7.66 1.26
C GLU A 19 -9.16 6.90 0.01
N ASP A 20 -9.00 7.45 -1.20
CA ASP A 20 -9.28 6.73 -2.45
C ASP A 20 -8.22 5.63 -2.65
N VAL A 21 -6.94 5.97 -2.45
CA VAL A 21 -5.81 5.02 -2.56
C VAL A 21 -5.99 3.86 -1.58
N LYS A 22 -6.33 4.17 -0.32
CA LYS A 22 -6.68 3.18 0.70
C LYS A 22 -7.85 2.30 0.26
N HIS A 23 -8.98 2.88 -0.19
CA HIS A 23 -10.16 2.15 -0.62
C HIS A 23 -9.88 1.20 -1.80
N TYR A 24 -9.14 1.65 -2.82
CA TYR A 24 -8.67 0.81 -3.91
C TYR A 24 -7.70 -0.32 -3.56
N PHE A 25 -6.76 -0.09 -2.64
CA PHE A 25 -5.89 -1.14 -2.08
C PHE A 25 -6.53 -2.14 -1.11
N GLU A 26 -7.54 -1.70 -0.34
CA GLU A 26 -8.35 -2.54 0.55
C GLU A 26 -9.13 -3.67 -0.16
N GLN A 27 -9.30 -3.58 -1.48
CA GLN A 27 -9.93 -4.62 -2.29
C GLN A 27 -9.10 -5.93 -2.34
N PHE A 28 -7.77 -5.84 -2.12
CA PHE A 28 -6.88 -6.99 -2.04
C PHE A 28 -6.78 -7.62 -0.65
N GLY A 29 -6.85 -6.79 0.40
CA GLY A 29 -6.76 -7.14 1.81
C GLY A 29 -6.53 -5.89 2.68
N LYS A 30 -6.53 -6.04 4.00
CA LYS A 30 -6.50 -4.93 4.96
C LYS A 30 -5.27 -4.02 4.79
N VAL A 31 -5.54 -2.73 4.60
CA VAL A 31 -4.57 -1.64 4.64
C VAL A 31 -4.57 -1.07 6.06
N ASP A 32 -3.41 -1.04 6.72
CA ASP A 32 -3.29 -0.56 8.09
C ASP A 32 -3.08 0.97 8.11
N ASP A 33 -2.43 1.54 7.09
CA ASP A 33 -2.18 2.98 6.95
C ASP A 33 -1.84 3.31 5.47
N ALA A 34 -2.07 4.55 5.05
CA ALA A 34 -1.68 5.07 3.74
C ALA A 34 -1.31 6.57 3.83
N MET A 35 -0.38 7.03 2.97
CA MET A 35 0.14 8.41 2.95
C MET A 35 0.69 8.80 1.58
N LEU A 36 0.70 10.09 1.27
CA LEU A 36 1.13 10.66 -0.01
C LEU A 36 2.22 11.73 0.18
N MET A 37 3.07 11.92 -0.83
CA MET A 37 4.20 12.85 -0.77
C MET A 37 3.77 14.30 -1.10
N PHE A 38 3.28 15.03 -0.10
CA PHE A 38 2.92 16.45 -0.20
C PHE A 38 4.07 17.45 -0.40
N ASP A 39 4.05 18.19 -1.51
CA ASP A 39 4.99 19.30 -1.77
C ASP A 39 4.54 20.61 -1.10
N LYS A 40 5.32 21.10 -0.15
CA LYS A 40 4.99 22.29 0.66
C LYS A 40 4.96 23.59 -0.17
N THR A 41 5.55 23.57 -1.37
CA THR A 41 5.47 24.64 -2.39
C THR A 41 4.14 24.78 -3.12
N THR A 42 3.34 23.72 -3.16
CA THR A 42 2.09 23.60 -3.94
C THR A 42 0.85 23.11 -3.18
N ASN A 43 1.03 22.59 -1.96
CA ASN A 43 -0.03 22.09 -1.06
C ASN A 43 -0.85 20.92 -1.64
N ARG A 44 -0.25 20.13 -2.54
CA ARG A 44 -0.77 18.85 -3.05
C ARG A 44 0.31 17.77 -3.07
N HIS A 45 -0.08 16.51 -3.26
CA HIS A 45 0.87 15.41 -3.48
C HIS A 45 1.52 15.47 -4.87
N ARG A 46 2.72 14.88 -4.97
CA ARG A 46 3.58 14.86 -6.18
C ARG A 46 3.20 13.79 -7.22
N GLY A 47 2.06 13.09 -7.03
CA GLY A 47 1.65 11.93 -7.83
C GLY A 47 2.16 10.58 -7.31
N PHE A 48 2.70 10.54 -6.09
CA PHE A 48 3.22 9.33 -5.43
C PHE A 48 3.05 9.24 -3.91
N GLY A 49 3.14 8.05 -3.34
CA GLY A 49 2.96 7.78 -1.91
C GLY A 49 3.31 6.36 -1.47
N PHE A 50 2.82 5.98 -0.30
CA PHE A 50 3.09 4.72 0.40
C PHE A 50 1.84 4.09 1.04
N VAL A 51 1.80 2.76 1.11
CA VAL A 51 0.71 1.96 1.70
C VAL A 51 1.24 0.84 2.59
N THR A 52 0.81 0.80 3.85
CA THR A 52 1.12 -0.25 4.82
C THR A 52 0.03 -1.32 4.82
N PHE A 53 0.43 -2.58 4.69
CA PHE A 53 -0.44 -3.76 4.71
C PHE A 53 -0.49 -4.55 6.03
N GLU A 54 -1.61 -5.24 6.28
CA GLU A 54 -1.78 -6.14 7.43
C GLU A 54 -0.82 -7.36 7.40
N SER A 55 -0.51 -7.86 6.19
CA SER A 55 0.39 -9.00 5.99
C SER A 55 1.10 -8.96 4.63
N GLU A 56 2.34 -9.42 4.61
CA GLU A 56 3.14 -9.68 3.41
C GLU A 56 2.47 -10.66 2.43
N ASP A 57 1.61 -11.56 2.93
CA ASP A 57 0.79 -12.44 2.10
C ASP A 57 -0.24 -11.74 1.19
N ILE A 58 -0.72 -10.55 1.58
CA ILE A 58 -1.53 -9.68 0.72
C ILE A 58 -0.63 -8.96 -0.30
N VAL A 59 0.47 -8.36 0.20
CA VAL A 59 1.44 -7.60 -0.63
C VAL A 59 1.98 -8.46 -1.78
N GLU A 60 2.16 -9.77 -1.58
CA GLU A 60 2.63 -10.72 -2.59
C GLU A 60 1.85 -10.63 -3.91
N LYS A 61 0.51 -10.51 -3.86
CA LYS A 61 -0.33 -10.29 -5.05
C LYS A 61 -0.26 -8.84 -5.52
N VAL A 62 -0.40 -7.86 -4.62
CA VAL A 62 -0.39 -6.43 -4.98
C VAL A 62 0.88 -6.01 -5.72
N CYS A 63 2.05 -6.47 -5.28
CA CYS A 63 3.35 -6.16 -5.87
C CYS A 63 3.59 -6.97 -7.18
N GLU A 64 2.93 -8.12 -7.36
CA GLU A 64 3.00 -8.93 -8.59
C GLU A 64 2.12 -8.36 -9.72
N ILE A 65 0.98 -7.74 -9.38
CA ILE A 65 0.14 -6.97 -10.29
C ILE A 65 0.85 -5.68 -10.74
N HIS A 66 0.58 -5.24 -11.97
CA HIS A 66 1.07 -3.99 -12.56
C HIS A 66 -0.08 -3.24 -13.27
N PHE A 67 0.00 -1.92 -13.36
CA PHE A 67 -1.08 -1.04 -13.84
C PHE A 67 -2.42 -1.11 -13.08
N HIS A 68 -2.36 -0.99 -11.75
CA HIS A 68 -3.52 -0.93 -10.85
C HIS A 68 -4.45 0.25 -11.17
N GLU A 69 -5.76 0.03 -11.24
CA GLU A 69 -6.74 1.10 -11.44
C GLU A 69 -7.11 1.80 -10.12
N ILE A 70 -7.12 3.13 -10.13
CA ILE A 70 -7.54 4.03 -9.02
C ILE A 70 -8.23 5.26 -9.62
N ASN A 71 -9.46 5.59 -9.20
CA ASN A 71 -10.27 6.67 -9.76
C ASN A 71 -10.37 6.64 -11.30
N ASN A 72 -10.43 5.43 -11.87
CA ASN A 72 -10.32 5.08 -13.29
C ASN A 72 -8.96 5.42 -13.99
N LYS A 73 -8.04 6.14 -13.33
CA LYS A 73 -6.62 6.33 -13.72
C LYS A 73 -5.82 5.06 -13.39
N MET A 74 -4.55 4.99 -13.79
CA MET A 74 -3.66 3.86 -13.49
C MET A 74 -2.40 4.25 -12.71
N VAL A 75 -1.96 3.34 -11.84
CA VAL A 75 -0.78 3.45 -10.96
C VAL A 75 0.06 2.17 -10.95
N GLU A 76 1.31 2.30 -10.51
CA GLU A 76 2.26 1.19 -10.41
C GLU A 76 2.92 1.19 -9.02
N CYS A 77 3.35 0.01 -8.54
CA CYS A 77 3.81 -0.19 -7.16
C CYS A 77 5.01 -1.14 -7.02
N LYS A 78 5.75 -1.02 -5.91
CA LYS A 78 6.91 -1.86 -5.52
C LYS A 78 7.00 -2.00 -3.99
N LYS A 79 7.71 -3.01 -3.47
CA LYS A 79 7.99 -3.14 -2.02
C LYS A 79 8.77 -1.94 -1.46
N ALA A 80 8.51 -1.58 -0.20
CA ALA A 80 8.97 -0.33 0.42
C ALA A 80 9.66 -0.49 1.79
N GLN A 81 10.20 -1.68 2.08
CA GLN A 81 11.04 -1.94 3.25
C GLN A 81 12.02 -3.11 3.00
N PRO A 82 13.07 -3.28 3.82
CA PRO A 82 13.92 -4.47 3.81
C PRO A 82 13.16 -5.77 4.12
N LYS A 83 13.82 -6.91 3.87
CA LYS A 83 13.36 -8.25 4.23
C LYS A 83 13.09 -8.39 5.74
N GLU A 84 12.05 -9.15 6.08
CA GLU A 84 11.57 -9.35 7.44
C GLU A 84 10.98 -10.77 7.62
N VAL A 85 10.94 -11.28 8.85
CA VAL A 85 10.26 -12.54 9.19
C VAL A 85 8.74 -12.50 8.93
N MET A 86 8.14 -13.67 8.68
CA MET A 86 6.70 -13.79 8.39
C MET A 86 5.84 -13.37 9.60
N SER A 87 4.67 -12.79 9.34
CA SER A 87 3.72 -12.34 10.36
C SER A 87 3.15 -13.49 11.22
N PRO A 88 2.59 -14.58 10.64
CA PRO A 88 2.23 -15.77 11.40
C PRO A 88 3.48 -16.54 11.87
N THR A 89 3.46 -17.04 13.11
CA THR A 89 4.53 -17.88 13.68
C THR A 89 4.59 -19.33 13.17
N GLY A 90 3.49 -19.82 12.59
CA GLY A 90 3.35 -21.14 11.98
C GLY A 90 1.92 -21.43 11.51
N SER A 91 1.74 -22.44 10.65
CA SER A 91 0.43 -22.87 10.14
C SER A 91 -0.38 -23.62 11.21
N ALA A 92 -1.67 -23.32 11.33
CA ALA A 92 -2.60 -23.97 12.27
C ALA A 92 -3.01 -25.38 11.81
N ARG A 93 -3.28 -26.28 12.76
CA ARG A 93 -3.80 -27.64 12.50
C ARG A 93 -5.23 -27.59 11.97
N GLY A 94 -5.57 -28.47 11.01
CA GLY A 94 -6.95 -28.69 10.55
C GLY A 94 -7.83 -29.41 11.57
N ARG A 95 -9.13 -29.54 11.26
CA ARG A 95 -10.10 -30.29 12.08
C ARG A 95 -9.76 -31.78 12.12
N SER A 96 -9.89 -32.42 13.29
CA SER A 96 -9.60 -33.85 13.53
C SER A 96 -10.41 -34.80 12.65
N GLY A 1 13.03 -15.94 3.53
CA GLY A 1 11.85 -15.15 3.13
C GLY A 1 12.05 -13.66 3.41
N SER A 2 10.96 -12.94 3.69
CA SER A 2 10.96 -11.50 4.03
C SER A 2 9.77 -11.14 4.93
N HIS A 3 10.02 -10.31 5.95
CA HIS A 3 9.01 -9.80 6.88
C HIS A 3 8.32 -8.50 6.41
N MET A 4 8.77 -7.92 5.29
CA MET A 4 8.26 -6.63 4.79
C MET A 4 6.82 -6.73 4.27
N LYS A 5 6.03 -5.68 4.54
CA LYS A 5 4.57 -5.61 4.28
C LYS A 5 4.13 -4.18 4.00
N LYS A 6 4.86 -3.56 3.06
CA LYS A 6 4.83 -2.13 2.72
C LYS A 6 5.09 -1.96 1.22
N ILE A 7 4.41 -1.00 0.58
CA ILE A 7 4.52 -0.75 -0.86
C ILE A 7 4.53 0.73 -1.22
N PHE A 8 5.18 1.05 -2.34
CA PHE A 8 5.15 2.33 -3.05
C PHE A 8 4.08 2.35 -4.14
N VAL A 9 3.44 3.51 -4.39
CA VAL A 9 2.42 3.71 -5.43
C VAL A 9 2.77 4.93 -6.28
N GLY A 10 2.66 4.85 -7.61
CA GLY A 10 3.08 5.92 -8.52
C GLY A 10 2.21 6.05 -9.78
N GLY A 11 2.09 7.28 -10.28
CA GLY A 11 1.17 7.65 -11.37
C GLY A 11 -0.19 8.17 -10.90
N LEU A 12 -0.37 8.43 -9.60
CA LEU A 12 -1.58 8.98 -9.00
C LEU A 12 -1.91 10.38 -9.56
N SER A 13 -3.20 10.69 -9.73
CA SER A 13 -3.67 12.03 -10.01
C SER A 13 -3.44 12.96 -8.80
N VAL A 14 -3.38 14.27 -9.05
CA VAL A 14 -3.41 15.30 -7.99
C VAL A 14 -4.78 15.28 -7.31
N ASN A 15 -5.82 14.84 -8.04
CA ASN A 15 -7.18 14.67 -7.53
C ASN A 15 -7.34 13.49 -6.56
N THR A 16 -6.49 12.46 -6.65
CA THR A 16 -6.50 11.29 -5.75
C THR A 16 -6.03 11.57 -4.33
N THR A 17 -6.92 11.34 -3.35
CA THR A 17 -6.63 11.49 -1.91
C THR A 17 -6.29 10.19 -1.18
N VAL A 18 -5.72 10.30 0.02
CA VAL A 18 -5.22 9.14 0.80
C VAL A 18 -6.31 8.10 1.13
N GLU A 19 -7.54 8.56 1.35
CA GLU A 19 -8.71 7.70 1.55
C GLU A 19 -9.12 6.93 0.29
N ASP A 20 -8.93 7.49 -0.91
CA ASP A 20 -9.20 6.81 -2.19
C ASP A 20 -8.21 5.65 -2.39
N VAL A 21 -6.92 5.91 -2.15
CA VAL A 21 -5.84 4.92 -2.23
C VAL A 21 -6.06 3.81 -1.20
N LYS A 22 -6.34 4.16 0.06
CA LYS A 22 -6.61 3.20 1.14
C LYS A 22 -7.83 2.32 0.84
N HIS A 23 -8.95 2.92 0.44
CA HIS A 23 -10.18 2.19 0.06
C HIS A 23 -9.96 1.23 -1.12
N TYR A 24 -9.17 1.63 -2.13
CA TYR A 24 -8.83 0.77 -3.25
C TYR A 24 -7.91 -0.41 -2.90
N PHE A 25 -6.81 -0.14 -2.19
CA PHE A 25 -5.90 -1.19 -1.74
C PHE A 25 -6.47 -2.22 -0.74
N GLU A 26 -7.44 -1.81 0.07
CA GLU A 26 -8.23 -2.70 0.94
C GLU A 26 -9.00 -3.81 0.22
N GLN A 27 -9.28 -3.66 -1.09
CA GLN A 27 -10.00 -4.67 -1.87
C GLN A 27 -9.17 -5.94 -2.12
N PHE A 28 -7.82 -5.84 -2.12
CA PHE A 28 -6.92 -7.00 -2.14
C PHE A 28 -6.80 -7.73 -0.78
N GLY A 29 -6.77 -6.94 0.30
CA GLY A 29 -6.64 -7.36 1.69
C GLY A 29 -6.37 -6.15 2.59
N LYS A 30 -6.48 -6.31 3.92
CA LYS A 30 -6.47 -5.19 4.87
C LYS A 30 -5.20 -4.32 4.78
N VAL A 31 -5.44 -3.02 4.72
CA VAL A 31 -4.44 -1.95 4.82
C VAL A 31 -4.37 -1.49 6.29
N ASP A 32 -3.16 -1.26 6.77
CA ASP A 32 -2.87 -0.72 8.10
C ASP A 32 -2.84 0.83 8.12
N ASP A 33 -2.17 1.42 7.12
CA ASP A 33 -1.99 2.87 6.98
C ASP A 33 -1.65 3.21 5.50
N ALA A 34 -1.82 4.47 5.11
CA ALA A 34 -1.50 4.98 3.77
C ALA A 34 -1.06 6.46 3.80
N MET A 35 -0.32 6.91 2.78
CA MET A 35 0.21 8.27 2.67
C MET A 35 0.53 8.69 1.24
N LEU A 36 0.60 10.00 1.01
CA LEU A 36 0.91 10.66 -0.27
C LEU A 36 2.10 11.61 -0.12
N MET A 37 2.90 11.73 -1.17
CA MET A 37 4.03 12.67 -1.22
C MET A 37 3.60 14.07 -1.66
N PHE A 38 3.99 15.07 -0.87
CA PHE A 38 3.80 16.50 -1.07
C PHE A 38 5.09 17.34 -0.97
N ASP A 39 5.18 18.44 -1.72
CA ASP A 39 6.32 19.37 -1.67
C ASP A 39 5.95 20.76 -1.11
N LYS A 40 6.53 21.14 0.04
CA LYS A 40 6.19 22.39 0.76
C LYS A 40 6.60 23.67 0.02
N THR A 41 7.57 23.58 -0.89
CA THR A 41 8.01 24.69 -1.77
C THR A 41 7.06 24.98 -2.94
N THR A 42 6.35 23.96 -3.43
CA THR A 42 5.26 24.08 -4.43
C THR A 42 3.85 24.08 -3.84
N ASN A 43 3.71 23.66 -2.57
CA ASN A 43 2.48 23.51 -1.80
C ASN A 43 1.45 22.55 -2.45
N ARG A 44 1.91 21.47 -3.10
CA ARG A 44 1.03 20.49 -3.79
C ARG A 44 1.60 19.06 -3.89
N HIS A 45 0.71 18.15 -4.31
CA HIS A 45 0.88 16.72 -4.55
C HIS A 45 2.03 16.42 -5.54
N ARG A 46 2.64 15.22 -5.46
CA ARG A 46 3.71 14.76 -6.36
C ARG A 46 3.33 13.64 -7.35
N GLY A 47 2.14 13.07 -7.21
CA GLY A 47 1.67 11.93 -8.04
C GLY A 47 2.18 10.57 -7.58
N PHE A 48 2.70 10.46 -6.35
CA PHE A 48 3.14 9.23 -5.71
C PHE A 48 2.87 9.13 -4.21
N GLY A 49 2.88 7.92 -3.65
CA GLY A 49 2.59 7.64 -2.23
C GLY A 49 3.07 6.26 -1.76
N PHE A 50 2.63 5.86 -0.57
CA PHE A 50 2.94 4.58 0.06
C PHE A 50 1.74 3.96 0.81
N VAL A 51 1.72 2.63 0.94
CA VAL A 51 0.68 1.86 1.67
C VAL A 51 1.28 0.75 2.53
N THR A 52 0.86 0.67 3.80
CA THR A 52 1.16 -0.43 4.73
C THR A 52 0.09 -1.50 4.77
N PHE A 53 0.50 -2.77 4.81
CA PHE A 53 -0.37 -3.95 4.83
C PHE A 53 -0.44 -4.79 6.11
N GLU A 54 -1.60 -5.39 6.36
CA GLU A 54 -1.81 -6.33 7.48
C GLU A 54 -1.07 -7.67 7.29
N SER A 55 -0.86 -8.09 6.05
CA SER A 55 -0.15 -9.34 5.70
C SER A 55 0.71 -9.20 4.44
N GLU A 56 1.95 -9.63 4.57
CA GLU A 56 2.95 -9.77 3.50
C GLU A 56 2.49 -10.68 2.35
N ASP A 57 1.63 -11.67 2.63
CA ASP A 57 1.04 -12.53 1.59
C ASP A 57 0.11 -11.83 0.59
N ILE A 58 -0.55 -10.74 1.03
CA ILE A 58 -1.33 -9.86 0.16
C ILE A 58 -0.40 -8.99 -0.70
N VAL A 59 0.64 -8.42 -0.08
CA VAL A 59 1.60 -7.50 -0.73
C VAL A 59 2.28 -8.20 -1.91
N GLU A 60 2.59 -9.49 -1.80
CA GLU A 60 3.19 -10.27 -2.91
C GLU A 60 2.33 -10.24 -4.20
N LYS A 61 1.00 -10.43 -4.09
CA LYS A 61 0.08 -10.29 -5.24
C LYS A 61 -0.05 -8.83 -5.68
N VAL A 62 -0.23 -7.88 -4.76
CA VAL A 62 -0.38 -6.45 -5.09
C VAL A 62 0.83 -5.94 -5.88
N CYS A 63 2.05 -6.31 -5.47
CA CYS A 63 3.31 -5.99 -6.16
C CYS A 63 3.47 -6.74 -7.50
N GLU A 64 3.03 -8.00 -7.59
CA GLU A 64 3.07 -8.79 -8.82
C GLU A 64 2.15 -8.22 -9.93
N ILE A 65 0.97 -7.69 -9.56
CA ILE A 65 0.08 -6.97 -10.48
C ILE A 65 0.73 -5.63 -10.84
N HIS A 66 1.05 -5.39 -12.12
CA HIS A 66 1.69 -4.16 -12.58
C HIS A 66 0.75 -2.95 -12.51
N PHE A 67 -0.37 -2.98 -13.25
CA PHE A 67 -1.36 -1.91 -13.31
C PHE A 67 -2.58 -2.02 -12.40
N HIS A 68 -2.97 -0.88 -11.82
CA HIS A 68 -4.03 -0.69 -10.83
C HIS A 68 -4.86 0.57 -11.18
N GLU A 69 -6.13 0.64 -10.79
CA GLU A 69 -7.06 1.71 -11.23
C GLU A 69 -7.69 2.47 -10.06
N ILE A 70 -7.39 3.77 -9.94
CA ILE A 70 -7.83 4.63 -8.81
C ILE A 70 -8.37 5.97 -9.32
N ASN A 71 -9.59 6.35 -8.92
CA ASN A 71 -10.31 7.54 -9.43
C ASN A 71 -10.35 7.60 -10.97
N ASN A 72 -10.52 6.43 -11.61
CA ASN A 72 -10.41 6.16 -13.06
C ASN A 72 -9.01 6.43 -13.70
N LYS A 73 -8.03 7.00 -12.97
CA LYS A 73 -6.61 7.14 -13.37
C LYS A 73 -5.90 5.79 -13.14
N MET A 74 -5.00 5.40 -14.05
CA MET A 74 -4.18 4.20 -13.86
C MET A 74 -2.87 4.52 -13.12
N VAL A 75 -2.45 3.60 -12.26
CA VAL A 75 -1.25 3.65 -11.40
C VAL A 75 -0.52 2.31 -11.39
N GLU A 76 0.72 2.31 -10.93
CA GLU A 76 1.49 1.09 -10.63
C GLU A 76 2.00 1.11 -9.18
N CYS A 77 2.30 -0.07 -8.64
CA CYS A 77 2.86 -0.21 -7.30
C CYS A 77 3.92 -1.32 -7.22
N LYS A 78 4.79 -1.22 -6.21
CA LYS A 78 5.96 -2.09 -5.99
C LYS A 78 6.37 -2.13 -4.51
N LYS A 79 7.18 -3.11 -4.11
CA LYS A 79 7.64 -3.31 -2.72
C LYS A 79 8.39 -2.09 -2.17
N ALA A 80 8.25 -1.85 -0.87
CA ALA A 80 8.89 -0.77 -0.13
C ALA A 80 9.32 -1.25 1.28
N GLN A 81 10.23 -0.52 1.92
CA GLN A 81 10.87 -0.94 3.18
C GLN A 81 10.22 -0.28 4.41
N PRO A 82 9.58 -1.05 5.32
CA PRO A 82 9.07 -0.54 6.61
C PRO A 82 10.19 -0.39 7.66
N LYS A 83 9.87 0.32 8.75
CA LYS A 83 10.72 0.37 9.97
C LYS A 83 10.53 -0.88 10.84
N GLU A 84 11.56 -1.26 11.59
CA GLU A 84 11.52 -2.39 12.53
C GLU A 84 10.62 -2.10 13.75
N VAL A 85 9.79 -3.08 14.12
CA VAL A 85 8.82 -3.02 15.24
C VAL A 85 8.46 -4.39 15.80
N MET A 86 8.00 -4.45 17.06
CA MET A 86 7.51 -5.66 17.73
C MET A 86 6.10 -5.47 18.31
N SER A 87 5.34 -6.56 18.43
CA SER A 87 3.92 -6.54 18.86
C SER A 87 3.52 -7.77 19.72
N PRO A 88 4.16 -8.02 20.88
CA PRO A 88 3.83 -9.14 21.78
C PRO A 88 2.49 -8.97 22.53
N THR A 89 1.95 -7.75 22.57
CA THR A 89 0.71 -7.32 23.27
C THR A 89 0.64 -7.44 24.80
N GLY A 90 1.00 -8.60 25.36
CA GLY A 90 0.89 -8.91 26.79
C GLY A 90 -0.55 -8.96 27.32
N SER A 91 -1.55 -9.10 26.44
CA SER A 91 -2.98 -8.99 26.79
C SER A 91 -3.44 -10.10 27.77
N ALA A 92 -4.28 -9.71 28.74
CA ALA A 92 -4.80 -10.60 29.80
C ALA A 92 -5.88 -11.58 29.31
N ARG A 93 -6.11 -12.64 30.08
CA ARG A 93 -7.13 -13.69 29.85
C ARG A 93 -7.67 -14.25 31.18
N GLY A 94 -8.92 -14.70 31.21
CA GLY A 94 -9.60 -15.22 32.41
C GLY A 94 -10.13 -14.13 33.34
N ARG A 95 -10.43 -14.51 34.60
CA ARG A 95 -11.03 -13.65 35.63
C ARG A 95 -10.47 -13.97 37.03
N SER A 96 -10.33 -12.95 37.88
CA SER A 96 -9.82 -13.03 39.26
C SER A 96 -10.65 -13.94 40.18
N GLY A 1 13.95 -12.67 -4.71
CA GLY A 1 13.10 -11.61 -4.10
C GLY A 1 13.04 -11.72 -2.58
N SER A 2 12.29 -10.82 -1.94
CA SER A 2 12.09 -10.77 -0.48
C SER A 2 10.73 -10.19 -0.08
N HIS A 3 10.24 -10.57 1.09
CA HIS A 3 8.94 -10.17 1.63
C HIS A 3 8.95 -8.77 2.24
N MET A 4 7.78 -8.12 2.28
CA MET A 4 7.57 -6.79 2.85
C MET A 4 6.11 -6.60 3.28
N LYS A 5 5.87 -5.77 4.29
CA LYS A 5 4.52 -5.35 4.73
C LYS A 5 4.08 -4.00 4.17
N LYS A 6 4.88 -3.35 3.32
CA LYS A 6 4.66 -1.97 2.83
C LYS A 6 5.01 -1.83 1.35
N ILE A 7 4.36 -0.89 0.66
CA ILE A 7 4.54 -0.63 -0.78
C ILE A 7 4.54 0.86 -1.14
N PHE A 8 5.25 1.19 -2.22
CA PHE A 8 5.23 2.46 -2.94
C PHE A 8 4.18 2.49 -4.06
N VAL A 9 3.58 3.65 -4.35
CA VAL A 9 2.54 3.85 -5.38
C VAL A 9 2.87 5.08 -6.23
N GLY A 10 2.69 5.02 -7.55
CA GLY A 10 3.03 6.12 -8.47
C GLY A 10 2.17 6.20 -9.74
N GLY A 11 1.87 7.44 -10.15
CA GLY A 11 0.99 7.78 -11.29
C GLY A 11 -0.35 8.40 -10.88
N LEU A 12 -0.58 8.67 -9.60
CA LEU A 12 -1.85 9.17 -9.04
C LEU A 12 -2.23 10.55 -9.60
N SER A 13 -3.52 10.78 -9.89
CA SER A 13 -4.06 12.09 -10.22
C SER A 13 -3.99 13.05 -9.02
N VAL A 14 -3.91 14.37 -9.26
CA VAL A 14 -4.06 15.38 -8.20
C VAL A 14 -5.51 15.49 -7.73
N ASN A 15 -6.45 14.90 -8.50
CA ASN A 15 -7.84 14.72 -8.09
C ASN A 15 -8.01 13.65 -7.00
N THR A 16 -7.11 12.66 -6.96
CA THR A 16 -7.08 11.56 -5.99
C THR A 16 -6.60 12.00 -4.61
N THR A 17 -7.23 11.47 -3.56
CA THR A 17 -6.83 11.64 -2.15
C THR A 17 -6.49 10.34 -1.42
N VAL A 18 -5.82 10.44 -0.26
CA VAL A 18 -5.30 9.27 0.48
C VAL A 18 -6.36 8.24 0.89
N GLU A 19 -7.58 8.70 1.18
CA GLU A 19 -8.74 7.83 1.46
C GLU A 19 -9.18 7.01 0.25
N ASP A 20 -9.04 7.54 -0.98
CA ASP A 20 -9.30 6.80 -2.21
C ASP A 20 -8.24 5.69 -2.35
N VAL A 21 -6.96 6.03 -2.21
CA VAL A 21 -5.83 5.08 -2.32
C VAL A 21 -5.98 3.94 -1.30
N LYS A 22 -6.31 4.26 -0.04
CA LYS A 22 -6.57 3.25 0.99
C LYS A 22 -7.74 2.33 0.62
N HIS A 23 -8.87 2.89 0.18
CA HIS A 23 -10.05 2.11 -0.25
C HIS A 23 -9.76 1.20 -1.47
N TYR A 24 -9.05 1.70 -2.49
CA TYR A 24 -8.62 0.92 -3.63
C TYR A 24 -7.63 -0.22 -3.36
N PHE A 25 -6.66 -0.01 -2.45
CA PHE A 25 -5.76 -1.07 -1.97
C PHE A 25 -6.37 -2.12 -1.01
N GLU A 26 -7.37 -1.72 -0.21
CA GLU A 26 -8.14 -2.62 0.67
C GLU A 26 -8.89 -3.74 -0.05
N GLN A 27 -9.10 -3.63 -1.36
CA GLN A 27 -9.75 -4.67 -2.18
C GLN A 27 -8.93 -5.98 -2.25
N PHE A 28 -7.61 -5.90 -2.06
CA PHE A 28 -6.73 -7.08 -1.96
C PHE A 28 -6.65 -7.77 -0.59
N GLY A 29 -6.74 -6.96 0.46
CA GLY A 29 -6.62 -7.35 1.88
C GLY A 29 -6.42 -6.11 2.76
N LYS A 30 -6.40 -6.29 4.09
CA LYS A 30 -6.38 -5.17 5.06
C LYS A 30 -5.18 -4.24 4.89
N VAL A 31 -5.47 -2.94 4.75
CA VAL A 31 -4.50 -1.84 4.80
C VAL A 31 -4.56 -1.18 6.18
N ASP A 32 -3.42 -1.06 6.83
CA ASP A 32 -3.28 -0.37 8.12
C ASP A 32 -3.29 1.16 7.99
N ASP A 33 -2.53 1.68 7.03
CA ASP A 33 -2.29 3.13 6.85
C ASP A 33 -1.83 3.43 5.40
N ALA A 34 -1.95 4.69 4.98
CA ALA A 34 -1.47 5.21 3.69
C ALA A 34 -1.07 6.70 3.77
N MET A 35 -0.21 7.17 2.87
CA MET A 35 0.28 8.55 2.80
C MET A 35 0.73 8.95 1.39
N LEU A 36 0.77 10.25 1.10
CA LEU A 36 1.12 10.85 -0.20
C LEU A 36 2.24 11.89 -0.06
N MET A 37 3.09 12.03 -1.09
CA MET A 37 4.22 12.97 -1.10
C MET A 37 3.78 14.39 -1.46
N PHE A 38 3.34 15.15 -0.45
CA PHE A 38 3.05 16.59 -0.57
C PHE A 38 4.25 17.52 -0.86
N ASP A 39 4.12 18.36 -1.89
CA ASP A 39 5.15 19.33 -2.28
C ASP A 39 5.07 20.62 -1.44
N LYS A 40 6.20 21.11 -0.95
CA LYS A 40 6.30 22.30 -0.08
C LYS A 40 5.88 23.61 -0.78
N THR A 41 6.24 23.77 -2.06
CA THR A 41 5.97 24.96 -2.88
C THR A 41 4.61 25.02 -3.56
N THR A 42 4.13 23.88 -4.07
CA THR A 42 2.83 23.74 -4.76
C THR A 42 1.65 23.32 -3.88
N ASN A 43 1.92 22.86 -2.66
CA ASN A 43 0.96 22.52 -1.61
C ASN A 43 -0.06 21.42 -2.01
N ARG A 44 0.33 20.53 -2.94
CA ARG A 44 -0.42 19.32 -3.36
C ARG A 44 0.54 18.13 -3.54
N HIS A 45 0.02 16.91 -3.60
CA HIS A 45 0.87 15.72 -3.77
C HIS A 45 1.44 15.59 -5.20
N ARG A 46 2.64 15.00 -5.30
CA ARG A 46 3.43 14.87 -6.54
C ARG A 46 2.98 13.75 -7.49
N GLY A 47 1.84 13.10 -7.22
CA GLY A 47 1.35 11.92 -7.95
C GLY A 47 1.93 10.58 -7.45
N PHE A 48 2.54 10.57 -6.27
CA PHE A 48 3.08 9.38 -5.60
C PHE A 48 2.87 9.27 -4.10
N GLY A 49 2.94 8.06 -3.55
CA GLY A 49 2.65 7.75 -2.15
C GLY A 49 3.15 6.40 -1.66
N PHE A 50 2.74 6.05 -0.44
CA PHE A 50 3.01 4.78 0.24
C PHE A 50 1.78 4.16 0.91
N VAL A 51 1.73 2.82 1.00
CA VAL A 51 0.64 2.05 1.63
C VAL A 51 1.19 0.93 2.52
N THR A 52 0.71 0.85 3.76
CA THR A 52 1.07 -0.17 4.75
C THR A 52 0.01 -1.25 4.84
N PHE A 53 0.41 -2.50 4.64
CA PHE A 53 -0.41 -3.70 4.72
C PHE A 53 -0.39 -4.50 6.03
N GLU A 54 -1.47 -5.26 6.30
CA GLU A 54 -1.55 -6.17 7.44
C GLU A 54 -0.61 -7.39 7.34
N SER A 55 -0.32 -7.86 6.12
CA SER A 55 0.51 -9.04 5.86
C SER A 55 1.21 -9.01 4.50
N GLU A 56 2.45 -9.52 4.46
CA GLU A 56 3.23 -9.76 3.25
C GLU A 56 2.54 -10.69 2.24
N ASP A 57 1.65 -11.58 2.70
CA ASP A 57 0.87 -12.48 1.86
C ASP A 57 -0.01 -11.70 0.84
N ILE A 58 -0.52 -10.55 1.26
CA ILE A 58 -1.30 -9.64 0.41
C ILE A 58 -0.36 -8.86 -0.51
N VAL A 59 0.72 -8.29 0.04
CA VAL A 59 1.67 -7.41 -0.66
C VAL A 59 2.29 -8.12 -1.87
N GLU A 60 2.59 -9.42 -1.78
CA GLU A 60 3.16 -10.20 -2.88
C GLU A 60 2.29 -10.14 -4.16
N LYS A 61 0.98 -10.37 -4.08
CA LYS A 61 0.08 -10.24 -5.24
C LYS A 61 -0.04 -8.79 -5.70
N VAL A 62 -0.16 -7.83 -4.78
CA VAL A 62 -0.23 -6.39 -5.12
C VAL A 62 1.01 -5.95 -5.91
N CYS A 63 2.20 -6.45 -5.56
CA CYS A 63 3.45 -6.19 -6.29
C CYS A 63 3.57 -6.95 -7.62
N GLU A 64 3.11 -8.20 -7.70
CA GLU A 64 3.10 -8.99 -8.94
C GLU A 64 2.17 -8.43 -10.03
N ILE A 65 1.02 -7.87 -9.62
CA ILE A 65 0.14 -7.10 -10.53
C ILE A 65 0.81 -5.74 -10.82
N HIS A 66 1.17 -5.46 -12.08
CA HIS A 66 1.83 -4.20 -12.45
C HIS A 66 0.89 -3.00 -12.32
N PHE A 67 -0.27 -3.04 -13.00
CA PHE A 67 -1.27 -1.97 -13.02
C PHE A 67 -2.54 -2.15 -12.19
N HIS A 68 -2.95 -1.10 -11.48
CA HIS A 68 -4.10 -1.04 -10.58
C HIS A 68 -4.97 0.19 -10.89
N GLU A 69 -6.29 0.03 -10.89
CA GLU A 69 -7.23 1.13 -11.14
C GLU A 69 -7.53 1.93 -9.85
N ILE A 70 -7.43 3.26 -9.95
CA ILE A 70 -7.74 4.24 -8.89
C ILE A 70 -8.42 5.47 -9.52
N ASN A 71 -9.63 5.82 -9.07
CA ASN A 71 -10.46 6.90 -9.63
C ASN A 71 -10.60 6.81 -11.17
N ASN A 72 -10.75 5.57 -11.66
CA ASN A 72 -10.74 5.13 -13.07
C ASN A 72 -9.41 5.36 -13.86
N LYS A 73 -8.41 6.07 -13.31
CA LYS A 73 -7.03 6.16 -13.84
C LYS A 73 -6.28 4.87 -13.48
N MET A 74 -5.26 4.48 -14.24
CA MET A 74 -4.36 3.37 -13.89
C MET A 74 -3.04 3.87 -13.27
N VAL A 75 -2.55 3.18 -12.24
CA VAL A 75 -1.29 3.43 -11.53
C VAL A 75 -0.51 2.14 -11.28
N GLU A 76 0.79 2.24 -10.99
CA GLU A 76 1.62 1.09 -10.60
C GLU A 76 2.14 1.19 -9.17
N CYS A 77 2.60 0.06 -8.62
CA CYS A 77 3.15 -0.05 -7.27
C CYS A 77 4.30 -1.06 -7.16
N LYS A 78 5.18 -0.85 -6.17
CA LYS A 78 6.43 -1.61 -5.93
C LYS A 78 6.71 -1.77 -4.43
N LYS A 79 7.63 -2.67 -4.06
CA LYS A 79 8.06 -2.88 -2.65
C LYS A 79 8.69 -1.61 -2.06
N ALA A 80 8.31 -1.25 -0.84
CA ALA A 80 8.77 -0.03 -0.15
C ALA A 80 10.16 -0.20 0.51
N GLN A 81 11.18 -0.43 -0.33
CA GLN A 81 12.58 -0.72 0.04
C GLN A 81 12.66 -1.92 1.02
N PRO A 82 12.47 -3.15 0.50
CA PRO A 82 12.24 -4.34 1.32
C PRO A 82 13.42 -4.81 2.19
N LYS A 83 13.05 -5.54 3.25
CA LYS A 83 13.89 -6.28 4.20
C LYS A 83 13.16 -7.56 4.59
N GLU A 84 13.81 -8.72 4.49
CA GLU A 84 13.17 -10.04 4.63
C GLU A 84 12.63 -10.29 6.04
N VAL A 85 11.30 -10.21 6.20
CA VAL A 85 10.54 -10.49 7.44
C VAL A 85 9.19 -11.15 7.12
N MET A 86 8.89 -12.28 7.76
CA MET A 86 7.67 -13.09 7.54
C MET A 86 7.06 -13.57 8.86
N SER A 87 5.73 -13.63 8.94
CA SER A 87 4.97 -14.18 10.07
C SER A 87 3.65 -14.81 9.59
N PRO A 88 3.62 -16.13 9.29
CA PRO A 88 2.45 -16.79 8.69
C PRO A 88 1.30 -16.99 9.70
N THR A 89 0.06 -16.94 9.21
CA THR A 89 -1.20 -17.08 9.96
C THR A 89 -1.58 -18.50 10.45
N GLY A 90 -0.59 -19.26 10.95
CA GLY A 90 -0.75 -20.65 11.38
C GLY A 90 -1.70 -20.82 12.57
N SER A 91 -2.49 -21.91 12.57
CA SER A 91 -3.47 -22.27 13.60
C SER A 91 -3.76 -23.79 13.59
N ALA A 92 -4.28 -24.33 14.70
CA ALA A 92 -4.60 -25.75 14.85
C ALA A 92 -5.76 -26.21 13.92
N ARG A 93 -5.64 -27.41 13.35
CA ARG A 93 -6.65 -28.06 12.49
C ARG A 93 -7.76 -28.74 13.31
N GLY A 94 -8.93 -28.92 12.69
CA GLY A 94 -10.05 -29.69 13.23
C GLY A 94 -9.83 -31.22 13.19
N ARG A 95 -10.79 -31.97 13.75
CA ARG A 95 -10.80 -33.45 13.81
C ARG A 95 -12.22 -34.03 13.71
N SER A 96 -12.32 -35.36 13.54
CA SER A 96 -13.57 -36.12 13.39
C SER A 96 -14.46 -36.17 14.66
N GLY A 1 16.16 -9.47 0.57
CA GLY A 1 14.91 -10.16 0.18
C GLY A 1 13.79 -9.17 -0.10
N SER A 2 12.54 -9.65 -0.07
CA SER A 2 11.30 -8.88 -0.32
C SER A 2 10.27 -9.05 0.81
N HIS A 3 10.77 -9.32 2.02
CA HIS A 3 10.00 -9.73 3.20
C HIS A 3 9.47 -8.52 4.00
N MET A 4 8.62 -7.71 3.37
CA MET A 4 7.97 -6.53 3.98
C MET A 4 6.47 -6.44 3.65
N LYS A 5 5.69 -5.89 4.60
CA LYS A 5 4.23 -5.67 4.50
C LYS A 5 3.86 -4.25 4.08
N LYS A 6 4.70 -3.61 3.25
CA LYS A 6 4.57 -2.21 2.80
C LYS A 6 4.95 -2.05 1.33
N ILE A 7 4.34 -1.08 0.65
CA ILE A 7 4.56 -0.83 -0.79
C ILE A 7 4.61 0.67 -1.15
N PHE A 8 5.35 0.99 -2.20
CA PHE A 8 5.38 2.27 -2.91
C PHE A 8 4.34 2.36 -4.03
N VAL A 9 3.75 3.54 -4.28
CA VAL A 9 2.72 3.78 -5.30
C VAL A 9 3.04 5.03 -6.11
N GLY A 10 2.86 5.00 -7.43
CA GLY A 10 3.12 6.14 -8.33
C GLY A 10 2.23 6.19 -9.58
N GLY A 11 2.00 7.39 -10.10
CA GLY A 11 1.11 7.67 -11.24
C GLY A 11 -0.30 8.12 -10.84
N LEU A 12 -0.50 8.56 -9.60
CA LEU A 12 -1.79 9.02 -9.06
C LEU A 12 -2.32 10.26 -9.77
N SER A 13 -3.62 10.28 -10.09
CA SER A 13 -4.33 11.44 -10.64
C SER A 13 -4.33 12.64 -9.67
N VAL A 14 -4.41 13.86 -10.20
CA VAL A 14 -4.61 15.08 -9.41
C VAL A 14 -5.98 15.10 -8.74
N ASN A 15 -6.93 14.34 -9.30
CA ASN A 15 -8.27 14.14 -8.74
C ASN A 15 -8.27 13.35 -7.41
N THR A 16 -7.26 12.50 -7.21
CA THR A 16 -7.14 11.54 -6.10
C THR A 16 -6.74 12.14 -4.75
N THR A 17 -7.24 11.54 -3.67
CA THR A 17 -6.82 11.76 -2.28
C THR A 17 -6.52 10.46 -1.53
N VAL A 18 -5.80 10.53 -0.41
CA VAL A 18 -5.29 9.35 0.32
C VAL A 18 -6.38 8.35 0.77
N GLU A 19 -7.58 8.84 1.07
CA GLU A 19 -8.75 8.01 1.40
C GLU A 19 -9.20 7.13 0.21
N ASP A 20 -9.07 7.63 -1.03
CA ASP A 20 -9.33 6.85 -2.25
C ASP A 20 -8.28 5.76 -2.38
N VAL A 21 -6.99 6.09 -2.20
CA VAL A 21 -5.87 5.14 -2.30
C VAL A 21 -6.04 3.99 -1.31
N LYS A 22 -6.38 4.30 -0.05
CA LYS A 22 -6.68 3.29 0.97
C LYS A 22 -7.86 2.41 0.57
N HIS A 23 -8.98 3.00 0.11
CA HIS A 23 -10.15 2.26 -0.38
C HIS A 23 -9.85 1.32 -1.56
N TYR A 24 -9.10 1.79 -2.56
CA TYR A 24 -8.67 1.00 -3.70
C TYR A 24 -7.70 -0.15 -3.43
N PHE A 25 -6.74 0.05 -2.51
CA PHE A 25 -5.86 -1.02 -2.02
C PHE A 25 -6.48 -2.05 -1.06
N GLU A 26 -7.49 -1.65 -0.27
CA GLU A 26 -8.26 -2.54 0.61
C GLU A 26 -9.03 -3.66 -0.10
N GLN A 27 -9.23 -3.55 -1.42
CA GLN A 27 -9.91 -4.57 -2.23
C GLN A 27 -9.12 -5.91 -2.28
N PHE A 28 -7.80 -5.86 -2.05
CA PHE A 28 -6.92 -7.04 -1.98
C PHE A 28 -6.83 -7.72 -0.60
N GLY A 29 -6.99 -6.94 0.46
CA GLY A 29 -6.85 -7.31 1.87
C GLY A 29 -6.63 -6.07 2.75
N LYS A 30 -6.57 -6.23 4.07
CA LYS A 30 -6.51 -5.09 5.01
C LYS A 30 -5.29 -4.19 4.79
N VAL A 31 -5.55 -2.89 4.64
CA VAL A 31 -4.56 -1.80 4.65
C VAL A 31 -4.61 -1.13 6.02
N ASP A 32 -3.49 -1.08 6.72
CA ASP A 32 -3.41 -0.53 8.08
C ASP A 32 -3.25 1.00 8.03
N ASP A 33 -2.55 1.54 7.02
CA ASP A 33 -2.27 2.98 6.87
C ASP A 33 -1.89 3.29 5.41
N ALA A 34 -2.04 4.55 4.99
CA ALA A 34 -1.66 5.05 3.67
C ALA A 34 -1.24 6.54 3.75
N MET A 35 -0.32 6.95 2.88
CA MET A 35 0.24 8.31 2.82
C MET A 35 0.73 8.70 1.42
N LEU A 36 0.84 10.00 1.17
CA LEU A 36 1.28 10.60 -0.08
C LEU A 36 2.44 11.57 0.16
N MET A 37 3.26 11.80 -0.88
CA MET A 37 4.27 12.86 -0.88
C MET A 37 3.61 14.19 -1.28
N PHE A 38 3.88 15.27 -0.54
CA PHE A 38 3.17 16.56 -0.63
C PHE A 38 3.99 17.79 -1.03
N ASP A 39 3.36 18.75 -1.72
CA ASP A 39 3.92 20.08 -1.96
C ASP A 39 3.46 21.03 -0.85
N LYS A 40 4.35 21.37 0.09
CA LYS A 40 4.01 22.07 1.34
C LYS A 40 3.36 23.45 1.17
N THR A 41 3.60 24.14 0.05
CA THR A 41 2.97 25.44 -0.26
C THR A 41 1.52 25.40 -0.78
N THR A 42 1.07 24.23 -1.24
CA THR A 42 -0.27 24.00 -1.84
C THR A 42 -1.11 22.87 -1.22
N ASN A 43 -0.50 22.00 -0.42
CA ASN A 43 -1.01 20.73 0.11
C ASN A 43 -1.56 19.73 -0.94
N ARG A 44 -1.20 19.91 -2.21
CA ARG A 44 -1.44 18.93 -3.30
C ARG A 44 -0.36 17.84 -3.29
N HIS A 45 -0.72 16.61 -3.64
CA HIS A 45 0.23 15.49 -3.71
C HIS A 45 1.07 15.52 -5.00
N ARG A 46 2.24 14.88 -4.98
CA ARG A 46 3.24 14.86 -6.07
C ARG A 46 2.99 13.82 -7.17
N GLY A 47 1.90 13.04 -7.07
CA GLY A 47 1.60 11.89 -7.93
C GLY A 47 2.11 10.54 -7.41
N PHE A 48 2.68 10.51 -6.20
CA PHE A 48 3.25 9.32 -5.55
C PHE A 48 3.10 9.22 -4.03
N GLY A 49 3.23 8.02 -3.46
CA GLY A 49 3.03 7.75 -2.03
C GLY A 49 3.41 6.34 -1.57
N PHE A 50 2.95 5.96 -0.38
CA PHE A 50 3.18 4.69 0.30
C PHE A 50 1.94 4.08 0.97
N VAL A 51 1.85 2.75 1.01
CA VAL A 51 0.73 2.01 1.61
C VAL A 51 1.22 0.87 2.50
N THR A 52 0.74 0.82 3.75
CA THR A 52 1.03 -0.24 4.72
C THR A 52 -0.07 -1.29 4.75
N PHE A 53 0.31 -2.53 4.51
CA PHE A 53 -0.55 -3.71 4.62
C PHE A 53 -0.57 -4.43 5.97
N GLU A 54 -1.63 -5.22 6.24
CA GLU A 54 -1.69 -6.10 7.41
C GLU A 54 -0.66 -7.25 7.35
N SER A 55 -0.38 -7.77 6.14
CA SER A 55 0.55 -8.89 5.93
C SER A 55 1.24 -8.82 4.55
N GLU A 56 2.48 -9.30 4.51
CA GLU A 56 3.27 -9.47 3.28
C GLU A 56 2.62 -10.48 2.31
N ASP A 57 1.80 -11.40 2.82
CA ASP A 57 1.02 -12.34 2.00
C ASP A 57 -0.02 -11.70 1.06
N ILE A 58 -0.58 -10.54 1.45
CA ILE A 58 -1.43 -9.70 0.59
C ILE A 58 -0.56 -8.94 -0.42
N VAL A 59 0.52 -8.32 0.06
CA VAL A 59 1.46 -7.52 -0.75
C VAL A 59 2.02 -8.36 -1.90
N GLU A 60 2.24 -9.66 -1.69
CA GLU A 60 2.76 -10.60 -2.69
C GLU A 60 1.97 -10.57 -4.01
N LYS A 61 0.63 -10.47 -3.96
CA LYS A 61 -0.22 -10.28 -5.15
C LYS A 61 -0.25 -8.81 -5.60
N VAL A 62 -0.41 -7.85 -4.69
CA VAL A 62 -0.49 -6.42 -5.03
C VAL A 62 0.74 -5.95 -5.82
N CYS A 63 1.94 -6.35 -5.40
CA CYS A 63 3.22 -6.02 -6.03
C CYS A 63 3.43 -6.80 -7.35
N GLU A 64 2.93 -8.04 -7.45
CA GLU A 64 2.98 -8.84 -8.68
C GLU A 64 2.10 -8.26 -9.81
N ILE A 65 0.92 -7.74 -9.47
CA ILE A 65 0.08 -6.97 -10.40
C ILE A 65 0.74 -5.61 -10.66
N HIS A 66 1.19 -5.32 -11.89
CA HIS A 66 1.91 -4.08 -12.18
C HIS A 66 0.99 -2.84 -12.07
N PHE A 67 -0.18 -2.87 -12.73
CA PHE A 67 -1.15 -1.77 -12.80
C PHE A 67 -2.45 -1.92 -12.02
N HIS A 68 -2.90 -0.84 -11.37
CA HIS A 68 -4.06 -0.79 -10.48
C HIS A 68 -4.94 0.43 -10.77
N GLU A 69 -6.24 0.25 -10.95
CA GLU A 69 -7.17 1.36 -11.21
C GLU A 69 -7.52 2.15 -9.93
N ILE A 70 -7.48 3.48 -10.03
CA ILE A 70 -7.81 4.47 -9.00
C ILE A 70 -8.44 5.69 -9.70
N ASN A 71 -9.70 6.04 -9.38
CA ASN A 71 -10.41 7.19 -9.96
C ASN A 71 -10.34 7.24 -11.52
N ASN A 72 -10.59 6.09 -12.17
CA ASN A 72 -10.45 5.83 -13.62
C ASN A 72 -9.01 5.87 -14.20
N LYS A 73 -8.03 6.49 -13.51
CA LYS A 73 -6.58 6.46 -13.82
C LYS A 73 -5.99 5.09 -13.42
N MET A 74 -4.89 4.67 -14.04
CA MET A 74 -4.10 3.52 -13.57
C MET A 74 -2.77 3.96 -12.96
N VAL A 75 -2.53 3.53 -11.72
CA VAL A 75 -1.26 3.64 -10.99
C VAL A 75 -0.44 2.35 -11.07
N GLU A 76 0.85 2.43 -10.76
CA GLU A 76 1.70 1.25 -10.56
C GLU A 76 2.33 1.26 -9.16
N CYS A 77 2.70 0.07 -8.68
CA CYS A 77 3.24 -0.10 -7.32
C CYS A 77 4.42 -1.10 -7.27
N LYS A 78 5.27 -0.95 -6.25
CA LYS A 78 6.48 -1.73 -5.99
C LYS A 78 6.73 -1.94 -4.50
N LYS A 79 7.72 -2.74 -4.16
CA LYS A 79 8.18 -2.96 -2.77
C LYS A 79 8.68 -1.66 -2.14
N ALA A 80 8.28 -1.41 -0.89
CA ALA A 80 8.75 -0.26 -0.12
C ALA A 80 10.14 -0.55 0.49
N GLN A 81 11.03 0.44 0.49
CA GLN A 81 12.43 0.27 0.90
C GLN A 81 12.60 0.19 2.43
N PRO A 82 13.51 -0.68 2.95
CA PRO A 82 13.79 -0.79 4.39
C PRO A 82 14.70 0.32 4.95
N LYS A 83 15.37 1.07 4.05
CA LYS A 83 16.22 2.25 4.33
C LYS A 83 17.30 2.01 5.41
N GLU A 84 18.03 0.91 5.26
CA GLU A 84 19.08 0.45 6.19
C GLU A 84 20.25 -0.23 5.46
N VAL A 85 21.43 -0.27 6.08
CA VAL A 85 22.65 -0.91 5.56
C VAL A 85 23.50 -1.57 6.66
N MET A 86 24.13 -2.71 6.34
CA MET A 86 24.93 -3.51 7.28
C MET A 86 26.30 -2.89 7.61
N SER A 87 26.90 -2.16 6.65
CA SER A 87 28.23 -1.52 6.77
C SER A 87 28.16 -0.02 6.45
N PRO A 88 27.57 0.80 7.37
CA PRO A 88 27.53 2.26 7.24
C PRO A 88 28.91 2.92 7.43
N THR A 89 29.02 4.20 7.06
CA THR A 89 30.24 5.03 7.13
C THR A 89 31.46 4.61 6.29
N GLY A 90 32.49 5.44 6.25
CA GLY A 90 33.71 5.23 5.44
C GLY A 90 33.52 5.50 3.94
N SER A 91 32.58 6.38 3.59
CA SER A 91 32.26 6.78 2.20
C SER A 91 33.37 7.62 1.55
N ALA A 92 33.20 7.91 0.24
CA ALA A 92 34.09 8.77 -0.55
C ALA A 92 34.00 10.28 -0.23
N ARG A 93 33.27 10.68 0.83
CA ARG A 93 33.02 12.05 1.34
C ARG A 93 32.21 12.99 0.41
N GLY A 94 32.37 12.88 -0.91
CA GLY A 94 31.68 13.71 -1.90
C GLY A 94 32.25 15.14 -2.03
N ARG A 95 31.53 16.00 -2.75
CA ARG A 95 31.91 17.41 -3.01
C ARG A 95 31.85 18.30 -1.76
N SER A 96 32.46 19.48 -1.84
CA SER A 96 32.55 20.50 -0.78
C SER A 96 31.21 21.18 -0.39
N GLY A 1 17.16 -8.94 5.49
CA GLY A 1 16.26 -7.84 5.90
C GLY A 1 14.88 -8.36 6.28
N SER A 2 14.15 -7.61 7.11
CA SER A 2 12.80 -7.96 7.60
C SER A 2 11.75 -8.04 6.48
N HIS A 3 10.80 -8.97 6.61
CA HIS A 3 9.74 -9.24 5.62
C HIS A 3 8.82 -8.03 5.42
N MET A 4 8.53 -7.68 4.16
CA MET A 4 7.76 -6.47 3.82
C MET A 4 6.29 -6.54 4.24
N LYS A 5 5.80 -5.44 4.82
CA LYS A 5 4.40 -5.18 5.20
C LYS A 5 3.93 -3.83 4.65
N LYS A 6 4.59 -3.36 3.58
CA LYS A 6 4.46 -2.01 3.04
C LYS A 6 4.74 -2.01 1.53
N ILE A 7 4.18 -1.04 0.82
CA ILE A 7 4.38 -0.83 -0.61
C ILE A 7 4.50 0.64 -0.98
N PHE A 8 5.18 0.89 -2.10
CA PHE A 8 5.20 2.14 -2.85
C PHE A 8 4.12 2.19 -3.93
N VAL A 9 3.53 3.35 -4.21
CA VAL A 9 2.50 3.58 -5.24
C VAL A 9 2.84 4.84 -6.05
N GLY A 10 2.79 4.76 -7.38
CA GLY A 10 3.14 5.89 -8.27
C GLY A 10 2.25 6.00 -9.52
N GLY A 11 1.95 7.24 -9.91
CA GLY A 11 1.04 7.60 -11.01
C GLY A 11 -0.31 8.18 -10.57
N LEU A 12 -0.47 8.53 -9.29
CA LEU A 12 -1.71 9.02 -8.69
C LEU A 12 -2.18 10.34 -9.33
N SER A 13 -3.48 10.44 -9.61
CA SER A 13 -4.08 11.59 -10.32
C SER A 13 -4.32 12.81 -9.41
N VAL A 14 -4.84 13.89 -9.99
CA VAL A 14 -5.26 15.10 -9.26
C VAL A 14 -6.63 14.94 -8.60
N ASN A 15 -7.44 13.98 -9.07
CA ASN A 15 -8.69 13.57 -8.43
C ASN A 15 -8.41 12.71 -7.19
N THR A 16 -7.39 11.86 -7.28
CA THR A 16 -6.96 10.92 -6.23
C THR A 16 -6.33 11.56 -4.99
N THR A 17 -6.67 11.01 -3.83
CA THR A 17 -6.17 11.39 -2.50
C THR A 17 -6.01 10.19 -1.56
N VAL A 18 -5.44 10.37 -0.37
CA VAL A 18 -5.09 9.29 0.56
C VAL A 18 -6.27 8.40 0.98
N GLU A 19 -7.48 8.97 1.08
CA GLU A 19 -8.72 8.23 1.35
C GLU A 19 -9.12 7.31 0.18
N ASP A 20 -8.97 7.77 -1.06
CA ASP A 20 -9.16 6.94 -2.26
C ASP A 20 -8.15 5.80 -2.39
N VAL A 21 -6.88 6.09 -2.10
CA VAL A 21 -5.79 5.10 -2.05
C VAL A 21 -6.13 4.03 -1.01
N LYS A 22 -6.45 4.42 0.24
CA LYS A 22 -6.78 3.48 1.32
C LYS A 22 -8.00 2.62 0.97
N HIS A 23 -9.08 3.23 0.48
CA HIS A 23 -10.31 2.52 0.06
C HIS A 23 -10.05 1.52 -1.08
N TYR A 24 -9.24 1.89 -2.08
CA TYR A 24 -8.88 1.00 -3.19
C TYR A 24 -7.96 -0.17 -2.79
N PHE A 25 -6.91 0.10 -2.02
CA PHE A 25 -6.00 -0.94 -1.54
C PHE A 25 -6.58 -1.96 -0.55
N GLU A 26 -7.58 -1.56 0.23
CA GLU A 26 -8.38 -2.46 1.07
C GLU A 26 -9.12 -3.57 0.31
N GLN A 27 -9.34 -3.42 -1.00
CA GLN A 27 -10.02 -4.44 -1.82
C GLN A 27 -9.15 -5.68 -2.06
N PHE A 28 -7.82 -5.56 -2.02
CA PHE A 28 -6.89 -6.70 -2.03
C PHE A 28 -6.78 -7.48 -0.71
N GLY A 29 -6.86 -6.76 0.40
CA GLY A 29 -6.75 -7.25 1.78
C GLY A 29 -6.55 -6.08 2.76
N LYS A 30 -6.49 -6.36 4.07
CA LYS A 30 -6.45 -5.33 5.12
C LYS A 30 -5.24 -4.38 4.99
N VAL A 31 -5.53 -3.08 5.04
CA VAL A 31 -4.58 -1.97 5.02
C VAL A 31 -4.53 -1.37 6.43
N ASP A 32 -3.33 -1.13 6.94
CA ASP A 32 -3.08 -0.57 8.28
C ASP A 32 -2.72 0.93 8.32
N ASP A 33 -2.22 1.47 7.20
CA ASP A 33 -1.83 2.87 7.00
C ASP A 33 -1.73 3.27 5.51
N ALA A 34 -1.96 4.54 5.18
CA ALA A 34 -1.72 5.10 3.84
C ALA A 34 -1.23 6.56 3.93
N MET A 35 -0.34 6.95 3.02
CA MET A 35 0.33 8.26 3.02
C MET A 35 0.83 8.66 1.62
N LEU A 36 1.06 9.96 1.41
CA LEU A 36 1.49 10.56 0.14
C LEU A 36 2.74 11.43 0.32
N MET A 37 3.57 11.53 -0.73
CA MET A 37 4.68 12.49 -0.80
C MET A 37 4.17 13.86 -1.27
N PHE A 38 4.74 14.96 -0.73
CA PHE A 38 4.34 16.35 -1.00
C PHE A 38 5.40 17.27 -1.63
N ASP A 39 4.96 18.31 -2.35
CA ASP A 39 5.82 19.40 -2.84
C ASP A 39 5.57 20.74 -2.11
N LYS A 40 6.54 21.20 -1.31
CA LYS A 40 6.46 22.46 -0.54
C LYS A 40 6.25 23.71 -1.41
N THR A 41 6.59 23.64 -2.70
CA THR A 41 6.35 24.70 -3.70
C THR A 41 4.89 24.92 -4.11
N THR A 42 4.02 23.94 -3.83
CA THR A 42 2.60 23.90 -4.26
C THR A 42 1.60 23.45 -3.19
N ASN A 43 2.07 22.78 -2.13
CA ASN A 43 1.29 22.11 -1.08
C ASN A 43 0.36 20.99 -1.62
N ARG A 44 0.66 20.42 -2.81
CA ARG A 44 -0.04 19.28 -3.42
C ARG A 44 0.83 18.02 -3.34
N HIS A 45 0.22 16.84 -3.47
CA HIS A 45 0.96 15.57 -3.55
C HIS A 45 1.72 15.43 -4.88
N ARG A 46 2.81 14.65 -4.87
CA ARG A 46 3.74 14.52 -6.01
C ARG A 46 3.31 13.52 -7.10
N GLY A 47 2.12 12.91 -6.96
CA GLY A 47 1.66 11.78 -7.78
C GLY A 47 2.17 10.42 -7.30
N PHE A 48 2.77 10.36 -6.10
CA PHE A 48 3.26 9.14 -5.46
C PHE A 48 3.11 9.07 -3.93
N GLY A 49 3.07 7.85 -3.38
CA GLY A 49 2.87 7.60 -1.95
C GLY A 49 3.20 6.17 -1.52
N PHE A 50 2.74 5.81 -0.32
CA PHE A 50 2.98 4.52 0.34
C PHE A 50 1.75 3.95 1.06
N VAL A 51 1.67 2.62 1.17
CA VAL A 51 0.57 1.89 1.85
C VAL A 51 1.10 0.75 2.72
N THR A 52 0.69 0.70 3.99
CA THR A 52 0.95 -0.39 4.94
C THR A 52 -0.12 -1.48 4.93
N PHE A 53 0.30 -2.73 5.03
CA PHE A 53 -0.51 -3.93 4.93
C PHE A 53 -0.47 -4.92 6.11
N GLU A 54 -1.56 -5.65 6.33
CA GLU A 54 -1.68 -6.60 7.44
C GLU A 54 -0.75 -7.83 7.30
N SER A 55 -0.48 -8.28 6.07
CA SER A 55 0.38 -9.44 5.78
C SER A 55 1.15 -9.31 4.46
N GLU A 56 2.34 -9.91 4.43
CA GLU A 56 3.16 -10.05 3.21
C GLU A 56 2.42 -10.80 2.08
N ASP A 57 1.50 -11.71 2.42
CA ASP A 57 0.69 -12.45 1.44
C ASP A 57 -0.21 -11.59 0.55
N ILE A 58 -0.68 -10.46 1.08
CA ILE A 58 -1.42 -9.45 0.31
C ILE A 58 -0.45 -8.58 -0.50
N VAL A 59 0.62 -8.09 0.14
CA VAL A 59 1.63 -7.19 -0.46
C VAL A 59 2.23 -7.82 -1.72
N GLU A 60 2.55 -9.12 -1.68
CA GLU A 60 3.10 -9.86 -2.82
C GLU A 60 2.21 -9.79 -4.07
N LYS A 61 0.90 -10.03 -3.96
CA LYS A 61 -0.04 -9.90 -5.09
C LYS A 61 -0.13 -8.45 -5.58
N VAL A 62 -0.26 -7.48 -4.67
CA VAL A 62 -0.33 -6.06 -5.04
C VAL A 62 0.92 -5.60 -5.80
N CYS A 63 2.11 -6.12 -5.44
CA CYS A 63 3.36 -5.90 -6.18
C CYS A 63 3.46 -6.65 -7.52
N GLU A 64 2.99 -7.91 -7.59
CA GLU A 64 2.98 -8.73 -8.81
C GLU A 64 2.03 -8.18 -9.89
N ILE A 65 0.89 -7.59 -9.51
CA ILE A 65 0.02 -6.84 -10.40
C ILE A 65 0.73 -5.53 -10.79
N HIS A 66 1.08 -5.35 -12.07
CA HIS A 66 1.80 -4.15 -12.53
C HIS A 66 0.90 -2.90 -12.45
N PHE A 67 -0.24 -2.91 -13.14
CA PHE A 67 -1.18 -1.79 -13.20
C PHE A 67 -2.49 -1.89 -12.38
N HIS A 68 -2.85 -0.78 -11.75
CA HIS A 68 -3.96 -0.64 -10.80
C HIS A 68 -4.81 0.57 -11.16
N GLU A 69 -6.12 0.40 -11.34
CA GLU A 69 -7.03 1.46 -11.79
C GLU A 69 -7.64 2.26 -10.63
N ILE A 70 -7.42 3.59 -10.61
CA ILE A 70 -7.91 4.51 -9.57
C ILE A 70 -8.41 5.81 -10.21
N ASN A 71 -9.65 6.23 -9.92
CA ASN A 71 -10.29 7.41 -10.53
C ASN A 71 -10.21 7.45 -12.07
N ASN A 72 -10.39 6.29 -12.71
CA ASN A 72 -10.19 5.98 -14.13
C ASN A 72 -8.74 6.15 -14.68
N LYS A 73 -7.79 6.70 -13.89
CA LYS A 73 -6.33 6.75 -14.15
C LYS A 73 -5.68 5.41 -13.75
N MET A 74 -4.41 5.22 -14.11
CA MET A 74 -3.64 4.01 -13.81
C MET A 74 -2.38 4.31 -12.99
N VAL A 75 -2.14 3.50 -11.96
CA VAL A 75 -0.97 3.52 -11.07
C VAL A 75 -0.22 2.19 -11.06
N GLU A 76 1.05 2.20 -10.65
CA GLU A 76 1.86 0.99 -10.45
C GLU A 76 2.45 0.92 -9.03
N CYS A 77 2.69 -0.31 -8.57
CA CYS A 77 3.05 -0.61 -7.18
C CYS A 77 4.35 -1.42 -7.06
N LYS A 78 5.13 -1.14 -6.00
CA LYS A 78 6.42 -1.78 -5.70
C LYS A 78 6.62 -2.05 -4.21
N LYS A 79 7.67 -2.81 -3.89
CA LYS A 79 8.07 -3.15 -2.52
C LYS A 79 8.47 -1.91 -1.69
N ALA A 80 8.26 -2.00 -0.38
CA ALA A 80 8.71 -1.02 0.61
C ALA A 80 8.96 -1.71 1.97
N GLN A 81 9.86 -1.15 2.78
CA GLN A 81 10.27 -1.74 4.06
C GLN A 81 9.15 -1.67 5.13
N PRO A 82 9.02 -2.67 6.03
CA PRO A 82 7.93 -2.73 7.01
C PRO A 82 8.00 -1.58 8.03
N LYS A 83 6.84 -0.94 8.30
CA LYS A 83 6.72 0.13 9.32
C LYS A 83 6.80 -0.40 10.75
N GLU A 84 6.24 -1.59 10.94
CA GLU A 84 6.24 -2.40 12.17
C GLU A 84 6.24 -3.90 11.84
N VAL A 85 6.89 -4.72 12.68
CA VAL A 85 6.86 -6.18 12.59
C VAL A 85 5.54 -6.80 13.08
N MET A 86 5.14 -7.94 12.51
CA MET A 86 3.99 -8.73 12.98
C MET A 86 4.26 -9.34 14.38
N SER A 87 3.22 -9.45 15.21
CA SER A 87 3.29 -10.09 16.53
C SER A 87 1.94 -10.73 16.90
N PRO A 88 1.87 -12.06 17.10
CA PRO A 88 0.63 -12.79 17.40
C PRO A 88 0.16 -12.61 18.87
N THR A 89 -1.10 -12.97 19.13
CA THR A 89 -1.71 -12.99 20.48
C THR A 89 -2.73 -14.11 20.72
N GLY A 90 -2.96 -14.47 21.99
CA GLY A 90 -3.88 -15.54 22.41
C GLY A 90 -5.36 -15.13 22.47
N SER A 91 -6.20 -16.05 22.93
CA SER A 91 -7.65 -15.86 23.14
C SER A 91 -8.20 -16.74 24.26
N ALA A 92 -9.21 -16.26 24.99
CA ALA A 92 -9.93 -17.00 26.03
C ALA A 92 -10.96 -18.00 25.48
N ARG A 93 -11.31 -17.92 24.18
CA ARG A 93 -12.31 -18.79 23.53
C ARG A 93 -11.80 -20.22 23.33
N GLY A 94 -12.72 -21.19 23.37
CA GLY A 94 -12.45 -22.62 23.18
C GLY A 94 -13.69 -23.51 23.41
N ARG A 95 -13.53 -24.82 23.21
CA ARG A 95 -14.58 -25.84 23.39
C ARG A 95 -13.99 -27.19 23.83
N SER A 96 -14.78 -27.99 24.57
CA SER A 96 -14.40 -29.29 25.16
C SER A 96 -13.90 -30.31 24.12
N GLY A 1 7.92 -14.43 -3.84
CA GLY A 1 8.59 -13.17 -4.22
C GLY A 1 9.33 -12.58 -3.04
N SER A 2 8.74 -11.62 -2.35
CA SER A 2 9.35 -10.88 -1.23
C SER A 2 8.44 -10.75 0.00
N HIS A 3 8.96 -11.12 1.17
CA HIS A 3 8.36 -10.90 2.47
C HIS A 3 8.47 -9.41 2.84
N MET A 4 7.41 -8.64 2.60
CA MET A 4 7.36 -7.19 2.83
C MET A 4 5.93 -6.72 3.11
N LYS A 5 5.76 -5.79 4.06
CA LYS A 5 4.45 -5.37 4.58
C LYS A 5 4.02 -3.97 4.08
N LYS A 6 4.78 -3.36 3.18
CA LYS A 6 4.55 -1.99 2.67
C LYS A 6 4.91 -1.87 1.19
N ILE A 7 4.22 -0.97 0.49
CA ILE A 7 4.43 -0.71 -0.95
C ILE A 7 4.36 0.77 -1.32
N PHE A 8 5.10 1.12 -2.37
CA PHE A 8 5.05 2.38 -3.11
C PHE A 8 3.97 2.39 -4.19
N VAL A 9 3.37 3.55 -4.48
CA VAL A 9 2.36 3.73 -5.54
C VAL A 9 2.67 5.01 -6.33
N GLY A 10 2.61 4.94 -7.67
CA GLY A 10 2.94 6.07 -8.56
C GLY A 10 2.10 6.13 -9.84
N GLY A 11 1.99 7.33 -10.41
CA GLY A 11 1.07 7.66 -11.50
C GLY A 11 -0.30 8.17 -11.03
N LEU A 12 -0.47 8.41 -9.72
CA LEU A 12 -1.69 8.94 -9.12
C LEU A 12 -2.01 10.36 -9.63
N SER A 13 -3.29 10.67 -9.80
CA SER A 13 -3.75 12.03 -10.02
C SER A 13 -3.58 12.86 -8.74
N VAL A 14 -3.44 14.19 -8.88
CA VAL A 14 -3.52 15.10 -7.73
C VAL A 14 -4.94 15.21 -7.18
N ASN A 15 -5.93 14.77 -7.97
CA ASN A 15 -7.34 14.66 -7.58
C ASN A 15 -7.62 13.50 -6.61
N THR A 16 -6.83 12.42 -6.67
CA THR A 16 -6.94 11.25 -5.79
C THR A 16 -6.59 11.51 -4.33
N THR A 17 -7.53 11.20 -3.42
CA THR A 17 -7.29 11.29 -1.96
C THR A 17 -6.54 10.11 -1.35
N VAL A 18 -5.97 10.33 -0.16
CA VAL A 18 -5.40 9.24 0.66
C VAL A 18 -6.45 8.20 1.10
N GLU A 19 -7.71 8.63 1.27
CA GLU A 19 -8.83 7.75 1.59
C GLU A 19 -9.28 6.96 0.35
N ASP A 20 -9.25 7.57 -0.85
CA ASP A 20 -9.50 6.87 -2.12
C ASP A 20 -8.48 5.77 -2.44
N VAL A 21 -7.18 6.05 -2.21
CA VAL A 21 -6.09 5.05 -2.35
C VAL A 21 -6.32 3.90 -1.35
N LYS A 22 -6.56 4.19 -0.07
CA LYS A 22 -6.80 3.17 0.96
C LYS A 22 -8.05 2.33 0.65
N HIS A 23 -9.16 2.96 0.31
CA HIS A 23 -10.42 2.30 -0.06
C HIS A 23 -10.26 1.37 -1.27
N TYR A 24 -9.48 1.77 -2.28
CA TYR A 24 -9.13 0.89 -3.39
C TYR A 24 -8.27 -0.33 -2.97
N PHE A 25 -7.15 -0.09 -2.30
CA PHE A 25 -6.25 -1.17 -1.86
C PHE A 25 -6.79 -2.20 -0.85
N GLU A 26 -7.81 -1.81 -0.08
CA GLU A 26 -8.56 -2.70 0.82
C GLU A 26 -9.28 -3.88 0.13
N GLN A 27 -9.43 -3.88 -1.21
CA GLN A 27 -10.05 -5.00 -1.93
C GLN A 27 -9.23 -6.30 -1.85
N PHE A 28 -7.90 -6.19 -1.72
CA PHE A 28 -6.98 -7.33 -1.70
C PHE A 28 -6.84 -7.94 -0.29
N GLY A 29 -6.91 -7.10 0.74
CA GLY A 29 -6.76 -7.42 2.16
C GLY A 29 -6.63 -6.15 3.01
N LYS A 30 -6.49 -6.28 4.33
CA LYS A 30 -6.45 -5.13 5.24
C LYS A 30 -5.24 -4.21 4.97
N VAL A 31 -5.54 -2.94 4.70
CA VAL A 31 -4.58 -1.83 4.65
C VAL A 31 -4.62 -1.16 6.02
N ASP A 32 -3.47 -1.05 6.69
CA ASP A 32 -3.39 -0.46 8.02
C ASP A 32 -3.33 1.08 7.90
N ASP A 33 -2.59 1.61 6.91
CA ASP A 33 -2.35 3.05 6.73
C ASP A 33 -1.96 3.34 5.27
N ALA A 34 -2.10 4.61 4.85
CA ALA A 34 -1.74 5.10 3.52
C ALA A 34 -1.31 6.57 3.57
N MET A 35 -0.44 7.00 2.65
CA MET A 35 0.15 8.35 2.58
C MET A 35 0.45 8.81 1.14
N LEU A 36 0.58 10.12 0.95
CA LEU A 36 0.86 10.80 -0.31
C LEU A 36 2.07 11.74 -0.16
N MET A 37 2.90 11.86 -1.21
CA MET A 37 4.12 12.67 -1.21
C MET A 37 3.95 14.05 -1.85
N PHE A 38 4.42 15.09 -1.16
CA PHE A 38 4.26 16.51 -1.48
C PHE A 38 5.54 17.34 -1.57
N ASP A 39 5.60 18.31 -2.49
CA ASP A 39 6.66 19.33 -2.55
C ASP A 39 6.45 20.54 -1.62
N LYS A 40 7.27 20.69 -0.58
CA LYS A 40 7.15 21.78 0.42
C LYS A 40 7.31 23.18 -0.21
N THR A 41 8.19 23.30 -1.20
CA THR A 41 8.46 24.55 -1.95
C THR A 41 7.40 24.95 -2.98
N THR A 42 6.51 24.03 -3.37
CA THR A 42 5.43 24.22 -4.37
C THR A 42 3.99 23.94 -3.90
N ASN A 43 3.84 23.43 -2.67
CA ASN A 43 2.59 23.13 -1.97
C ASN A 43 1.60 22.24 -2.75
N ARG A 44 2.10 21.23 -3.47
CA ARG A 44 1.29 20.25 -4.23
C ARG A 44 1.86 18.82 -4.23
N HIS A 45 0.97 17.87 -4.50
CA HIS A 45 1.23 16.45 -4.69
C HIS A 45 2.21 16.15 -5.84
N ARG A 46 3.02 15.10 -5.67
CA ARG A 46 4.02 14.64 -6.66
C ARG A 46 3.50 13.64 -7.71
N GLY A 47 2.29 13.11 -7.52
CA GLY A 47 1.76 11.98 -8.30
C GLY A 47 2.15 10.60 -7.75
N PHE A 48 2.66 10.54 -6.52
CA PHE A 48 3.06 9.32 -5.80
C PHE A 48 2.75 9.24 -4.30
N GLY A 49 2.77 8.04 -3.74
CA GLY A 49 2.45 7.75 -2.34
C GLY A 49 2.92 6.37 -1.83
N PHE A 50 2.44 6.01 -0.63
CA PHE A 50 2.73 4.77 0.09
C PHE A 50 1.48 4.08 0.67
N VAL A 51 1.51 2.75 0.79
CA VAL A 51 0.45 1.92 1.41
C VAL A 51 1.03 0.85 2.32
N THR A 52 0.59 0.81 3.58
CA THR A 52 0.98 -0.17 4.60
C THR A 52 -0.07 -1.27 4.72
N PHE A 53 0.38 -2.51 4.64
CA PHE A 53 -0.44 -3.73 4.72
C PHE A 53 -0.39 -4.53 6.03
N GLU A 54 -1.48 -5.23 6.35
CA GLU A 54 -1.56 -6.14 7.51
C GLU A 54 -0.65 -7.37 7.36
N SER A 55 -0.56 -7.92 6.15
CA SER A 55 0.20 -9.15 5.85
C SER A 55 0.90 -9.09 4.48
N GLU A 56 2.16 -9.51 4.48
CA GLU A 56 3.00 -9.70 3.31
C GLU A 56 2.42 -10.71 2.30
N ASP A 57 1.61 -11.67 2.77
CA ASP A 57 0.86 -12.57 1.88
C ASP A 57 -0.17 -11.89 0.97
N ILE A 58 -0.69 -10.73 1.38
CA ILE A 58 -1.51 -9.85 0.53
C ILE A 58 -0.61 -9.09 -0.45
N VAL A 59 0.45 -8.46 0.07
CA VAL A 59 1.36 -7.59 -0.70
C VAL A 59 2.00 -8.35 -1.88
N GLU A 60 2.31 -9.63 -1.72
CA GLU A 60 2.85 -10.49 -2.79
C GLU A 60 1.98 -10.53 -4.05
N LYS A 61 0.65 -10.39 -3.93
CA LYS A 61 -0.26 -10.20 -5.06
C LYS A 61 -0.34 -8.74 -5.48
N VAL A 62 -0.55 -7.80 -4.55
CA VAL A 62 -0.68 -6.36 -4.89
C VAL A 62 0.49 -5.81 -5.70
N CYS A 63 1.73 -6.16 -5.32
CA CYS A 63 2.95 -5.72 -5.98
C CYS A 63 3.23 -6.50 -7.29
N GLU A 64 2.61 -7.68 -7.48
CA GLU A 64 2.69 -8.46 -8.73
C GLU A 64 1.71 -7.95 -9.79
N ILE A 65 0.55 -7.40 -9.37
CA ILE A 65 -0.37 -6.66 -10.23
C ILE A 65 0.23 -5.30 -10.59
N HIS A 66 0.03 -4.83 -11.83
CA HIS A 66 0.38 -3.48 -12.29
C HIS A 66 -0.78 -2.82 -13.03
N PHE A 67 -0.75 -1.49 -13.17
CA PHE A 67 -1.84 -0.71 -13.76
C PHE A 67 -3.22 -0.84 -13.07
N HIS A 68 -3.17 -0.77 -11.74
CA HIS A 68 -4.29 -0.64 -10.80
C HIS A 68 -5.13 0.62 -11.13
N GLU A 69 -6.45 0.58 -11.00
CA GLU A 69 -7.34 1.67 -11.45
C GLU A 69 -8.00 2.43 -10.29
N ILE A 70 -7.53 3.66 -10.02
CA ILE A 70 -7.98 4.50 -8.89
C ILE A 70 -8.51 5.85 -9.40
N ASN A 71 -9.75 6.20 -9.09
CA ASN A 71 -10.44 7.41 -9.59
C ASN A 71 -10.36 7.54 -11.13
N ASN A 72 -10.54 6.42 -11.83
CA ASN A 72 -10.34 6.20 -13.27
C ASN A 72 -8.88 6.39 -13.80
N LYS A 73 -7.94 6.94 -13.03
CA LYS A 73 -6.49 7.04 -13.33
C LYS A 73 -5.82 5.69 -13.07
N MET A 74 -4.88 5.28 -13.94
CA MET A 74 -4.12 4.06 -13.76
C MET A 74 -2.80 4.32 -13.00
N VAL A 75 -2.43 3.40 -12.10
CA VAL A 75 -1.26 3.48 -11.20
C VAL A 75 -0.45 2.19 -11.14
N GLU A 76 0.85 2.32 -10.92
CA GLU A 76 1.79 1.20 -10.76
C GLU A 76 2.47 1.23 -9.37
N CYS A 77 2.85 0.06 -8.87
CA CYS A 77 3.37 -0.13 -7.50
C CYS A 77 4.70 -0.89 -7.42
N LYS A 78 5.43 -0.66 -6.33
CA LYS A 78 6.78 -1.20 -6.05
C LYS A 78 6.96 -1.53 -4.57
N LYS A 79 8.04 -2.20 -4.19
CA LYS A 79 8.44 -2.40 -2.78
C LYS A 79 8.68 -1.06 -2.05
N ALA A 80 8.51 -1.05 -0.72
CA ALA A 80 8.76 0.10 0.14
C ALA A 80 9.58 -0.22 1.41
N GLN A 81 10.28 -1.36 1.40
CA GLN A 81 11.18 -1.85 2.46
C GLN A 81 12.08 -2.98 1.94
N PRO A 82 13.17 -3.35 2.64
CA PRO A 82 13.93 -4.57 2.36
C PRO A 82 13.09 -5.83 2.59
N LYS A 83 13.44 -6.95 1.94
CA LYS A 83 12.85 -8.28 2.18
C LYS A 83 13.19 -8.78 3.59
N GLU A 84 12.17 -9.03 4.40
CA GLU A 84 12.30 -9.43 5.81
C GLU A 84 12.52 -10.93 6.04
N VAL A 85 13.01 -11.27 7.24
CA VAL A 85 13.15 -12.64 7.76
C VAL A 85 11.86 -13.22 8.39
N MET A 86 10.79 -12.42 8.45
CA MET A 86 9.54 -12.74 9.14
C MET A 86 8.81 -13.97 8.57
N SER A 87 8.24 -14.79 9.46
CA SER A 87 7.39 -15.94 9.15
C SER A 87 6.42 -16.21 10.32
N PRO A 88 5.25 -15.53 10.36
CA PRO A 88 4.32 -15.60 11.50
C PRO A 88 3.59 -16.95 11.61
N THR A 89 3.15 -17.28 12.82
CA THR A 89 2.30 -18.46 13.12
C THR A 89 0.86 -18.39 12.60
N GLY A 90 0.21 -19.55 12.46
CA GLY A 90 -1.20 -19.66 12.05
C GLY A 90 -1.68 -21.10 11.84
N SER A 91 -0.84 -21.94 11.23
CA SER A 91 -1.04 -23.39 11.14
C SER A 91 -0.79 -24.11 12.48
N ALA A 92 -1.46 -25.26 12.67
CA ALA A 92 -1.35 -26.11 13.87
C ALA A 92 -1.72 -27.57 13.57
N ARG A 93 -1.21 -28.51 14.38
CA ARG A 93 -1.56 -29.94 14.35
C ARG A 93 -2.99 -30.15 14.87
N GLY A 94 -3.89 -30.65 14.02
CA GLY A 94 -5.31 -30.83 14.35
C GLY A 94 -5.60 -31.96 15.36
N ARG A 95 -4.69 -32.93 15.48
CA ARG A 95 -4.77 -34.06 16.42
C ARG A 95 -4.41 -33.69 17.88
N SER A 96 -3.68 -32.60 18.09
CA SER A 96 -3.23 -32.11 19.42
C SER A 96 -4.38 -31.64 20.32
N GLY A 1 13.63 -11.64 0.26
CA GLY A 1 12.87 -11.74 1.53
C GLY A 1 11.38 -11.56 1.28
N SER A 2 10.57 -12.54 1.69
CA SER A 2 9.10 -12.56 1.55
C SER A 2 8.34 -11.75 2.61
N HIS A 3 9.04 -11.15 3.57
CA HIS A 3 8.48 -10.43 4.74
C HIS A 3 7.81 -9.08 4.42
N MET A 4 7.89 -8.61 3.18
CA MET A 4 7.48 -7.25 2.78
C MET A 4 6.00 -6.99 3.05
N LYS A 5 5.68 -6.00 3.91
CA LYS A 5 4.29 -5.61 4.27
C LYS A 5 4.02 -4.15 3.93
N LYS A 6 4.75 -3.62 2.94
CA LYS A 6 4.83 -2.20 2.61
C LYS A 6 5.15 -2.01 1.14
N ILE A 7 4.51 -1.05 0.48
CA ILE A 7 4.60 -0.84 -0.98
C ILE A 7 4.64 0.65 -1.38
N PHE A 8 5.33 0.92 -2.49
CA PHE A 8 5.31 2.18 -3.22
C PHE A 8 4.20 2.25 -4.27
N VAL A 9 3.66 3.44 -4.52
CA VAL A 9 2.60 3.71 -5.49
C VAL A 9 2.92 4.98 -6.29
N GLY A 10 2.81 4.96 -7.62
CA GLY A 10 3.15 6.10 -8.47
C GLY A 10 2.33 6.22 -9.76
N GLY A 11 2.03 7.46 -10.16
CA GLY A 11 1.15 7.82 -11.28
C GLY A 11 -0.25 8.28 -10.87
N LEU A 12 -0.49 8.55 -9.58
CA LEU A 12 -1.77 8.99 -9.03
C LEU A 12 -2.20 10.36 -9.58
N SER A 13 -3.50 10.53 -9.85
CA SER A 13 -4.11 11.81 -10.15
C SER A 13 -4.09 12.75 -8.94
N VAL A 14 -4.13 14.07 -9.18
CA VAL A 14 -4.35 15.06 -8.12
C VAL A 14 -5.80 15.05 -7.61
N ASN A 15 -6.71 14.40 -8.36
CA ASN A 15 -8.06 14.10 -7.92
C ASN A 15 -8.08 13.11 -6.73
N THR A 16 -7.20 12.11 -6.76
CA THR A 16 -7.08 11.06 -5.76
C THR A 16 -6.62 11.49 -4.37
N THR A 17 -7.36 11.13 -3.32
CA THR A 17 -6.97 11.31 -1.91
C THR A 17 -6.22 10.13 -1.28
N VAL A 18 -5.60 10.36 -0.13
CA VAL A 18 -5.04 9.28 0.71
C VAL A 18 -6.10 8.29 1.22
N GLU A 19 -7.33 8.76 1.44
CA GLU A 19 -8.46 7.91 1.83
C GLU A 19 -8.99 7.10 0.64
N ASP A 20 -9.02 7.69 -0.56
CA ASP A 20 -9.28 6.97 -1.81
C ASP A 20 -8.29 5.85 -2.10
N VAL A 21 -6.99 6.13 -1.96
CA VAL A 21 -5.89 5.16 -2.12
C VAL A 21 -6.11 4.02 -1.11
N LYS A 22 -6.36 4.32 0.17
CA LYS A 22 -6.60 3.29 1.19
C LYS A 22 -7.83 2.42 0.89
N HIS A 23 -8.95 3.05 0.48
CA HIS A 23 -10.18 2.37 0.10
C HIS A 23 -9.99 1.42 -1.10
N TYR A 24 -9.31 1.86 -2.15
CA TYR A 24 -8.90 1.01 -3.26
C TYR A 24 -7.97 -0.16 -2.94
N PHE A 25 -6.92 0.07 -2.13
CA PHE A 25 -6.04 -1.01 -1.68
C PHE A 25 -6.62 -2.08 -0.74
N GLU A 26 -7.60 -1.71 0.08
CA GLU A 26 -8.32 -2.63 0.97
C GLU A 26 -9.12 -3.74 0.24
N GLN A 27 -9.33 -3.64 -1.08
CA GLN A 27 -9.93 -4.70 -1.89
C GLN A 27 -9.06 -5.97 -1.99
N PHE A 28 -7.73 -5.82 -1.96
CA PHE A 28 -6.79 -6.96 -1.90
C PHE A 28 -6.73 -7.69 -0.56
N GLY A 29 -6.77 -6.91 0.52
CA GLY A 29 -6.66 -7.30 1.92
C GLY A 29 -6.44 -6.06 2.79
N LYS A 30 -6.54 -6.18 4.12
CA LYS A 30 -6.57 -5.01 5.01
C LYS A 30 -5.28 -4.16 4.92
N VAL A 31 -5.46 -2.84 4.87
CA VAL A 31 -4.41 -1.82 4.86
C VAL A 31 -4.29 -1.21 6.26
N ASP A 32 -3.07 -1.18 6.80
CA ASP A 32 -2.74 -0.50 8.06
C ASP A 32 -2.74 1.04 7.96
N ASP A 33 -2.04 1.56 6.95
CA ASP A 33 -1.76 2.98 6.71
C ASP A 33 -1.51 3.35 5.23
N ALA A 34 -1.70 4.62 4.87
CA ALA A 34 -1.34 5.17 3.57
C ALA A 34 -0.84 6.63 3.70
N MET A 35 0.03 7.06 2.79
CA MET A 35 0.59 8.42 2.76
C MET A 35 1.04 8.82 1.34
N LEU A 36 0.96 10.11 1.03
CA LEU A 36 1.24 10.70 -0.29
C LEU A 36 2.20 11.89 -0.17
N MET A 37 2.99 12.14 -1.22
CA MET A 37 4.00 13.21 -1.26
C MET A 37 3.39 14.60 -1.51
N PHE A 38 2.65 15.10 -0.51
CA PHE A 38 2.15 16.48 -0.43
C PHE A 38 3.20 17.60 -0.49
N ASP A 39 2.90 18.69 -1.21
CA ASP A 39 3.83 19.81 -1.45
C ASP A 39 3.19 21.19 -1.22
N LYS A 40 3.66 21.92 -0.20
CA LYS A 40 3.15 23.25 0.19
C LYS A 40 3.28 24.30 -0.93
N THR A 41 4.22 24.11 -1.86
CA THR A 41 4.39 24.93 -3.08
C THR A 41 3.23 24.89 -4.08
N THR A 42 2.44 23.81 -4.06
CA THR A 42 1.33 23.54 -5.00
C THR A 42 -0.02 23.13 -4.37
N ASN A 43 -0.04 22.87 -3.06
CA ASN A 43 -1.21 22.50 -2.26
C ASN A 43 -1.91 21.19 -2.71
N ARG A 44 -1.14 20.25 -3.27
CA ARG A 44 -1.54 18.88 -3.63
C ARG A 44 -0.34 17.94 -3.54
N HIS A 45 -0.54 16.63 -3.76
CA HIS A 45 0.56 15.66 -3.84
C HIS A 45 1.15 15.54 -5.26
N ARG A 46 2.41 15.14 -5.35
CA ARG A 46 3.19 15.02 -6.61
C ARG A 46 2.85 13.80 -7.48
N GLY A 47 1.80 13.03 -7.14
CA GLY A 47 1.34 11.84 -7.88
C GLY A 47 1.97 10.52 -7.41
N PHE A 48 2.61 10.49 -6.25
CA PHE A 48 3.24 9.30 -5.65
C PHE A 48 3.18 9.19 -4.12
N GLY A 49 3.33 7.97 -3.59
CA GLY A 49 3.30 7.72 -2.14
C GLY A 49 3.59 6.28 -1.74
N PHE A 50 3.19 5.94 -0.51
CA PHE A 50 3.41 4.66 0.16
C PHE A 50 2.17 4.09 0.87
N VAL A 51 2.04 2.76 0.93
CA VAL A 51 0.93 2.03 1.57
C VAL A 51 1.45 0.85 2.39
N THR A 52 0.94 0.70 3.62
CA THR A 52 1.28 -0.37 4.57
C THR A 52 0.17 -1.39 4.73
N PHE A 53 0.50 -2.68 4.70
CA PHE A 53 -0.42 -3.80 4.74
C PHE A 53 -0.49 -4.65 6.02
N GLU A 54 -1.67 -5.21 6.32
CA GLU A 54 -1.88 -6.06 7.50
C GLU A 54 -1.12 -7.40 7.43
N SER A 55 -0.86 -7.91 6.22
CA SER A 55 -0.08 -9.13 5.97
C SER A 55 0.71 -9.07 4.66
N GLU A 56 1.94 -9.56 4.70
CA GLU A 56 2.84 -9.74 3.56
C GLU A 56 2.28 -10.68 2.49
N ASP A 57 1.43 -11.64 2.86
CA ASP A 57 0.74 -12.54 1.92
C ASP A 57 -0.21 -11.84 0.93
N ILE A 58 -0.75 -10.68 1.33
CA ILE A 58 -1.53 -9.79 0.44
C ILE A 58 -0.59 -9.05 -0.52
N VAL A 59 0.46 -8.43 0.02
CA VAL A 59 1.38 -7.53 -0.69
C VAL A 59 2.03 -8.23 -1.88
N GLU A 60 2.32 -9.53 -1.79
CA GLU A 60 2.87 -10.31 -2.90
C GLU A 60 2.05 -10.20 -4.19
N LYS A 61 0.70 -10.24 -4.12
CA LYS A 61 -0.16 -10.01 -5.29
C LYS A 61 -0.20 -8.53 -5.69
N VAL A 62 -0.29 -7.60 -4.73
CA VAL A 62 -0.24 -6.16 -5.03
C VAL A 62 1.05 -5.71 -5.74
N CYS A 63 2.17 -6.39 -5.48
CA CYS A 63 3.43 -6.24 -6.20
C CYS A 63 3.48 -6.99 -7.54
N GLU A 64 2.93 -8.22 -7.61
CA GLU A 64 2.93 -9.03 -8.83
C GLU A 64 2.11 -8.38 -9.95
N ILE A 65 0.93 -7.84 -9.62
CA ILE A 65 0.16 -6.99 -10.54
C ILE A 65 0.86 -5.63 -10.64
N HIS A 66 1.41 -5.26 -11.80
CA HIS A 66 2.17 -3.99 -11.94
C HIS A 66 1.24 -2.77 -11.86
N PHE A 67 0.17 -2.76 -12.67
CA PHE A 67 -0.85 -1.71 -12.71
C PHE A 67 -2.13 -1.92 -11.88
N HIS A 68 -2.61 -0.85 -11.23
CA HIS A 68 -3.81 -0.85 -10.39
C HIS A 68 -4.70 0.36 -10.73
N GLU A 69 -6.00 0.14 -10.90
CA GLU A 69 -6.98 1.22 -11.11
C GLU A 69 -7.38 1.89 -9.78
N ILE A 70 -7.27 3.22 -9.71
CA ILE A 70 -7.71 4.08 -8.58
C ILE A 70 -8.34 5.35 -9.14
N ASN A 71 -9.58 5.68 -8.76
CA ASN A 71 -10.35 6.81 -9.28
C ASN A 71 -10.37 6.85 -10.84
N ASN A 72 -10.50 5.67 -11.46
CA ASN A 72 -10.40 5.38 -12.90
C ASN A 72 -9.01 5.63 -13.54
N LYS A 73 -8.05 6.30 -12.87
CA LYS A 73 -6.63 6.43 -13.28
C LYS A 73 -5.88 5.12 -12.99
N MET A 74 -4.94 4.70 -13.84
CA MET A 74 -4.08 3.55 -13.55
C MET A 74 -2.71 4.00 -12.99
N VAL A 75 -2.22 3.28 -11.98
CA VAL A 75 -0.98 3.55 -11.23
C VAL A 75 -0.11 2.31 -11.08
N GLU A 76 1.21 2.50 -11.07
CA GLU A 76 2.18 1.42 -10.89
C GLU A 76 2.49 1.20 -9.40
N CYS A 77 2.68 -0.07 -9.00
CA CYS A 77 2.97 -0.47 -7.61
C CYS A 77 4.17 -1.44 -7.52
N LYS A 78 4.92 -1.39 -6.41
CA LYS A 78 6.07 -2.28 -6.11
C LYS A 78 6.39 -2.32 -4.62
N LYS A 79 7.18 -3.31 -4.18
CA LYS A 79 7.63 -3.44 -2.77
C LYS A 79 8.47 -2.25 -2.31
N ALA A 80 8.31 -1.85 -1.05
CA ALA A 80 8.97 -0.69 -0.44
C ALA A 80 10.19 -1.04 0.46
N GLN A 81 10.68 -2.28 0.35
CA GLN A 81 11.84 -2.85 1.06
C GLN A 81 11.95 -2.52 2.58
N PRO A 82 10.89 -2.73 3.40
CA PRO A 82 10.96 -2.61 4.86
C PRO A 82 11.94 -3.60 5.51
N LYS A 83 12.27 -3.35 6.79
CA LYS A 83 13.14 -4.20 7.64
C LYS A 83 12.67 -5.66 7.68
N GLU A 84 13.63 -6.60 7.71
CA GLU A 84 13.44 -8.03 7.89
C GLU A 84 12.72 -8.39 9.21
N VAL A 85 11.67 -9.21 9.11
CA VAL A 85 10.88 -9.76 10.23
C VAL A 85 10.49 -11.20 9.90
N MET A 86 10.61 -12.12 10.87
CA MET A 86 10.24 -13.54 10.73
C MET A 86 9.85 -14.17 12.07
N SER A 87 8.92 -15.12 12.04
CA SER A 87 8.55 -15.99 13.17
C SER A 87 7.95 -17.30 12.65
N PRO A 88 8.54 -18.47 12.94
CA PRO A 88 8.05 -19.75 12.45
C PRO A 88 6.71 -20.18 13.09
N THR A 89 5.87 -20.88 12.33
CA THR A 89 4.53 -21.34 12.75
C THR A 89 4.03 -22.63 12.08
N GLY A 90 3.01 -23.25 12.66
CA GLY A 90 2.37 -24.47 12.16
C GLY A 90 1.16 -24.90 13.01
N SER A 91 0.26 -25.69 12.43
CA SER A 91 -0.98 -26.16 13.07
C SER A 91 -1.51 -27.45 12.42
N ALA A 92 -2.25 -28.27 13.19
CA ALA A 92 -2.91 -29.50 12.74
C ALA A 92 -4.18 -29.79 13.59
N ARG A 93 -5.14 -30.50 13.00
CA ARG A 93 -6.44 -30.86 13.61
C ARG A 93 -6.96 -32.19 13.07
N GLY A 94 -7.68 -32.96 13.90
CA GLY A 94 -8.27 -34.25 13.56
C GLY A 94 -9.11 -34.85 14.69
N ARG A 95 -9.61 -36.08 14.48
CA ARG A 95 -10.47 -36.84 15.41
C ARG A 95 -10.22 -38.35 15.29
N SER A 96 -10.36 -39.08 16.39
CA SER A 96 -10.32 -40.56 16.46
C SER A 96 -11.40 -41.24 15.60
N GLY A 1 5.49 -16.12 1.16
CA GLY A 1 5.90 -15.65 2.51
C GLY A 1 7.11 -14.75 2.42
N SER A 2 7.02 -13.55 3.00
CA SER A 2 8.03 -12.47 2.89
C SER A 2 8.12 -11.61 4.17
N HIS A 3 9.22 -10.88 4.34
CA HIS A 3 9.36 -9.86 5.39
C HIS A 3 8.59 -8.56 5.07
N MET A 4 8.40 -8.25 3.79
CA MET A 4 7.76 -7.01 3.31
C MET A 4 6.27 -6.92 3.70
N LYS A 5 5.90 -5.81 4.36
CA LYS A 5 4.53 -5.43 4.76
C LYS A 5 4.09 -4.08 4.19
N LYS A 6 4.87 -3.47 3.30
CA LYS A 6 4.64 -2.11 2.75
C LYS A 6 4.93 -2.05 1.24
N ILE A 7 4.29 -1.10 0.55
CA ILE A 7 4.46 -0.86 -0.89
C ILE A 7 4.55 0.64 -1.25
N PHE A 8 5.21 0.91 -2.37
CA PHE A 8 5.23 2.19 -3.07
C PHE A 8 4.13 2.32 -4.13
N VAL A 9 3.63 3.54 -4.38
CA VAL A 9 2.61 3.86 -5.38
C VAL A 9 3.00 5.14 -6.14
N GLY A 10 2.92 5.13 -7.47
CA GLY A 10 3.27 6.31 -8.30
C GLY A 10 2.47 6.44 -9.61
N GLY A 11 2.09 7.68 -9.93
CA GLY A 11 1.24 8.06 -11.08
C GLY A 11 -0.15 8.60 -10.71
N LEU A 12 -0.41 8.85 -9.41
CA LEU A 12 -1.72 9.25 -8.87
C LEU A 12 -2.20 10.60 -9.43
N SER A 13 -3.48 10.67 -9.81
CA SER A 13 -4.17 11.92 -10.16
C SER A 13 -4.27 12.88 -8.97
N VAL A 14 -4.37 14.19 -9.25
CA VAL A 14 -4.70 15.20 -8.24
C VAL A 14 -6.15 15.13 -7.78
N ASN A 15 -6.99 14.44 -8.58
CA ASN A 15 -8.35 14.08 -8.20
C ASN A 15 -8.38 13.05 -7.07
N THR A 16 -7.43 12.10 -7.09
CA THR A 16 -7.16 11.12 -6.03
C THR A 16 -6.54 11.70 -4.77
N THR A 17 -6.87 11.11 -3.62
CA THR A 17 -6.31 11.43 -2.29
C THR A 17 -6.04 10.20 -1.44
N VAL A 18 -5.39 10.36 -0.29
CA VAL A 18 -4.96 9.24 0.58
C VAL A 18 -6.10 8.32 1.05
N GLU A 19 -7.29 8.87 1.24
CA GLU A 19 -8.51 8.11 1.55
C GLU A 19 -8.95 7.21 0.40
N ASP A 20 -8.89 7.70 -0.85
CA ASP A 20 -9.14 6.89 -2.06
C ASP A 20 -8.12 5.76 -2.26
N VAL A 21 -6.84 6.06 -2.01
CA VAL A 21 -5.73 5.09 -2.08
C VAL A 21 -5.96 3.98 -1.04
N LYS A 22 -6.22 4.33 0.23
CA LYS A 22 -6.48 3.33 1.29
C LYS A 22 -7.73 2.50 0.99
N HIS A 23 -8.83 3.13 0.59
CA HIS A 23 -10.08 2.44 0.20
C HIS A 23 -9.88 1.46 -0.96
N TYR A 24 -9.12 1.84 -1.99
CA TYR A 24 -8.77 0.96 -3.09
C TYR A 24 -7.84 -0.22 -2.73
N PHE A 25 -6.77 0.05 -1.99
CA PHE A 25 -5.83 -0.98 -1.53
C PHE A 25 -6.36 -2.01 -0.53
N GLU A 26 -7.37 -1.64 0.26
CA GLU A 26 -8.12 -2.57 1.12
C GLU A 26 -8.85 -3.68 0.34
N GLN A 27 -9.18 -3.47 -0.93
CA GLN A 27 -9.90 -4.47 -1.73
C GLN A 27 -9.07 -5.75 -1.99
N PHE A 28 -7.73 -5.65 -1.92
CA PHE A 28 -6.82 -6.81 -1.92
C PHE A 28 -6.81 -7.68 -0.65
N GLY A 29 -7.17 -7.10 0.51
CA GLY A 29 -7.01 -7.72 1.83
C GLY A 29 -7.37 -6.76 2.96
N LYS A 30 -6.34 -6.14 3.57
CA LYS A 30 -6.46 -5.09 4.58
C LYS A 30 -5.22 -4.17 4.60
N VAL A 31 -5.45 -2.86 4.71
CA VAL A 31 -4.44 -1.80 4.81
C VAL A 31 -4.51 -1.19 6.22
N ASP A 32 -3.36 -1.08 6.86
CA ASP A 32 -3.20 -0.42 8.17
C ASP A 32 -3.20 1.13 8.07
N ASP A 33 -2.41 1.66 7.13
CA ASP A 33 -2.17 3.10 6.95
C ASP A 33 -1.69 3.40 5.52
N ALA A 34 -1.80 4.65 5.09
CA ALA A 34 -1.34 5.15 3.78
C ALA A 34 -0.87 6.61 3.87
N MET A 35 0.00 7.03 2.96
CA MET A 35 0.59 8.38 2.92
C MET A 35 1.07 8.79 1.53
N LEU A 36 1.13 10.10 1.27
CA LEU A 36 1.55 10.73 0.01
C LEU A 36 2.62 11.79 0.26
N MET A 37 3.49 12.04 -0.74
CA MET A 37 4.46 13.15 -0.71
C MET A 37 3.81 14.46 -1.17
N PHE A 38 4.21 15.60 -0.59
CA PHE A 38 3.61 16.93 -0.78
C PHE A 38 4.54 18.10 -1.14
N ASP A 39 3.98 19.15 -1.76
CA ASP A 39 4.65 20.45 -1.97
C ASP A 39 4.00 21.57 -1.15
N LYS A 40 4.68 22.06 -0.11
CA LYS A 40 4.17 23.12 0.79
C LYS A 40 3.91 24.48 0.12
N THR A 41 4.44 24.69 -1.09
CA THR A 41 4.14 25.84 -1.96
C THR A 41 2.72 25.91 -2.53
N THR A 42 1.99 24.77 -2.51
CA THR A 42 0.64 24.62 -3.08
C THR A 42 -0.30 23.69 -2.30
N ASN A 43 0.24 22.87 -1.37
CA ASN A 43 -0.47 21.86 -0.59
C ASN A 43 -1.18 20.80 -1.47
N ARG A 44 -0.53 20.38 -2.57
CA ARG A 44 -0.95 19.33 -3.50
C ARG A 44 0.08 18.20 -3.49
N HIS A 45 -0.38 16.94 -3.53
CA HIS A 45 0.52 15.79 -3.54
C HIS A 45 1.29 15.66 -4.86
N ARG A 46 2.44 14.98 -4.83
CA ARG A 46 3.40 14.87 -5.95
C ARG A 46 3.03 13.80 -7.00
N GLY A 47 1.89 13.13 -6.84
CA GLY A 47 1.49 11.95 -7.64
C GLY A 47 2.09 10.63 -7.16
N PHE A 48 2.75 10.61 -5.99
CA PHE A 48 3.37 9.42 -5.40
C PHE A 48 3.32 9.30 -3.87
N GLY A 49 3.40 8.06 -3.36
CA GLY A 49 3.31 7.76 -1.93
C GLY A 49 3.55 6.30 -1.57
N PHE A 50 3.10 5.92 -0.37
CA PHE A 50 3.30 4.61 0.26
C PHE A 50 2.04 4.05 0.95
N VAL A 51 1.92 2.72 1.01
CA VAL A 51 0.79 2.01 1.66
C VAL A 51 1.30 0.87 2.55
N THR A 52 0.84 0.82 3.80
CA THR A 52 1.15 -0.22 4.79
C THR A 52 0.06 -1.28 4.86
N PHE A 53 0.45 -2.52 4.63
CA PHE A 53 -0.42 -3.70 4.68
C PHE A 53 -0.49 -4.51 5.99
N GLU A 54 -1.61 -5.21 6.20
CA GLU A 54 -1.80 -6.12 7.33
C GLU A 54 -0.94 -7.41 7.25
N SER A 55 -0.66 -7.90 6.04
CA SER A 55 0.08 -9.15 5.82
C SER A 55 0.85 -9.18 4.49
N GLU A 56 2.06 -9.74 4.54
CA GLU A 56 2.93 -10.06 3.40
C GLU A 56 2.23 -10.93 2.34
N ASP A 57 1.32 -11.82 2.73
CA ASP A 57 0.58 -12.67 1.80
C ASP A 57 -0.40 -11.93 0.88
N ILE A 58 -0.80 -10.71 1.30
CA ILE A 58 -1.53 -9.76 0.44
C ILE A 58 -0.55 -9.01 -0.46
N VAL A 59 0.48 -8.38 0.14
CA VAL A 59 1.47 -7.51 -0.53
C VAL A 59 2.11 -8.20 -1.73
N GLU A 60 2.41 -9.51 -1.64
CA GLU A 60 2.99 -10.27 -2.74
C GLU A 60 2.19 -10.18 -4.05
N LYS A 61 0.85 -10.21 -4.00
CA LYS A 61 0.00 -9.98 -5.19
C LYS A 61 -0.07 -8.51 -5.58
N VAL A 62 -0.21 -7.59 -4.61
CA VAL A 62 -0.21 -6.13 -4.89
C VAL A 62 1.08 -5.63 -5.58
N CYS A 63 2.22 -6.28 -5.31
CA CYS A 63 3.51 -6.09 -5.98
C CYS A 63 3.62 -6.84 -7.33
N GLU A 64 3.12 -8.07 -7.42
CA GLU A 64 3.13 -8.86 -8.66
C GLU A 64 2.30 -8.19 -9.76
N ILE A 65 1.14 -7.61 -9.41
CA ILE A 65 0.37 -6.72 -10.29
C ILE A 65 1.11 -5.38 -10.36
N HIS A 66 1.73 -5.03 -11.49
CA HIS A 66 2.48 -3.76 -11.60
C HIS A 66 1.55 -2.56 -11.71
N PHE A 67 0.52 -2.63 -12.56
CA PHE A 67 -0.47 -1.58 -12.79
C PHE A 67 -1.82 -1.70 -12.06
N HIS A 68 -2.28 -0.60 -11.46
CA HIS A 68 -3.50 -0.51 -10.65
C HIS A 68 -4.35 0.69 -11.09
N GLU A 69 -5.65 0.49 -11.33
CA GLU A 69 -6.57 1.55 -11.77
C GLU A 69 -7.25 2.25 -10.57
N ILE A 70 -7.24 3.59 -10.54
CA ILE A 70 -7.79 4.43 -9.46
C ILE A 70 -8.36 5.71 -10.07
N ASN A 71 -9.62 6.04 -9.77
CA ASN A 71 -10.33 7.22 -10.33
C ASN A 71 -10.22 7.34 -11.87
N ASN A 72 -10.35 6.21 -12.58
CA ASN A 72 -10.14 6.04 -14.02
C ASN A 72 -8.68 6.23 -14.54
N LYS A 73 -7.75 6.80 -13.74
CA LYS A 73 -6.29 6.86 -13.98
C LYS A 73 -5.63 5.51 -13.66
N MET A 74 -4.38 5.33 -14.05
CA MET A 74 -3.57 4.13 -13.74
C MET A 74 -2.23 4.49 -13.11
N VAL A 75 -1.83 3.70 -12.11
CA VAL A 75 -0.63 3.87 -11.28
C VAL A 75 0.22 2.60 -11.23
N GLU A 76 1.52 2.77 -11.14
CA GLU A 76 2.46 1.67 -10.88
C GLU A 76 2.64 1.46 -9.37
N CYS A 77 2.74 0.20 -8.94
CA CYS A 77 2.97 -0.19 -7.55
C CYS A 77 4.05 -1.27 -7.44
N LYS A 78 4.85 -1.26 -6.36
CA LYS A 78 5.85 -2.30 -6.05
C LYS A 78 6.21 -2.32 -4.57
N LYS A 79 6.97 -3.34 -4.16
CA LYS A 79 7.43 -3.54 -2.77
C LYS A 79 8.28 -2.36 -2.27
N ALA A 80 8.09 -2.00 -1.01
CA ALA A 80 8.83 -0.92 -0.32
C ALA A 80 9.83 -1.44 0.72
N GLN A 81 10.02 -2.76 0.77
CA GLN A 81 10.84 -3.52 1.72
C GLN A 81 11.41 -4.80 1.07
N PRO A 82 12.57 -5.31 1.54
CA PRO A 82 13.15 -6.59 1.09
C PRO A 82 12.45 -7.82 1.70
N LYS A 83 12.91 -9.03 1.35
CA LYS A 83 12.53 -10.30 1.98
C LYS A 83 13.76 -11.16 2.31
N GLU A 84 13.62 -12.03 3.30
CA GLU A 84 14.58 -13.10 3.60
C GLU A 84 14.45 -14.25 2.59
N VAL A 85 15.46 -15.13 2.53
CA VAL A 85 15.47 -16.30 1.62
C VAL A 85 14.41 -17.38 1.91
N MET A 86 13.93 -17.40 3.15
CA MET A 86 12.93 -18.35 3.67
C MET A 86 11.48 -18.00 3.30
N SER A 87 10.59 -18.99 3.41
CA SER A 87 9.13 -18.87 3.34
C SER A 87 8.51 -20.14 3.97
N PRO A 88 7.54 -20.03 4.91
CA PRO A 88 7.02 -21.19 5.65
C PRO A 88 6.14 -22.11 4.79
N THR A 89 6.22 -23.42 5.05
CA THR A 89 5.39 -24.45 4.39
C THR A 89 3.99 -24.67 5.01
N GLY A 90 3.04 -25.14 4.20
CA GLY A 90 1.69 -25.49 4.64
C GLY A 90 1.60 -26.88 5.30
N SER A 91 0.76 -27.02 6.33
CA SER A 91 0.47 -28.29 7.01
C SER A 91 -0.45 -29.22 6.19
N ALA A 92 -0.38 -30.53 6.46
CA ALA A 92 -1.18 -31.58 5.83
C ALA A 92 -1.34 -32.81 6.74
N ARG A 93 -2.35 -33.65 6.46
CA ARG A 93 -2.67 -34.90 7.21
C ARG A 93 -3.00 -36.13 6.33
N GLY A 94 -2.62 -36.09 5.06
CA GLY A 94 -2.96 -37.12 4.06
C GLY A 94 -4.42 -37.03 3.57
N ARG A 95 -4.86 -38.03 2.79
CA ARG A 95 -6.22 -38.06 2.21
C ARG A 95 -7.33 -38.14 3.27
N SER A 96 -8.52 -37.64 2.90
CA SER A 96 -9.76 -37.73 3.70
C SER A 96 -10.35 -39.14 3.74
N GLY A 1 8.13 -14.11 -3.18
CA GLY A 1 8.39 -14.85 -1.93
C GLY A 1 9.43 -14.15 -1.08
N SER A 2 9.04 -13.10 -0.34
CA SER A 2 9.91 -12.31 0.53
C SER A 2 9.15 -11.64 1.70
N HIS A 3 9.86 -11.28 2.76
CA HIS A 3 9.33 -10.50 3.88
C HIS A 3 9.06 -9.04 3.46
N MET A 4 7.78 -8.67 3.33
CA MET A 4 7.33 -7.32 2.97
C MET A 4 5.88 -7.08 3.41
N LYS A 5 5.63 -6.07 4.25
CA LYS A 5 4.30 -5.67 4.77
C LYS A 5 3.96 -4.23 4.32
N LYS A 6 4.61 -3.77 3.26
CA LYS A 6 4.68 -2.37 2.85
C LYS A 6 4.94 -2.23 1.34
N ILE A 7 4.35 -1.23 0.70
CA ILE A 7 4.53 -0.94 -0.74
C ILE A 7 4.62 0.57 -1.04
N PHE A 8 5.27 0.88 -2.16
CA PHE A 8 5.30 2.18 -2.82
C PHE A 8 4.25 2.30 -3.94
N VAL A 9 3.68 3.49 -4.15
CA VAL A 9 2.65 3.79 -5.17
C VAL A 9 3.05 5.04 -5.95
N GLY A 10 2.85 5.06 -7.28
CA GLY A 10 3.29 6.18 -8.12
C GLY A 10 2.55 6.32 -9.45
N GLY A 11 2.46 7.57 -9.93
CA GLY A 11 1.66 7.97 -11.09
C GLY A 11 0.25 8.48 -10.74
N LEU A 12 -0.04 8.77 -9.47
CA LEU A 12 -1.33 9.24 -8.98
C LEU A 12 -1.74 10.60 -9.59
N SER A 13 -3.01 10.74 -9.95
CA SER A 13 -3.62 12.01 -10.33
C SER A 13 -3.64 13.01 -9.16
N VAL A 14 -3.68 14.31 -9.47
CA VAL A 14 -3.94 15.37 -8.47
C VAL A 14 -5.37 15.31 -7.95
N ASN A 15 -6.26 14.68 -8.71
CA ASN A 15 -7.65 14.42 -8.34
C ASN A 15 -7.77 13.36 -7.21
N THR A 16 -6.83 12.40 -7.17
CA THR A 16 -6.82 11.27 -6.23
C THR A 16 -6.31 11.62 -4.84
N THR A 17 -7.09 11.25 -3.83
CA THR A 17 -6.76 11.42 -2.39
C THR A 17 -6.08 10.23 -1.71
N VAL A 18 -5.53 10.45 -0.52
CA VAL A 18 -5.04 9.36 0.34
C VAL A 18 -6.15 8.39 0.78
N GLU A 19 -7.39 8.88 0.91
CA GLU A 19 -8.56 8.05 1.22
C GLU A 19 -9.01 7.22 0.01
N ASP A 20 -8.91 7.76 -1.21
CA ASP A 20 -9.12 7.00 -2.46
C ASP A 20 -8.14 5.82 -2.59
N VAL A 21 -6.85 6.09 -2.34
CA VAL A 21 -5.77 5.09 -2.36
C VAL A 21 -6.04 4.02 -1.31
N LYS A 22 -6.31 4.41 -0.05
CA LYS A 22 -6.58 3.47 1.05
C LYS A 22 -7.81 2.59 0.77
N HIS A 23 -8.93 3.19 0.36
CA HIS A 23 -10.16 2.47 0.01
C HIS A 23 -9.96 1.49 -1.15
N TYR A 24 -9.18 1.87 -2.17
CA TYR A 24 -8.85 0.97 -3.27
C TYR A 24 -7.94 -0.22 -2.90
N PHE A 25 -6.84 0.05 -2.18
CA PHE A 25 -5.95 -1.00 -1.69
C PHE A 25 -6.57 -2.00 -0.68
N GLU A 26 -7.55 -1.55 0.11
CA GLU A 26 -8.37 -2.40 0.99
C GLU A 26 -9.16 -3.50 0.26
N GLN A 27 -9.40 -3.37 -1.04
CA GLN A 27 -10.13 -4.39 -1.82
C GLN A 27 -9.31 -5.68 -2.02
N PHE A 28 -7.97 -5.60 -1.99
CA PHE A 28 -7.09 -6.77 -1.96
C PHE A 28 -7.01 -7.50 -0.61
N GLY A 29 -7.02 -6.72 0.48
CA GLY A 29 -6.92 -7.16 1.87
C GLY A 29 -6.64 -5.99 2.81
N LYS A 30 -6.61 -6.24 4.13
CA LYS A 30 -6.51 -5.20 5.17
C LYS A 30 -5.26 -4.31 5.02
N VAL A 31 -5.50 -3.01 4.83
CA VAL A 31 -4.50 -1.93 4.81
C VAL A 31 -4.40 -1.34 6.22
N ASP A 32 -3.19 -1.20 6.72
CA ASP A 32 -2.89 -0.63 8.04
C ASP A 32 -2.75 0.90 8.09
N ASP A 33 -2.20 1.49 7.02
CA ASP A 33 -1.96 2.94 6.88
C ASP A 33 -1.69 3.27 5.40
N ALA A 34 -1.89 4.53 5.01
CA ALA A 34 -1.54 5.07 3.69
C ALA A 34 -1.18 6.56 3.79
N MET A 35 -0.14 7.00 3.07
CA MET A 35 0.35 8.38 3.03
C MET A 35 0.95 8.74 1.66
N LEU A 36 0.87 10.02 1.30
CA LEU A 36 1.33 10.58 0.02
C LEU A 36 2.36 11.69 0.24
N MET A 37 3.26 11.88 -0.73
CA MET A 37 4.37 12.83 -0.64
C MET A 37 3.94 14.28 -0.97
N PHE A 38 3.24 14.89 -0.01
CA PHE A 38 2.91 16.33 0.01
C PHE A 38 4.10 17.29 0.03
N ASP A 39 3.99 18.44 -0.66
CA ASP A 39 5.07 19.41 -0.81
C ASP A 39 4.66 20.86 -0.48
N LYS A 40 5.36 21.49 0.48
CA LYS A 40 5.06 22.85 0.98
C LYS A 40 5.14 23.96 -0.07
N THR A 41 5.91 23.76 -1.16
CA THR A 41 5.98 24.71 -2.30
C THR A 41 4.82 24.64 -3.31
N THR A 42 4.02 23.57 -3.24
CA THR A 42 2.88 23.29 -4.14
C THR A 42 1.52 23.08 -3.46
N ASN A 43 1.51 22.77 -2.17
CA ASN A 43 0.33 22.45 -1.35
C ASN A 43 -0.48 21.23 -1.85
N ARG A 44 0.16 20.30 -2.56
CA ARG A 44 -0.42 19.01 -3.02
C ARG A 44 0.65 17.91 -3.03
N HIS A 45 0.26 16.66 -3.25
CA HIS A 45 1.21 15.54 -3.42
C HIS A 45 1.82 15.53 -4.82
N ARG A 46 3.06 15.03 -4.93
CA ARG A 46 3.84 14.93 -6.18
C ARG A 46 3.47 13.77 -7.11
N GLY A 47 2.34 13.09 -6.86
CA GLY A 47 1.86 11.94 -7.64
C GLY A 47 2.37 10.57 -7.14
N PHE A 48 2.92 10.51 -5.92
CA PHE A 48 3.46 9.30 -5.30
C PHE A 48 3.32 9.18 -3.78
N GLY A 49 3.40 7.96 -3.25
CA GLY A 49 3.25 7.67 -1.81
C GLY A 49 3.52 6.22 -1.42
N PHE A 50 3.02 5.82 -0.25
CA PHE A 50 3.24 4.52 0.39
C PHE A 50 1.98 3.94 1.08
N VAL A 51 1.88 2.61 1.14
CA VAL A 51 0.77 1.87 1.79
C VAL A 51 1.28 0.70 2.63
N THR A 52 0.82 0.60 3.88
CA THR A 52 1.06 -0.50 4.82
C THR A 52 0.00 -1.59 4.83
N PHE A 53 0.39 -2.85 5.02
CA PHE A 53 -0.46 -4.03 4.97
C PHE A 53 -0.47 -4.97 6.19
N GLU A 54 -1.59 -5.65 6.41
CA GLU A 54 -1.77 -6.66 7.48
C GLU A 54 -0.84 -7.87 7.34
N SER A 55 -0.57 -8.32 6.12
CA SER A 55 0.22 -9.52 5.82
C SER A 55 0.89 -9.46 4.45
N GLU A 56 2.07 -10.09 4.35
CA GLU A 56 2.78 -10.28 3.09
C GLU A 56 1.99 -11.12 2.07
N ASP A 57 1.07 -11.97 2.55
CA ASP A 57 0.17 -12.78 1.72
C ASP A 57 -0.66 -11.91 0.76
N ILE A 58 -1.06 -10.72 1.22
CA ILE A 58 -1.76 -9.71 0.41
C ILE A 58 -0.77 -8.97 -0.49
N VAL A 59 0.32 -8.46 0.10
CA VAL A 59 1.30 -7.60 -0.58
C VAL A 59 1.93 -8.31 -1.79
N GLU A 60 2.19 -9.62 -1.69
CA GLU A 60 2.76 -10.42 -2.78
C GLU A 60 1.95 -10.32 -4.08
N LYS A 61 0.61 -10.41 -4.03
CA LYS A 61 -0.25 -10.20 -5.20
C LYS A 61 -0.32 -8.72 -5.59
N VAL A 62 -0.46 -7.80 -4.64
CA VAL A 62 -0.54 -6.35 -4.94
C VAL A 62 0.70 -5.88 -5.71
N CYS A 63 1.90 -6.31 -5.31
CA CYS A 63 3.18 -6.00 -5.96
C CYS A 63 3.39 -6.78 -7.28
N GLU A 64 2.90 -8.01 -7.38
CA GLU A 64 2.95 -8.80 -8.62
C GLU A 64 2.10 -8.18 -9.74
N ILE A 65 0.90 -7.68 -9.42
CA ILE A 65 0.10 -6.86 -10.34
C ILE A 65 0.78 -5.48 -10.47
N HIS A 66 1.42 -5.17 -11.60
CA HIS A 66 2.16 -3.90 -11.71
C HIS A 66 1.23 -2.68 -11.78
N PHE A 67 0.16 -2.77 -12.58
CA PHE A 67 -0.82 -1.70 -12.80
C PHE A 67 -2.15 -1.77 -12.02
N HIS A 68 -2.62 -0.64 -11.52
CA HIS A 68 -3.78 -0.49 -10.64
C HIS A 68 -4.63 0.72 -11.03
N GLU A 69 -5.96 0.61 -11.06
CA GLU A 69 -6.87 1.65 -11.52
C GLU A 69 -7.57 2.39 -10.35
N ILE A 70 -7.55 3.73 -10.36
CA ILE A 70 -8.11 4.61 -9.31
C ILE A 70 -8.68 5.88 -9.97
N ASN A 71 -9.92 6.26 -9.63
CA ASN A 71 -10.64 7.40 -10.25
C ASN A 71 -10.67 7.35 -11.79
N ASN A 72 -10.81 6.14 -12.35
CA ASN A 72 -10.67 5.77 -13.77
C ASN A 72 -9.26 6.02 -14.40
N LYS A 73 -8.32 6.64 -13.68
CA LYS A 73 -6.88 6.80 -14.01
C LYS A 73 -6.14 5.49 -13.65
N MET A 74 -4.89 5.34 -14.10
CA MET A 74 -4.03 4.20 -13.77
C MET A 74 -2.70 4.62 -13.14
N VAL A 75 -2.25 3.80 -12.18
CA VAL A 75 -1.01 3.94 -11.38
C VAL A 75 -0.24 2.64 -11.31
N GLU A 76 1.02 2.73 -10.89
CA GLU A 76 1.85 1.56 -10.59
C GLU A 76 2.10 1.45 -9.07
N CYS A 77 2.38 0.23 -8.58
CA CYS A 77 2.88 0.01 -7.23
C CYS A 77 3.94 -1.11 -7.21
N LYS A 78 4.84 -1.08 -6.21
CA LYS A 78 5.93 -2.07 -6.03
C LYS A 78 6.46 -2.07 -4.59
N LYS A 79 7.50 -2.85 -4.33
CA LYS A 79 8.11 -3.06 -3.00
C LYS A 79 8.50 -1.76 -2.27
N ALA A 80 8.45 -1.83 -0.94
CA ALA A 80 8.95 -0.84 0.01
C ALA A 80 9.44 -1.56 1.29
N GLN A 81 10.36 -0.93 2.02
CA GLN A 81 11.06 -1.61 3.13
C GLN A 81 10.12 -1.92 4.33
N PRO A 82 10.24 -3.10 4.99
CA PRO A 82 9.27 -3.57 6.00
C PRO A 82 9.06 -2.66 7.22
N LYS A 83 7.89 -2.79 7.85
CA LYS A 83 7.39 -2.01 9.00
C LYS A 83 6.62 -2.85 10.04
N GLU A 84 6.99 -4.13 10.18
CA GLU A 84 6.36 -5.10 11.09
C GLU A 84 6.69 -4.83 12.58
N VAL A 85 5.99 -5.53 13.47
CA VAL A 85 6.27 -5.60 14.92
C VAL A 85 6.05 -7.00 15.50
N MET A 86 6.90 -7.41 16.45
CA MET A 86 6.84 -8.72 17.11
C MET A 86 5.69 -8.82 18.15
N SER A 87 5.22 -10.04 18.40
CA SER A 87 4.24 -10.38 19.45
C SER A 87 4.34 -11.86 19.85
N PRO A 88 4.36 -12.20 21.15
CA PRO A 88 4.42 -13.58 21.63
C PRO A 88 3.05 -14.29 21.69
N THR A 89 1.95 -13.55 21.54
CA THR A 89 0.57 -14.06 21.68
C THR A 89 0.06 -14.98 20.57
N GLY A 90 -0.99 -15.76 20.87
CA GLY A 90 -1.65 -16.69 19.94
C GLY A 90 -3.01 -17.19 20.46
N SER A 91 -3.72 -17.96 19.63
CA SER A 91 -5.05 -18.52 19.95
C SER A 91 -5.03 -19.60 21.04
N ALA A 92 -6.15 -19.74 21.75
CA ALA A 92 -6.37 -20.73 22.82
C ALA A 92 -7.87 -21.06 22.99
N ARG A 93 -8.19 -22.19 23.64
CA ARG A 93 -9.57 -22.59 23.96
C ARG A 93 -10.20 -21.71 25.04
N GLY A 94 -11.51 -21.45 24.91
CA GLY A 94 -12.28 -20.62 25.85
C GLY A 94 -12.72 -21.29 27.15
N ARG A 95 -12.56 -22.63 27.26
CA ARG A 95 -12.95 -23.48 28.40
C ARG A 95 -12.01 -24.68 28.55
N SER A 96 -11.73 -25.08 29.80
CA SER A 96 -10.89 -26.26 30.15
C SER A 96 -11.57 -27.59 29.86
N GLY A 1 13.64 -10.96 -1.44
CA GLY A 1 13.15 -10.75 -0.07
C GLY A 1 11.63 -10.62 -0.03
N SER A 2 11.00 -11.13 1.03
CA SER A 2 9.53 -11.19 1.22
C SER A 2 9.06 -10.82 2.64
N HIS A 3 9.97 -10.29 3.47
CA HIS A 3 9.75 -9.94 4.88
C HIS A 3 8.87 -8.70 5.11
N MET A 4 8.75 -7.83 4.10
CA MET A 4 8.15 -6.50 4.22
C MET A 4 6.62 -6.49 4.39
N LYS A 5 6.11 -5.36 4.91
CA LYS A 5 4.70 -5.09 5.19
C LYS A 5 4.24 -3.79 4.52
N LYS A 6 4.94 -3.35 3.46
CA LYS A 6 4.77 -2.01 2.89
C LYS A 6 5.00 -1.99 1.38
N ILE A 7 4.41 -1.00 0.71
CA ILE A 7 4.56 -0.75 -0.73
C ILE A 7 4.63 0.74 -1.08
N PHE A 8 5.30 1.04 -2.19
CA PHE A 8 5.31 2.31 -2.90
C PHE A 8 4.26 2.37 -4.03
N VAL A 9 3.64 3.52 -4.30
CA VAL A 9 2.59 3.72 -5.31
C VAL A 9 2.89 4.96 -6.15
N GLY A 10 2.66 4.93 -7.47
CA GLY A 10 2.94 6.05 -8.37
C GLY A 10 2.08 6.09 -9.63
N GLY A 11 1.80 7.30 -10.10
CA GLY A 11 0.87 7.60 -11.21
C GLY A 11 -0.51 8.14 -10.76
N LEU A 12 -0.65 8.51 -9.49
CA LEU A 12 -1.92 8.97 -8.89
C LEU A 12 -2.37 10.31 -9.48
N SER A 13 -3.68 10.44 -9.77
CA SER A 13 -4.32 11.69 -10.17
C SER A 13 -4.32 12.73 -9.05
N VAL A 14 -4.37 14.02 -9.41
CA VAL A 14 -4.61 15.11 -8.44
C VAL A 14 -6.04 15.08 -7.90
N ASN A 15 -6.93 14.36 -8.59
CA ASN A 15 -8.28 14.05 -8.13
C ASN A 15 -8.27 13.05 -6.94
N THR A 16 -7.28 12.16 -6.89
CA THR A 16 -7.11 11.11 -5.87
C THR A 16 -6.63 11.61 -4.53
N THR A 17 -7.31 11.17 -3.46
CA THR A 17 -6.95 11.37 -2.04
C THR A 17 -6.21 10.20 -1.39
N VAL A 18 -5.64 10.42 -0.20
CA VAL A 18 -5.10 9.34 0.64
C VAL A 18 -6.17 8.33 1.09
N GLU A 19 -7.43 8.78 1.23
CA GLU A 19 -8.57 7.92 1.54
C GLU A 19 -9.01 7.10 0.33
N ASP A 20 -8.94 7.66 -0.89
CA ASP A 20 -9.13 6.92 -2.14
C ASP A 20 -8.10 5.78 -2.34
N VAL A 21 -6.82 6.08 -2.09
CA VAL A 21 -5.73 5.09 -2.12
C VAL A 21 -5.99 4.00 -1.09
N LYS A 22 -6.27 4.36 0.17
CA LYS A 22 -6.57 3.40 1.24
C LYS A 22 -7.77 2.50 0.90
N HIS A 23 -8.88 3.09 0.44
CA HIS A 23 -10.09 2.36 0.04
C HIS A 23 -9.84 1.39 -1.11
N TYR A 24 -9.07 1.79 -2.13
CA TYR A 24 -8.70 0.92 -3.24
C TYR A 24 -7.79 -0.26 -2.84
N PHE A 25 -6.72 0.02 -2.09
CA PHE A 25 -5.81 -1.01 -1.59
C PHE A 25 -6.39 -2.02 -0.59
N GLU A 26 -7.38 -1.58 0.21
CA GLU A 26 -8.18 -2.46 1.09
C GLU A 26 -8.97 -3.56 0.35
N GLN A 27 -9.23 -3.41 -0.95
CA GLN A 27 -9.94 -4.44 -1.73
C GLN A 27 -9.11 -5.72 -1.93
N PHE A 28 -7.78 -5.62 -1.91
CA PHE A 28 -6.87 -6.78 -1.94
C PHE A 28 -6.72 -7.54 -0.61
N GLY A 29 -6.69 -6.78 0.49
CA GLY A 29 -6.52 -7.26 1.87
C GLY A 29 -6.26 -6.10 2.83
N LYS A 30 -6.09 -6.39 4.12
CA LYS A 30 -6.03 -5.36 5.17
C LYS A 30 -4.83 -4.40 5.06
N VAL A 31 -5.17 -3.13 4.95
CA VAL A 31 -4.26 -1.97 4.97
C VAL A 31 -4.19 -1.47 6.42
N ASP A 32 -2.97 -1.23 6.90
CA ASP A 32 -2.72 -0.55 8.18
C ASP A 32 -2.93 0.97 8.10
N ASP A 33 -2.23 1.63 7.18
CA ASP A 33 -2.37 3.06 6.89
C ASP A 33 -1.78 3.39 5.50
N ALA A 34 -2.01 4.60 5.01
CA ALA A 34 -1.51 5.12 3.73
C ALA A 34 -1.06 6.60 3.84
N MET A 35 -0.11 7.02 3.00
CA MET A 35 0.46 8.37 2.92
C MET A 35 0.90 8.75 1.51
N LEU A 36 1.00 10.05 1.23
CA LEU A 36 1.38 10.62 -0.06
C LEU A 36 2.58 11.57 0.06
N MET A 37 3.37 11.71 -1.00
CA MET A 37 4.47 12.66 -1.09
C MET A 37 3.94 14.07 -1.37
N PHE A 38 3.86 14.92 -0.34
CA PHE A 38 3.41 16.31 -0.44
C PHE A 38 4.45 17.34 -0.91
N ASP A 39 4.10 18.17 -1.90
CA ASP A 39 4.94 19.26 -2.40
C ASP A 39 4.74 20.48 -1.48
N LYS A 40 5.73 20.74 -0.62
CA LYS A 40 5.64 21.73 0.48
C LYS A 40 5.35 23.17 0.05
N THR A 41 5.65 23.51 -1.20
CA THR A 41 5.36 24.85 -1.79
C THR A 41 3.88 25.16 -2.04
N THR A 42 3.02 24.15 -2.23
CA THR A 42 1.56 24.31 -2.40
C THR A 42 0.64 23.37 -1.60
N ASN A 43 1.22 22.41 -0.86
CA ASN A 43 0.52 21.38 -0.07
C ASN A 43 -0.42 20.49 -0.93
N ARG A 44 0.07 20.10 -2.12
CA ARG A 44 -0.56 19.11 -3.03
C ARG A 44 0.38 17.91 -3.23
N HIS A 45 -0.14 16.71 -3.46
CA HIS A 45 0.72 15.53 -3.64
C HIS A 45 1.36 15.47 -5.04
N ARG A 46 2.54 14.86 -5.15
CA ARG A 46 3.36 14.78 -6.38
C ARG A 46 2.95 13.67 -7.36
N GLY A 47 1.83 12.97 -7.12
CA GLY A 47 1.38 11.82 -7.90
C GLY A 47 1.94 10.46 -7.42
N PHE A 48 2.60 10.44 -6.25
CA PHE A 48 3.15 9.24 -5.61
C PHE A 48 3.02 9.16 -4.08
N GLY A 49 3.12 7.95 -3.51
CA GLY A 49 2.97 7.71 -2.07
C GLY A 49 3.34 6.29 -1.63
N PHE A 50 2.89 5.92 -0.43
CA PHE A 50 3.13 4.64 0.23
C PHE A 50 1.88 4.05 0.91
N VAL A 51 1.80 2.72 1.00
CA VAL A 51 0.74 1.99 1.71
C VAL A 51 1.32 0.88 2.58
N THR A 52 0.93 0.85 3.86
CA THR A 52 1.25 -0.21 4.83
C THR A 52 0.18 -1.29 4.90
N PHE A 53 0.60 -2.54 5.01
CA PHE A 53 -0.22 -3.75 5.02
C PHE A 53 -0.11 -4.66 6.24
N GLU A 54 -1.16 -5.42 6.57
CA GLU A 54 -1.12 -6.41 7.66
C GLU A 54 -0.38 -7.71 7.28
N SER A 55 -0.38 -8.09 6.00
CA SER A 55 0.15 -9.38 5.52
C SER A 55 1.00 -9.26 4.26
N GLU A 56 2.19 -9.86 4.31
CA GLU A 56 3.15 -9.96 3.22
C GLU A 56 2.61 -10.75 2.01
N ASP A 57 1.72 -11.72 2.24
CA ASP A 57 1.04 -12.44 1.15
C ASP A 57 0.14 -11.59 0.25
N ILE A 58 -0.46 -10.54 0.83
CA ILE A 58 -1.22 -9.52 0.08
C ILE A 58 -0.26 -8.57 -0.64
N VAL A 59 0.79 -8.10 0.05
CA VAL A 59 1.82 -7.19 -0.52
C VAL A 59 2.42 -7.81 -1.78
N GLU A 60 2.74 -9.12 -1.76
CA GLU A 60 3.26 -9.86 -2.91
C GLU A 60 2.36 -9.79 -4.15
N LYS A 61 1.06 -10.14 -4.03
CA LYS A 61 0.13 -10.06 -5.17
C LYS A 61 -0.08 -8.63 -5.63
N VAL A 62 -0.25 -7.66 -4.71
CA VAL A 62 -0.41 -6.24 -5.07
C VAL A 62 0.78 -5.77 -5.90
N CYS A 63 2.01 -6.16 -5.53
CA CYS A 63 3.23 -5.87 -6.30
C CYS A 63 3.38 -6.62 -7.63
N GLU A 64 2.85 -7.85 -7.75
CA GLU A 64 2.79 -8.59 -9.02
C GLU A 64 1.83 -7.95 -10.04
N ILE A 65 0.72 -7.39 -9.58
CA ILE A 65 -0.26 -6.68 -10.41
C ILE A 65 0.28 -5.29 -10.79
N HIS A 66 0.12 -4.89 -12.06
CA HIS A 66 0.42 -3.55 -12.57
C HIS A 66 -0.75 -2.99 -13.40
N PHE A 67 -0.79 -1.66 -13.58
CA PHE A 67 -1.97 -0.98 -14.14
C PHE A 67 -3.25 -1.10 -13.28
N HIS A 68 -3.08 -0.86 -11.98
CA HIS A 68 -4.13 -0.72 -10.98
C HIS A 68 -5.04 0.48 -11.30
N GLU A 69 -6.36 0.31 -11.21
CA GLU A 69 -7.33 1.35 -11.61
C GLU A 69 -7.76 2.25 -10.43
N ILE A 70 -7.39 3.54 -10.46
CA ILE A 70 -7.77 4.51 -9.41
C ILE A 70 -8.29 5.82 -10.03
N ASN A 71 -9.54 6.19 -9.71
CA ASN A 71 -10.25 7.35 -10.27
C ASN A 71 -10.19 7.40 -11.82
N ASN A 72 -10.41 6.25 -12.45
CA ASN A 72 -10.29 5.96 -13.89
C ASN A 72 -8.86 6.13 -14.49
N LYS A 73 -7.88 6.66 -13.76
CA LYS A 73 -6.43 6.72 -14.11
C LYS A 73 -5.75 5.40 -13.73
N MET A 74 -4.67 5.05 -14.40
CA MET A 74 -3.91 3.82 -14.14
C MET A 74 -2.66 4.12 -13.28
N VAL A 75 -2.36 3.26 -12.31
CA VAL A 75 -1.19 3.33 -11.41
C VAL A 75 -0.35 2.05 -11.36
N GLU A 76 0.89 2.20 -10.91
CA GLU A 76 1.79 1.08 -10.60
C GLU A 76 2.29 1.14 -9.14
N CYS A 77 2.74 0.01 -8.62
CA CYS A 77 3.27 -0.13 -7.26
C CYS A 77 4.44 -1.14 -7.17
N LYS A 78 5.24 -1.00 -6.11
CA LYS A 78 6.47 -1.79 -5.84
C LYS A 78 6.65 -2.03 -4.34
N LYS A 79 7.48 -3.00 -3.95
CA LYS A 79 7.84 -3.25 -2.54
C LYS A 79 8.50 -2.04 -1.87
N ALA A 80 8.23 -1.88 -0.57
CA ALA A 80 8.82 -0.87 0.30
C ALA A 80 9.16 -1.49 1.67
N GLN A 81 10.20 -0.99 2.35
CA GLN A 81 10.63 -1.53 3.64
C GLN A 81 9.62 -1.23 4.78
N PRO A 82 9.42 -2.14 5.75
CA PRO A 82 8.44 -1.97 6.82
C PRO A 82 8.82 -0.84 7.80
N LYS A 83 7.85 0.01 8.16
CA LYS A 83 8.04 1.11 9.14
C LYS A 83 8.07 0.66 10.60
N GLU A 84 7.43 -0.48 10.86
CA GLU A 84 7.15 -1.06 12.19
C GLU A 84 7.03 -2.59 12.11
N VAL A 85 7.15 -3.27 13.25
CA VAL A 85 6.90 -4.72 13.41
C VAL A 85 6.28 -5.07 14.77
N MET A 86 5.36 -6.03 14.80
CA MET A 86 4.60 -6.45 15.99
C MET A 86 4.15 -7.91 15.88
N SER A 87 4.00 -8.59 17.03
CA SER A 87 3.40 -9.92 17.14
C SER A 87 2.75 -10.07 18.53
N PRO A 88 1.45 -10.39 18.62
CA PRO A 88 0.72 -10.43 19.90
C PRO A 88 1.11 -11.65 20.76
N THR A 89 1.08 -11.48 22.08
CA THR A 89 1.38 -12.54 23.07
C THR A 89 0.33 -13.65 23.22
N GLY A 90 -0.90 -13.39 22.77
CA GLY A 90 -2.03 -14.34 22.79
C GLY A 90 -3.34 -13.72 22.30
N SER A 91 -4.39 -14.55 22.20
CA SER A 91 -5.76 -14.14 21.84
C SER A 91 -6.82 -15.16 22.29
N ALA A 92 -6.58 -16.45 22.02
CA ALA A 92 -7.43 -17.55 22.49
C ALA A 92 -7.41 -17.70 24.03
N ARG A 93 -8.50 -18.25 24.58
CA ARG A 93 -8.69 -18.52 26.02
C ARG A 93 -9.61 -19.73 26.25
N GLY A 94 -9.56 -20.30 27.46
CA GLY A 94 -10.37 -21.46 27.85
C GLY A 94 -11.88 -21.16 27.90
N ARG A 95 -12.70 -22.15 27.52
CA ARG A 95 -14.18 -22.08 27.52
C ARG A 95 -14.71 -22.13 28.97
N SER A 96 -15.77 -21.35 29.24
CA SER A 96 -16.49 -21.28 30.53
C SER A 96 -17.06 -22.62 31.00
N GLY A 1 14.39 -13.92 5.83
CA GLY A 1 14.03 -13.09 4.66
C GLY A 1 13.74 -11.64 5.06
N SER A 2 13.92 -10.71 4.12
CA SER A 2 13.66 -9.27 4.33
C SER A 2 12.16 -8.94 4.50
N HIS A 3 11.83 -8.02 5.41
CA HIS A 3 10.44 -7.58 5.64
C HIS A 3 9.91 -6.69 4.51
N MET A 4 8.73 -7.04 3.99
CA MET A 4 8.03 -6.40 2.86
C MET A 4 6.55 -6.24 3.18
N LYS A 5 6.26 -5.52 4.27
CA LYS A 5 4.90 -5.30 4.82
C LYS A 5 4.24 -4.02 4.25
N LYS A 6 4.93 -3.32 3.34
CA LYS A 6 4.53 -2.03 2.75
C LYS A 6 4.72 -2.06 1.23
N ILE A 7 4.17 -1.06 0.56
CA ILE A 7 4.37 -0.81 -0.87
C ILE A 7 4.48 0.68 -1.21
N PHE A 8 5.26 0.99 -2.23
CA PHE A 8 5.29 2.27 -2.94
C PHE A 8 4.16 2.37 -3.96
N VAL A 9 3.62 3.56 -4.23
CA VAL A 9 2.58 3.83 -5.24
C VAL A 9 2.96 5.05 -6.08
N GLY A 10 2.79 4.98 -7.40
CA GLY A 10 3.16 6.08 -8.31
C GLY A 10 2.28 6.16 -9.57
N GLY A 11 2.11 7.39 -10.08
CA GLY A 11 1.23 7.73 -11.22
C GLY A 11 -0.15 8.26 -10.82
N LEU A 12 -0.37 8.55 -9.53
CA LEU A 12 -1.65 9.04 -9.00
C LEU A 12 -2.03 10.41 -9.58
N SER A 13 -3.32 10.61 -9.91
CA SER A 13 -3.88 11.91 -10.26
C SER A 13 -3.85 12.86 -9.07
N VAL A 14 -3.76 14.17 -9.32
CA VAL A 14 -3.96 15.20 -8.27
C VAL A 14 -5.42 15.31 -7.84
N ASN A 15 -6.33 14.72 -8.63
CA ASN A 15 -7.73 14.54 -8.26
C ASN A 15 -7.91 13.50 -7.15
N THR A 16 -7.03 12.48 -7.11
CA THR A 16 -6.99 11.42 -6.10
C THR A 16 -6.44 11.88 -4.75
N THR A 17 -7.03 11.39 -3.66
CA THR A 17 -6.56 11.61 -2.28
C THR A 17 -6.29 10.33 -1.49
N VAL A 18 -5.61 10.45 -0.35
CA VAL A 18 -5.16 9.31 0.48
C VAL A 18 -6.27 8.38 0.94
N GLU A 19 -7.48 8.91 1.15
CA GLU A 19 -8.68 8.13 1.48
C GLU A 19 -9.12 7.21 0.31
N ASP A 20 -9.00 7.68 -0.94
CA ASP A 20 -9.31 6.89 -2.14
C ASP A 20 -8.30 5.74 -2.28
N VAL A 21 -7.01 6.05 -2.05
CA VAL A 21 -5.90 5.08 -2.12
C VAL A 21 -6.07 3.99 -1.07
N LYS A 22 -6.33 4.34 0.20
CA LYS A 22 -6.54 3.37 1.28
C LYS A 22 -7.78 2.51 1.03
N HIS A 23 -8.90 3.12 0.63
CA HIS A 23 -10.15 2.41 0.29
C HIS A 23 -9.96 1.42 -0.87
N TYR A 24 -9.23 1.83 -1.92
CA TYR A 24 -8.93 0.95 -3.05
C TYR A 24 -8.04 -0.25 -2.71
N PHE A 25 -6.92 -0.01 -2.02
CA PHE A 25 -6.00 -1.07 -1.60
C PHE A 25 -6.54 -2.13 -0.62
N GLU A 26 -7.53 -1.76 0.20
CA GLU A 26 -8.24 -2.67 1.11
C GLU A 26 -9.01 -3.82 0.42
N GLN A 27 -9.27 -3.73 -0.89
CA GLN A 27 -9.89 -4.81 -1.66
C GLN A 27 -9.02 -6.08 -1.75
N PHE A 28 -7.69 -5.93 -1.75
CA PHE A 28 -6.74 -7.04 -1.76
C PHE A 28 -6.55 -7.76 -0.42
N GLY A 29 -6.61 -6.97 0.67
CA GLY A 29 -6.42 -7.39 2.06
C GLY A 29 -6.22 -6.17 2.96
N LYS A 30 -6.12 -6.38 4.28
CA LYS A 30 -6.13 -5.26 5.26
C LYS A 30 -4.95 -4.30 5.14
N VAL A 31 -5.28 -3.01 5.16
CA VAL A 31 -4.37 -1.85 5.10
C VAL A 31 -4.40 -1.12 6.44
N ASP A 32 -3.24 -0.99 7.07
CA ASP A 32 -3.07 -0.27 8.34
C ASP A 32 -3.06 1.25 8.16
N ASP A 33 -2.32 1.74 7.15
CA ASP A 33 -2.09 3.15 6.83
C ASP A 33 -1.76 3.44 5.36
N ALA A 34 -1.96 4.69 4.93
CA ALA A 34 -1.53 5.21 3.63
C ALA A 34 -1.08 6.68 3.74
N MET A 35 -0.18 7.12 2.87
CA MET A 35 0.37 8.49 2.85
C MET A 35 0.93 8.87 1.48
N LEU A 36 0.84 10.16 1.13
CA LEU A 36 1.20 10.71 -0.18
C LEU A 36 2.18 11.89 -0.05
N MET A 37 3.00 12.12 -1.07
CA MET A 37 4.03 13.16 -1.10
C MET A 37 3.45 14.57 -1.37
N PHE A 38 2.68 15.09 -0.41
CA PHE A 38 2.17 16.47 -0.38
C PHE A 38 3.22 17.59 -0.38
N ASP A 39 2.94 18.68 -1.11
CA ASP A 39 3.87 19.82 -1.28
C ASP A 39 3.19 21.19 -1.09
N LYS A 40 3.61 21.94 -0.05
CA LYS A 40 3.08 23.29 0.27
C LYS A 40 3.32 24.34 -0.83
N THR A 41 4.28 24.10 -1.72
CA THR A 41 4.54 24.91 -2.93
C THR A 41 3.45 24.86 -4.00
N THR A 42 2.63 23.80 -3.99
CA THR A 42 1.57 23.53 -4.98
C THR A 42 0.20 23.12 -4.42
N ASN A 43 0.11 22.86 -3.11
CA ASN A 43 -1.10 22.49 -2.37
C ASN A 43 -1.75 21.16 -2.81
N ARG A 44 -0.96 20.25 -3.38
CA ARG A 44 -1.34 18.86 -3.75
C ARG A 44 -0.13 17.93 -3.62
N HIS A 45 -0.32 16.63 -3.84
CA HIS A 45 0.78 15.65 -3.87
C HIS A 45 1.43 15.54 -5.26
N ARG A 46 2.68 15.08 -5.29
CA ARG A 46 3.51 14.93 -6.50
C ARG A 46 3.14 13.74 -7.41
N GLY A 47 2.06 13.02 -7.12
CA GLY A 47 1.60 11.84 -7.86
C GLY A 47 2.14 10.50 -7.35
N PHE A 48 2.73 10.49 -6.15
CA PHE A 48 3.30 9.29 -5.51
C PHE A 48 3.18 9.22 -3.97
N GLY A 49 3.32 8.02 -3.40
CA GLY A 49 3.25 7.78 -1.96
C GLY A 49 3.56 6.33 -1.53
N PHE A 50 3.12 5.97 -0.32
CA PHE A 50 3.29 4.66 0.30
C PHE A 50 2.03 4.12 1.01
N VAL A 51 1.87 2.80 1.09
CA VAL A 51 0.76 2.10 1.75
C VAL A 51 1.27 0.94 2.62
N THR A 52 0.80 0.86 3.86
CA THR A 52 1.15 -0.17 4.85
C THR A 52 0.10 -1.27 4.96
N PHE A 53 0.53 -2.52 4.82
CA PHE A 53 -0.30 -3.72 4.91
C PHE A 53 -0.18 -4.55 6.19
N GLU A 54 -1.23 -5.31 6.55
CA GLU A 54 -1.19 -6.22 7.72
C GLU A 54 -0.38 -7.51 7.49
N SER A 55 -0.10 -7.88 6.23
CA SER A 55 0.69 -9.08 5.88
C SER A 55 1.40 -8.96 4.53
N GLU A 56 2.63 -9.45 4.45
CA GLU A 56 3.42 -9.54 3.22
C GLU A 56 2.78 -10.45 2.16
N ASP A 57 1.98 -11.45 2.57
CA ASP A 57 1.24 -12.32 1.65
C ASP A 57 0.21 -11.60 0.75
N ILE A 58 -0.33 -10.47 1.22
CA ILE A 58 -1.15 -9.56 0.42
C ILE A 58 -0.25 -8.71 -0.49
N VAL A 59 0.79 -8.11 0.07
CA VAL A 59 1.72 -7.19 -0.62
C VAL A 59 2.33 -7.87 -1.85
N GLU A 60 2.70 -9.15 -1.77
CA GLU A 60 3.29 -9.89 -2.90
C GLU A 60 2.39 -9.90 -4.15
N LYS A 61 1.08 -10.13 -4.01
CA LYS A 61 0.13 -10.02 -5.14
C LYS A 61 -0.07 -8.58 -5.59
N VAL A 62 -0.23 -7.63 -4.66
CA VAL A 62 -0.39 -6.20 -5.01
C VAL A 62 0.82 -5.69 -5.82
N CYS A 63 2.03 -6.13 -5.50
CA CYS A 63 3.27 -5.85 -6.25
C CYS A 63 3.36 -6.62 -7.58
N GLU A 64 2.97 -7.91 -7.61
CA GLU A 64 2.98 -8.74 -8.82
C GLU A 64 2.04 -8.21 -9.91
N ILE A 65 0.87 -7.69 -9.52
CA ILE A 65 -0.03 -6.95 -10.42
C ILE A 65 0.62 -5.57 -10.68
N HIS A 66 1.16 -5.33 -11.87
CA HIS A 66 1.89 -4.08 -12.17
C HIS A 66 0.97 -2.86 -12.13
N PHE A 67 -0.12 -2.87 -12.92
CA PHE A 67 -1.08 -1.77 -13.01
C PHE A 67 -2.42 -1.94 -12.28
N HIS A 68 -2.86 -0.87 -11.61
CA HIS A 68 -4.08 -0.73 -10.82
C HIS A 68 -4.82 0.56 -11.22
N GLU A 69 -6.12 0.68 -10.94
CA GLU A 69 -6.93 1.83 -11.40
C GLU A 69 -7.68 2.55 -10.27
N ILE A 70 -7.48 3.86 -10.16
CA ILE A 70 -8.03 4.73 -9.09
C ILE A 70 -8.53 6.04 -9.70
N ASN A 71 -9.80 6.40 -9.44
CA ASN A 71 -10.47 7.56 -10.06
C ASN A 71 -10.33 7.58 -11.61
N ASN A 72 -10.45 6.40 -12.22
CA ASN A 72 -10.21 6.08 -13.64
C ASN A 72 -8.75 6.29 -14.16
N LYS A 73 -7.83 6.90 -13.38
CA LYS A 73 -6.38 6.99 -13.68
C LYS A 73 -5.70 5.67 -13.31
N MET A 74 -4.74 5.21 -14.11
CA MET A 74 -3.94 4.04 -13.74
C MET A 74 -2.63 4.41 -13.01
N VAL A 75 -2.22 3.52 -12.11
CA VAL A 75 -1.06 3.62 -11.21
C VAL A 75 -0.31 2.30 -11.12
N GLU A 76 0.99 2.37 -10.82
CA GLU A 76 1.82 1.20 -10.48
C GLU A 76 2.21 1.21 -9.01
N CYS A 77 2.40 0.02 -8.43
CA CYS A 77 2.82 -0.15 -7.04
C CYS A 77 3.77 -1.35 -6.85
N LYS A 78 4.76 -1.19 -5.96
CA LYS A 78 5.92 -2.10 -5.80
C LYS A 78 6.34 -2.23 -4.33
N LYS A 79 7.00 -3.32 -3.96
CA LYS A 79 7.41 -3.64 -2.57
C LYS A 79 8.23 -2.54 -1.88
N ALA A 80 7.97 -2.32 -0.59
CA ALA A 80 8.63 -1.33 0.26
C ALA A 80 8.93 -1.91 1.67
N GLN A 81 10.03 -1.47 2.29
CA GLN A 81 10.52 -1.98 3.58
C GLN A 81 10.01 -1.19 4.80
N PRO A 82 9.52 -1.85 5.87
CA PRO A 82 9.22 -1.21 7.16
C PRO A 82 10.46 -0.75 7.94
N LYS A 83 10.23 0.09 8.96
CA LYS A 83 11.24 0.50 9.96
C LYS A 83 11.37 -0.44 11.17
N GLU A 84 10.44 -1.40 11.30
CA GLU A 84 10.34 -2.35 12.43
C GLU A 84 9.60 -3.64 12.04
N VAL A 85 9.74 -4.69 12.86
CA VAL A 85 9.06 -5.99 12.68
C VAL A 85 7.54 -5.90 12.85
N MET A 86 6.79 -6.61 12.01
CA MET A 86 5.32 -6.72 12.05
C MET A 86 4.90 -8.18 11.81
N SER A 87 4.04 -8.75 12.67
CA SER A 87 3.50 -10.10 12.52
C SER A 87 2.27 -10.32 13.41
N PRO A 88 1.12 -10.76 12.89
CA PRO A 88 -0.08 -11.01 13.69
C PRO A 88 0.04 -12.31 14.51
N THR A 89 -0.56 -12.33 15.71
CA THR A 89 -0.53 -13.46 16.64
C THR A 89 -1.74 -13.58 17.59
N GLY A 90 -1.89 -14.72 18.25
CA GLY A 90 -2.98 -15.01 19.19
C GLY A 90 -4.34 -15.32 18.54
N SER A 91 -5.39 -15.39 19.37
CA SER A 91 -6.77 -15.68 18.98
C SER A 91 -7.77 -15.09 20.00
N ALA A 92 -9.07 -15.17 19.70
CA ALA A 92 -10.17 -14.67 20.53
C ALA A 92 -10.35 -15.42 21.88
N ARG A 93 -11.17 -14.88 22.78
CA ARG A 93 -11.43 -15.41 24.14
C ARG A 93 -12.94 -15.37 24.48
N GLY A 94 -13.35 -16.15 25.48
CA GLY A 94 -14.73 -16.26 25.96
C GLY A 94 -15.58 -17.30 25.21
N ARG A 95 -16.75 -17.62 25.79
CA ARG A 95 -17.71 -18.62 25.26
C ARG A 95 -18.37 -18.10 23.97
N SER A 96 -18.37 -18.92 22.91
CA SER A 96 -18.98 -18.61 21.60
C SER A 96 -20.49 -18.37 21.68
#